data_2HGH
#
_entry.id   2HGH
#
_cell.length_a   1.000
_cell.length_b   1.000
_cell.length_c   1.000
_cell.angle_alpha   90.00
_cell.angle_beta   90.00
_cell.angle_gamma   90.00
#
_symmetry.space_group_name_H-M   'P 1'
#
loop_
_entity.id
_entity.type
_entity.pdbx_description
1 polymer 55-MER
2 polymer 'Transcription factor IIIA'
3 non-polymer 'ZINC ION'
#
loop_
_entity_poly.entity_id
_entity_poly.type
_entity_poly.pdbx_seq_one_letter_code
_entity_poly.pdbx_strand_id
1 'polyribonucleotide' GGGCCAUACCUCUUGGGCCUGGUUAGUACCUCUUCGGUGGGAAUACCAGGUGCCC B
2 'polypeptide(L)'
;MYVCHFENCGKAFKKHNQLKVHQFSHTQQLPYECPHEGCDKRFSLPSRLKRHEKVHAGYPCKKDDSCSFVGKTWTLYLKH
VAECHQD
;
A
#
# COMPACT_ATOMS: atom_id res chain seq x y z
N MET B 1 -18.39 -10.61 14.33
CA MET B 1 -18.89 -9.71 13.30
C MET B 1 -18.85 -8.25 13.79
N TYR B 2 -18.26 -7.36 12.97
CA TYR B 2 -18.07 -5.95 13.34
C TYR B 2 -19.00 -5.05 12.51
N VAL B 3 -19.82 -4.24 13.19
CA VAL B 3 -20.93 -3.51 12.54
C VAL B 3 -20.67 -2.00 12.54
N CYS B 4 -21.00 -1.36 11.40
CA CYS B 4 -20.99 0.10 11.29
C CYS B 4 -22.25 0.68 11.96
N HIS B 5 -22.04 1.64 12.87
CA HIS B 5 -23.12 2.26 13.63
C HIS B 5 -23.34 3.72 13.17
N PHE B 6 -22.93 4.02 11.93
CA PHE B 6 -23.28 5.31 11.30
C PHE B 6 -24.81 5.45 11.15
N GLU B 7 -25.29 6.68 11.13
CA GLU B 7 -26.74 6.95 11.17
C GLU B 7 -27.48 6.21 10.03
N ASN B 8 -28.34 5.24 10.42
CA ASN B 8 -29.22 4.51 9.46
C ASN B 8 -28.39 3.56 8.53
N CYS B 9 -27.12 3.30 8.90
CA CYS B 9 -26.24 2.43 8.11
C CYS B 9 -26.47 0.92 8.45
N GLY B 10 -25.88 0.48 9.57
CA GLY B 10 -26.12 -0.89 10.09
C GLY B 10 -25.40 -2.00 9.26
N LYS B 11 -24.44 -1.62 8.42
CA LYS B 11 -23.68 -2.60 7.59
C LYS B 11 -22.73 -3.43 8.48
N ALA B 12 -22.57 -4.72 8.16
CA ALA B 12 -21.80 -5.65 9.02
C ALA B 12 -20.66 -6.32 8.21
N PHE B 13 -19.48 -6.42 8.85
CA PHE B 13 -18.26 -6.92 8.20
C PHE B 13 -17.65 -8.08 9.00
N LYS B 14 -16.89 -8.93 8.29
CA LYS B 14 -16.24 -10.08 8.91
C LYS B 14 -15.13 -9.63 9.89
N LYS B 15 -14.39 -8.56 9.52
CA LYS B 15 -13.21 -8.12 10.30
C LYS B 15 -13.22 -6.59 10.47
N HIS B 16 -12.67 -6.11 11.60
CA HIS B 16 -12.79 -4.67 11.99
C HIS B 16 -12.06 -3.74 11.02
N ASN B 17 -10.99 -4.24 10.39
CA ASN B 17 -10.25 -3.44 9.38
C ASN B 17 -11.15 -3.14 8.15
N GLN B 18 -12.08 -4.08 7.84
CA GLN B 18 -13.09 -3.84 6.79
C GLN B 18 -14.16 -2.83 7.26
N LEU B 19 -14.53 -2.89 8.55
CA LEU B 19 -15.45 -1.92 9.13
C LEU B 19 -14.85 -0.51 9.09
N LYS B 20 -13.58 -0.38 9.49
CA LYS B 20 -12.86 0.90 9.41
C LYS B 20 -12.77 1.38 7.95
N VAL B 21 -12.54 0.43 7.03
CA VAL B 21 -12.51 0.75 5.57
C VAL B 21 -13.86 1.35 5.12
N HIS B 22 -14.96 0.79 5.63
CA HIS B 22 -16.28 1.24 5.25
C HIS B 22 -16.58 2.65 5.82
N GLN B 23 -16.25 2.87 7.10
CA GLN B 23 -16.54 4.15 7.77
C GLN B 23 -15.72 5.30 7.15
N PHE B 24 -14.52 4.99 6.66
CA PHE B 24 -13.68 5.99 5.97
C PHE B 24 -14.46 6.62 4.78
N SER B 25 -15.39 5.86 4.18
CA SER B 25 -16.25 6.38 3.10
C SER B 25 -17.22 7.46 3.63
N HIS B 26 -17.88 7.19 4.77
CA HIS B 26 -18.81 8.17 5.38
C HIS B 26 -18.06 9.44 5.84
N THR B 27 -16.84 9.25 6.35
CA THR B 27 -16.01 10.37 6.84
C THR B 27 -15.28 11.07 5.67
N GLN B 28 -15.18 10.37 4.53
CA GLN B 28 -14.45 10.85 3.35
C GLN B 28 -12.97 11.20 3.68
N GLN B 29 -12.38 10.49 4.66
CA GLN B 29 -10.92 10.55 4.91
C GLN B 29 -10.32 9.14 4.97
N LEU B 30 -9.02 9.03 4.71
CA LEU B 30 -8.37 7.72 4.52
C LEU B 30 -7.70 7.24 5.83
N PRO B 31 -7.95 5.96 6.24
CA PRO B 31 -7.54 5.45 7.55
C PRO B 31 -6.06 5.06 7.62
N TYR B 32 -5.54 4.49 6.53
CA TYR B 32 -4.21 3.87 6.53
C TYR B 32 -3.17 4.86 5.98
N GLU B 33 -2.47 5.54 6.89
CA GLU B 33 -1.47 6.55 6.50
C GLU B 33 -0.03 5.97 6.57
N CYS B 34 0.81 6.37 5.61
CA CYS B 34 2.23 6.00 5.62
C CYS B 34 3.01 6.83 6.69
N PRO B 35 3.66 6.14 7.66
CA PRO B 35 4.31 6.81 8.79
C PRO B 35 5.79 7.16 8.52
N HIS B 36 6.27 6.91 7.29
CA HIS B 36 7.68 7.13 6.93
C HIS B 36 8.06 8.62 7.02
N GLU B 37 9.31 8.90 7.40
CA GLU B 37 9.81 10.27 7.55
C GLU B 37 9.85 10.98 6.17
N GLY B 38 9.08 12.06 6.04
CA GLY B 38 9.05 12.84 4.78
C GLY B 38 7.92 12.41 3.83
N CYS B 39 7.12 11.41 4.26
CA CYS B 39 5.97 10.92 3.48
C CYS B 39 4.63 11.33 4.15
N ASP B 40 3.57 11.41 3.34
CA ASP B 40 2.24 11.84 3.82
C ASP B 40 1.10 11.12 3.04
N LYS B 41 1.46 10.08 2.28
CA LYS B 41 0.48 9.30 1.50
C LYS B 41 -0.50 8.57 2.43
N ARG B 42 -1.77 8.45 2.00
CA ARG B 42 -2.79 7.69 2.74
C ARG B 42 -3.55 6.76 1.81
N PHE B 43 -4.05 5.66 2.35
CA PHE B 43 -4.60 4.56 1.55
C PHE B 43 -5.92 4.10 2.11
N SER B 44 -6.70 3.42 1.28
CA SER B 44 -8.03 2.96 1.64
C SER B 44 -7.98 1.65 2.39
N LEU B 45 -6.96 0.82 2.12
CA LEU B 45 -6.84 -0.52 2.72
C LEU B 45 -5.44 -0.73 3.32
N PRO B 46 -5.32 -1.63 4.33
CA PRO B 46 -4.03 -1.92 4.98
C PRO B 46 -3.04 -2.60 4.02
N SER B 47 -3.56 -3.46 3.14
CA SER B 47 -2.72 -4.13 2.13
C SER B 47 -2.18 -3.12 1.11
N ARG B 48 -2.95 -2.05 0.85
CA ARG B 48 -2.52 -0.98 -0.09
C ARG B 48 -1.40 -0.13 0.53
N LEU B 49 -1.53 0.16 1.84
CA LEU B 49 -0.46 0.83 2.59
C LEU B 49 0.79 -0.08 2.68
N LYS B 50 0.57 -1.36 3.00
CA LYS B 50 1.65 -2.36 3.05
C LYS B 50 2.42 -2.41 1.71
N ARG B 51 1.67 -2.35 0.59
CA ARG B 51 2.26 -2.31 -0.76
C ARG B 51 3.04 -1.00 -0.97
N HIS B 52 2.46 0.11 -0.51
CA HIS B 52 3.12 1.42 -0.59
C HIS B 52 4.46 1.41 0.21
N GLU B 53 4.47 0.71 1.35
CA GLU B 53 5.68 0.62 2.18
C GLU B 53 6.86 0.02 1.37
N LYS B 54 6.55 -0.88 0.42
CA LYS B 54 7.56 -1.48 -0.46
C LYS B 54 8.29 -0.39 -1.28
N VAL B 55 7.64 0.76 -1.51
CA VAL B 55 8.28 1.90 -2.22
C VAL B 55 9.49 2.41 -1.43
N HIS B 56 9.34 2.47 -0.10
CA HIS B 56 10.44 2.90 0.79
C HIS B 56 11.47 1.77 0.98
N ALA B 57 11.03 0.52 0.91
CA ALA B 57 11.93 -0.65 1.00
C ALA B 57 12.75 -0.81 -0.31
N GLY B 58 12.18 -0.37 -1.44
CA GLY B 58 12.86 -0.44 -2.73
C GLY B 58 12.62 -1.78 -3.46
N TYR B 59 13.11 -1.85 -4.71
CA TYR B 59 12.96 -3.04 -5.54
C TYR B 59 14.33 -3.53 -6.01
N PRO B 60 14.91 -4.50 -5.30
CA PRO B 60 16.24 -4.98 -5.58
C PRO B 60 16.26 -5.97 -6.75
N CYS B 61 17.28 -5.86 -7.60
CA CYS B 61 17.43 -6.73 -8.75
C CYS B 61 17.77 -8.16 -8.33
N LYS B 62 17.23 -9.14 -9.05
CA LYS B 62 17.55 -10.56 -8.86
C LYS B 62 17.60 -11.29 -10.22
N LYS B 63 17.60 -10.50 -11.32
CA LYS B 63 17.70 -11.06 -12.68
C LYS B 63 19.08 -11.71 -12.91
N ASP B 64 20.08 -11.28 -12.13
CA ASP B 64 21.43 -11.85 -12.21
C ASP B 64 22.13 -11.80 -10.84
N ASP B 65 22.92 -12.83 -10.52
CA ASP B 65 23.57 -12.95 -9.21
C ASP B 65 24.59 -11.81 -8.97
N SER B 66 25.18 -11.29 -10.06
CA SER B 66 26.21 -10.24 -9.97
C SER B 66 25.60 -8.83 -10.17
N CYS B 67 24.27 -8.72 -10.03
CA CYS B 67 23.59 -7.41 -10.01
C CYS B 67 23.41 -6.91 -8.55
N SER B 68 23.22 -5.60 -8.39
CA SER B 68 23.13 -4.98 -7.04
C SER B 68 22.22 -3.73 -7.04
N PHE B 69 21.59 -3.43 -8.19
CA PHE B 69 20.70 -2.27 -8.30
C PHE B 69 19.46 -2.43 -7.40
N VAL B 70 19.06 -1.32 -6.76
CA VAL B 70 17.76 -1.26 -6.04
C VAL B 70 16.96 -0.04 -6.49
N GLY B 71 15.77 -0.30 -7.02
CA GLY B 71 14.92 0.79 -7.55
C GLY B 71 14.08 1.44 -6.46
N LYS B 72 14.04 2.78 -6.46
CA LYS B 72 13.25 3.54 -5.46
C LYS B 72 11.73 3.31 -5.68
N THR B 73 11.36 2.76 -6.84
CA THR B 73 9.95 2.45 -7.16
C THR B 73 9.87 1.27 -8.12
N TRP B 74 8.69 0.64 -8.18
CA TRP B 74 8.49 -0.56 -9.00
C TRP B 74 8.81 -0.30 -10.48
N THR B 75 8.43 0.89 -10.98
CA THR B 75 8.73 1.29 -12.37
C THR B 75 10.23 1.25 -12.64
N LEU B 76 11.02 1.83 -11.72
CA LEU B 76 12.48 1.96 -11.92
C LEU B 76 13.14 0.59 -12.01
N TYR B 77 12.62 -0.40 -11.28
CA TYR B 77 13.12 -1.77 -11.39
C TYR B 77 12.74 -2.38 -12.73
N LEU B 78 11.47 -2.25 -13.12
CA LEU B 78 10.98 -2.80 -14.39
C LEU B 78 11.75 -2.17 -15.59
N LYS B 79 11.97 -0.84 -15.52
CA LYS B 79 12.76 -0.12 -16.56
C LYS B 79 14.24 -0.57 -16.54
N HIS B 80 14.79 -0.79 -15.34
CA HIS B 80 16.18 -1.27 -15.20
C HIS B 80 16.34 -2.65 -15.84
N VAL B 81 15.34 -3.53 -15.64
CA VAL B 81 15.38 -4.90 -16.20
C VAL B 81 15.42 -4.87 -17.72
N ALA B 82 14.59 -4.02 -18.32
CA ALA B 82 14.47 -3.97 -19.77
C ALA B 82 15.81 -3.52 -20.42
N GLU B 83 16.56 -2.67 -19.71
CA GLU B 83 17.83 -2.10 -20.23
C GLU B 83 19.05 -3.01 -19.89
N CYS B 84 19.04 -3.58 -18.67
CA CYS B 84 20.24 -4.27 -18.13
C CYS B 84 20.14 -5.81 -18.28
N HIS B 85 18.92 -6.32 -18.49
CA HIS B 85 18.69 -7.77 -18.64
C HIS B 85 17.76 -8.07 -19.84
N GLN B 86 17.94 -7.30 -20.92
CA GLN B 86 17.15 -7.48 -22.16
C GLN B 86 17.31 -8.92 -22.72
N ASP B 87 18.49 -9.51 -22.54
CA ASP B 87 18.79 -10.88 -23.01
C ASP B 87 19.80 -11.57 -22.07
N MET B 1 -18.87 -9.61 15.58
CA MET B 1 -19.43 -8.60 14.68
C MET B 1 -19.18 -7.19 15.24
N TYR B 2 -18.57 -6.33 14.42
CA TYR B 2 -18.21 -4.95 14.83
C TYR B 2 -19.10 -3.95 14.08
N VAL B 3 -19.81 -3.10 14.85
CA VAL B 3 -20.88 -2.22 14.31
C VAL B 3 -20.48 -0.75 14.33
N CYS B 4 -20.83 -0.03 13.24
CA CYS B 4 -20.70 1.42 13.18
C CYS B 4 -21.86 2.09 13.92
N HIS B 5 -21.53 3.04 14.79
CA HIS B 5 -22.53 3.73 15.62
C HIS B 5 -22.64 5.22 15.21
N PHE B 6 -22.27 5.53 13.95
CA PHE B 6 -22.54 6.85 13.38
C PHE B 6 -24.05 7.12 13.34
N GLU B 7 -24.43 8.40 13.33
CA GLU B 7 -25.85 8.79 13.46
C GLU B 7 -26.71 8.13 12.36
N ASN B 8 -27.63 7.25 12.79
CA ASN B 8 -28.63 6.61 11.88
C ASN B 8 -27.94 5.58 10.91
N CYS B 9 -26.68 5.20 11.22
CA CYS B 9 -25.92 4.28 10.36
C CYS B 9 -26.27 2.79 10.70
N GLY B 10 -25.70 2.27 11.80
CA GLY B 10 -26.03 0.92 12.29
C GLY B 10 -25.45 -0.22 11.39
N LYS B 11 -24.53 0.12 10.48
CA LYS B 11 -23.90 -0.89 9.59
C LYS B 11 -22.98 -1.83 10.40
N ALA B 12 -22.95 -3.11 10.02
CA ALA B 12 -22.22 -4.14 10.79
C ALA B 12 -21.18 -4.86 9.90
N PHE B 13 -19.98 -5.10 10.46
CA PHE B 13 -18.86 -5.66 9.70
C PHE B 13 -18.29 -6.90 10.39
N LYS B 14 -17.64 -7.75 9.60
CA LYS B 14 -16.98 -8.95 10.11
C LYS B 14 -15.82 -8.60 11.04
N LYS B 15 -15.03 -7.57 10.65
CA LYS B 15 -13.79 -7.22 11.37
C LYS B 15 -13.72 -5.70 11.63
N HIS B 16 -13.13 -5.31 12.77
CA HIS B 16 -13.08 -3.90 13.19
C HIS B 16 -12.27 -3.04 12.20
N ASN B 17 -11.30 -3.65 11.52
CA ASN B 17 -10.52 -2.95 10.50
C ASN B 17 -11.42 -2.51 9.31
N GLN B 18 -12.46 -3.32 9.00
CA GLN B 18 -13.48 -2.92 8.01
C GLN B 18 -14.41 -1.83 8.58
N LEU B 19 -14.72 -1.93 9.88
CA LEU B 19 -15.53 -0.91 10.55
C LEU B 19 -14.81 0.47 10.51
N LYS B 20 -13.51 0.47 10.84
CA LYS B 20 -12.68 1.67 10.73
C LYS B 20 -12.65 2.19 9.27
N VAL B 21 -12.55 1.26 8.32
CA VAL B 21 -12.59 1.61 6.87
C VAL B 21 -13.91 2.29 6.51
N HIS B 22 -15.02 1.79 7.06
CA HIS B 22 -16.33 2.32 6.76
C HIS B 22 -16.50 3.75 7.33
N GLN B 23 -16.06 3.96 8.57
CA GLN B 23 -16.18 5.27 9.25
C GLN B 23 -15.35 6.34 8.52
N PHE B 24 -14.23 5.94 7.92
CA PHE B 24 -13.41 6.85 7.11
C PHE B 24 -14.25 7.52 6.00
N SER B 25 -15.31 6.82 5.53
CA SER B 25 -16.23 7.39 4.53
C SER B 25 -17.07 8.54 5.14
N HIS B 26 -17.64 8.33 6.35
CA HIS B 26 -18.43 9.38 7.03
C HIS B 26 -17.56 10.60 7.38
N THR B 27 -16.30 10.33 7.75
CA THR B 27 -15.35 11.39 8.12
C THR B 27 -14.71 12.04 6.86
N GLN B 28 -14.81 11.32 5.73
CA GLN B 28 -14.19 11.72 4.46
C GLN B 28 -12.65 11.98 4.62
N GLN B 29 -12.01 11.22 5.53
CA GLN B 29 -10.52 11.21 5.62
C GLN B 29 -10.01 9.76 5.65
N LEU B 30 -8.76 9.56 5.24
CA LEU B 30 -8.22 8.22 5.02
C LEU B 30 -7.46 7.70 6.27
N PRO B 31 -7.75 6.45 6.69
CA PRO B 31 -7.24 5.91 7.97
C PRO B 31 -5.77 5.46 7.90
N TYR B 32 -5.38 4.88 6.76
CA TYR B 32 -4.08 4.22 6.63
C TYR B 32 -3.09 5.14 5.94
N GLU B 33 -2.34 5.91 6.73
CA GLU B 33 -1.37 6.87 6.18
C GLU B 33 0.05 6.29 6.21
N CYS B 34 0.84 6.61 5.17
CA CYS B 34 2.22 6.15 5.07
C CYS B 34 3.13 6.95 6.05
N PRO B 35 3.81 6.24 7.00
CA PRO B 35 4.55 6.87 8.08
C PRO B 35 6.04 7.11 7.75
N HIS B 36 6.44 6.84 6.49
CA HIS B 36 7.85 6.96 6.08
C HIS B 36 8.26 8.43 5.95
N GLU B 37 9.55 8.70 6.18
CA GLU B 37 10.08 10.07 6.12
C GLU B 37 9.98 10.64 4.69
N GLY B 38 9.49 11.89 4.57
CA GLY B 38 9.39 12.56 3.27
C GLY B 38 8.12 12.13 2.47
N CYS B 39 7.28 11.28 3.08
CA CYS B 39 6.06 10.78 2.46
C CYS B 39 4.81 11.18 3.27
N ASP B 40 3.66 11.32 2.59
CA ASP B 40 2.40 11.74 3.24
C ASP B 40 1.17 11.11 2.52
N LYS B 41 1.40 10.08 1.70
CA LYS B 41 0.29 9.37 1.02
C LYS B 41 -0.62 8.67 2.04
N ARG B 42 -1.91 8.54 1.70
CA ARG B 42 -2.89 7.83 2.57
C ARG B 42 -3.77 6.91 1.73
N PHE B 43 -4.24 5.84 2.35
CA PHE B 43 -4.90 4.75 1.64
C PHE B 43 -6.17 4.33 2.35
N SER B 44 -7.06 3.67 1.61
CA SER B 44 -8.38 3.31 2.12
C SER B 44 -8.37 1.95 2.82
N LEU B 45 -7.29 1.16 2.61
CA LEU B 45 -7.15 -0.14 3.27
C LEU B 45 -5.68 -0.40 3.67
N PRO B 46 -5.46 -1.25 4.70
CA PRO B 46 -4.12 -1.56 5.19
C PRO B 46 -3.29 -2.34 4.16
N SER B 47 -3.96 -3.16 3.35
CA SER B 47 -3.30 -3.90 2.25
C SER B 47 -2.73 -2.93 1.20
N ARG B 48 -3.47 -1.85 0.93
CA ARG B 48 -3.05 -0.83 -0.06
C ARG B 48 -1.87 0.00 0.48
N LEU B 49 -1.91 0.31 1.77
CA LEU B 49 -0.79 0.97 2.45
C LEU B 49 0.46 0.05 2.44
N LYS B 50 0.26 -1.22 2.79
CA LYS B 50 1.37 -2.21 2.82
C LYS B 50 2.01 -2.36 1.43
N ARG B 51 1.17 -2.33 0.38
CA ARG B 51 1.68 -2.38 -1.02
C ARG B 51 2.41 -1.07 -1.38
N HIS B 52 1.95 0.06 -0.83
CA HIS B 52 2.64 1.35 -1.01
C HIS B 52 4.01 1.36 -0.27
N GLU B 53 4.06 0.75 0.92
CA GLU B 53 5.31 0.68 1.70
C GLU B 53 6.42 -0.02 0.91
N LYS B 54 6.03 -0.97 0.04
CA LYS B 54 6.98 -1.69 -0.83
C LYS B 54 7.76 -0.71 -1.75
N VAL B 55 7.16 0.46 -2.04
CA VAL B 55 7.84 1.51 -2.83
C VAL B 55 9.09 2.01 -2.09
N HIS B 56 8.97 2.20 -0.77
CA HIS B 56 10.10 2.67 0.06
C HIS B 56 11.12 1.53 0.30
N ALA B 57 10.63 0.28 0.31
CA ALA B 57 11.51 -0.88 0.48
C ALA B 57 12.37 -1.11 -0.80
N GLY B 58 11.84 -0.67 -1.95
CA GLY B 58 12.58 -0.74 -3.22
C GLY B 58 12.29 -2.04 -3.99
N TYR B 59 12.77 -2.10 -5.23
CA TYR B 59 12.55 -3.26 -6.10
C TYR B 59 13.91 -3.80 -6.59
N PRO B 60 14.46 -4.82 -5.88
CA PRO B 60 15.81 -5.30 -6.14
C PRO B 60 15.87 -6.25 -7.34
N CYS B 61 16.98 -6.18 -8.07
CA CYS B 61 17.20 -7.04 -9.23
C CYS B 61 17.49 -8.48 -8.80
N LYS B 62 16.90 -9.43 -9.52
CA LYS B 62 17.16 -10.87 -9.31
C LYS B 62 17.31 -11.58 -10.66
N LYS B 63 17.44 -10.81 -11.74
CA LYS B 63 17.64 -11.37 -13.10
C LYS B 63 19.01 -12.06 -13.22
N ASP B 64 19.96 -11.67 -12.36
CA ASP B 64 21.29 -12.30 -12.32
C ASP B 64 21.90 -12.21 -10.91
N ASP B 65 22.66 -13.23 -10.51
CA ASP B 65 23.25 -13.30 -9.17
C ASP B 65 24.32 -12.19 -8.97
N SER B 66 24.94 -11.75 -10.07
CA SER B 66 26.00 -10.72 -10.02
C SER B 66 25.43 -9.30 -10.24
N CYS B 67 24.10 -9.16 -10.09
CA CYS B 67 23.44 -7.87 -10.18
C CYS B 67 22.84 -7.47 -8.80
N SER B 68 23.02 -6.20 -8.41
CA SER B 68 22.64 -5.73 -7.06
C SER B 68 21.86 -4.39 -7.13
N PHE B 69 21.37 -4.04 -8.32
CA PHE B 69 20.57 -2.83 -8.51
C PHE B 69 19.27 -2.89 -7.68
N VAL B 70 18.90 -1.76 -7.07
CA VAL B 70 17.58 -1.63 -6.41
C VAL B 70 16.86 -0.37 -6.91
N GLY B 71 15.66 -0.56 -7.45
CA GLY B 71 14.87 0.57 -7.98
C GLY B 71 14.03 1.23 -6.90
N LYS B 72 13.96 2.57 -6.92
CA LYS B 72 13.12 3.33 -5.96
C LYS B 72 11.61 3.11 -6.25
N THR B 73 11.30 2.64 -7.45
CA THR B 73 9.90 2.29 -7.82
C THR B 73 9.88 1.14 -8.82
N TRP B 74 8.72 0.49 -8.94
CA TRP B 74 8.58 -0.71 -9.76
C TRP B 74 8.97 -0.43 -11.23
N THR B 75 8.59 0.74 -11.74
CA THR B 75 8.95 1.15 -13.12
C THR B 75 10.46 1.15 -13.32
N LEU B 76 11.20 1.71 -12.36
CA LEU B 76 12.66 1.84 -12.47
C LEU B 76 13.34 0.46 -12.55
N TYR B 77 12.79 -0.52 -11.83
CA TYR B 77 13.30 -1.90 -11.89
C TYR B 77 13.00 -2.52 -13.25
N LEU B 78 11.74 -2.39 -13.70
CA LEU B 78 11.33 -2.95 -15.00
C LEU B 78 12.14 -2.30 -16.16
N LYS B 79 12.35 -0.99 -16.07
CA LYS B 79 13.18 -0.25 -17.05
C LYS B 79 14.64 -0.72 -17.01
N HIS B 80 15.16 -0.94 -15.80
CA HIS B 80 16.53 -1.46 -15.61
C HIS B 80 16.67 -2.85 -16.24
N VAL B 81 15.66 -3.71 -16.03
CA VAL B 81 15.66 -5.08 -16.59
C VAL B 81 15.69 -5.05 -18.11
N ALA B 82 14.87 -4.18 -18.71
CA ALA B 82 14.76 -4.11 -20.15
C ALA B 82 16.11 -3.67 -20.78
N GLU B 83 16.86 -2.83 -20.07
CA GLU B 83 18.12 -2.26 -20.58
C GLU B 83 19.34 -3.15 -20.27
N CYS B 84 19.31 -3.85 -19.11
CA CYS B 84 20.50 -4.55 -18.59
C CYS B 84 20.40 -6.10 -18.73
N HIS B 85 19.18 -6.63 -18.91
CA HIS B 85 18.97 -8.10 -18.99
C HIS B 85 18.12 -8.50 -20.22
N GLN B 86 17.80 -7.52 -21.08
CA GLN B 86 17.06 -7.78 -22.33
C GLN B 86 17.63 -6.94 -23.52
N ASP B 87 18.79 -6.31 -23.31
CA ASP B 87 19.46 -5.52 -24.35
C ASP B 87 20.98 -5.43 -24.09
N MET B 1 -18.57 -9.91 15.07
CA MET B 1 -19.14 -8.97 14.10
C MET B 1 -19.03 -7.52 14.63
N TYR B 2 -18.42 -6.65 13.82
CA TYR B 2 -18.17 -5.26 14.22
C TYR B 2 -19.06 -4.30 13.42
N VAL B 3 -19.85 -3.49 14.15
CA VAL B 3 -20.94 -2.69 13.54
C VAL B 3 -20.61 -1.19 13.52
N CYS B 4 -20.94 -0.53 12.41
CA CYS B 4 -20.88 0.92 12.31
C CYS B 4 -22.09 1.57 12.99
N HIS B 5 -21.81 2.54 13.86
CA HIS B 5 -22.86 3.22 14.63
C HIS B 5 -23.02 4.68 14.18
N PHE B 6 -22.64 4.97 12.93
CA PHE B 6 -22.93 6.26 12.30
C PHE B 6 -24.45 6.48 12.22
N GLU B 7 -24.87 7.75 12.19
CA GLU B 7 -26.31 8.09 12.28
C GLU B 7 -27.13 7.37 11.17
N ASN B 8 -28.02 6.46 11.60
CA ASN B 8 -28.97 5.75 10.70
C ASN B 8 -28.22 4.74 9.77
N CYS B 9 -26.96 4.40 10.11
CA CYS B 9 -26.15 3.49 9.30
C CYS B 9 -26.45 1.99 9.69
N GLY B 10 -25.87 1.54 10.81
CA GLY B 10 -26.16 0.18 11.33
C GLY B 10 -25.53 -0.96 10.49
N LYS B 11 -24.60 -0.61 9.58
CA LYS B 11 -23.92 -1.63 8.73
C LYS B 11 -22.96 -2.49 9.58
N ALA B 12 -22.87 -3.79 9.25
CA ALA B 12 -22.09 -4.75 10.06
C ALA B 12 -20.98 -5.43 9.21
N PHE B 13 -19.79 -5.56 9.80
CA PHE B 13 -18.61 -6.08 9.09
C PHE B 13 -18.00 -7.26 9.83
N LYS B 14 -17.28 -8.09 9.09
CA LYS B 14 -16.60 -9.26 9.65
C LYS B 14 -15.51 -8.84 10.65
N LYS B 15 -14.76 -7.78 10.32
CA LYS B 15 -13.56 -7.38 11.10
C LYS B 15 -13.55 -5.86 11.34
N HIS B 16 -13.00 -5.44 12.48
CA HIS B 16 -12.99 -4.00 12.88
C HIS B 16 -12.18 -3.15 11.90
N ASN B 17 -11.17 -3.75 11.27
CA ASN B 17 -10.38 -3.04 10.23
C ASN B 17 -11.28 -2.74 8.99
N GLN B 18 -12.23 -3.63 8.69
CA GLN B 18 -13.21 -3.39 7.63
C GLN B 18 -14.26 -2.33 8.08
N LEU B 19 -14.61 -2.36 9.38
CA LEU B 19 -15.50 -1.34 9.96
C LEU B 19 -14.85 0.06 9.85
N LYS B 20 -13.56 0.16 10.23
CA LYS B 20 -12.79 1.40 10.06
C LYS B 20 -12.78 1.84 8.58
N VAL B 21 -12.61 0.87 7.67
CA VAL B 21 -12.63 1.13 6.22
C VAL B 21 -13.98 1.77 5.79
N HIS B 22 -15.07 1.26 6.34
CA HIS B 22 -16.40 1.75 6.01
C HIS B 22 -16.60 3.20 6.53
N GLN B 23 -16.21 3.45 7.79
CA GLN B 23 -16.40 4.76 8.42
C GLN B 23 -15.59 5.85 7.72
N PHE B 24 -14.42 5.47 7.17
CA PHE B 24 -13.60 6.41 6.38
C PHE B 24 -14.43 7.03 5.22
N SER B 25 -15.43 6.28 4.73
CA SER B 25 -16.34 6.80 3.68
C SER B 25 -17.23 7.95 4.23
N HIS B 26 -17.83 7.74 5.41
CA HIS B 26 -18.69 8.77 6.04
C HIS B 26 -17.86 10.02 6.41
N THR B 27 -16.61 9.80 6.84
CA THR B 27 -15.70 10.90 7.22
C THR B 27 -15.04 11.53 5.98
N GLN B 28 -15.07 10.80 4.87
CA GLN B 28 -14.40 11.20 3.62
C GLN B 28 -12.88 11.51 3.83
N GLN B 29 -12.26 10.79 4.78
CA GLN B 29 -10.78 10.81 4.93
C GLN B 29 -10.23 9.39 5.00
N LEU B 30 -8.95 9.21 4.65
CA LEU B 30 -8.37 7.88 4.47
C LEU B 30 -7.64 7.41 5.74
N PRO B 31 -7.90 6.15 6.19
CA PRO B 31 -7.42 5.64 7.49
C PRO B 31 -5.94 5.23 7.46
N TYR B 32 -5.51 4.63 6.34
CA TYR B 32 -4.19 3.99 6.26
C TYR B 32 -3.19 4.93 5.59
N GLU B 33 -2.47 5.71 6.39
CA GLU B 33 -1.49 6.66 5.87
C GLU B 33 -0.06 6.07 5.94
N CYS B 34 0.75 6.39 4.93
CA CYS B 34 2.16 6.01 4.93
C CYS B 34 2.96 6.92 5.92
N PRO B 35 3.64 6.31 6.93
CA PRO B 35 4.29 7.05 8.02
C PRO B 35 5.76 7.42 7.71
N HIS B 36 6.22 7.11 6.49
CA HIS B 36 7.62 7.34 6.10
C HIS B 36 7.96 8.85 6.08
N GLU B 37 9.23 9.18 6.34
CA GLU B 37 9.69 10.58 6.35
C GLU B 37 9.59 11.19 4.93
N GLY B 38 8.94 12.37 4.84
CA GLY B 38 8.80 13.09 3.57
C GLY B 38 7.65 12.53 2.69
N CYS B 39 6.88 11.58 3.25
CA CYS B 39 5.75 10.99 2.54
C CYS B 39 4.41 11.33 3.24
N ASP B 40 3.32 11.35 2.47
CA ASP B 40 1.98 11.65 3.02
C ASP B 40 0.87 10.95 2.19
N LYS B 41 1.25 9.92 1.42
CA LYS B 41 0.28 9.09 0.68
C LYS B 41 -0.66 8.37 1.67
N ARG B 42 -1.94 8.24 1.29
CA ARG B 42 -2.95 7.56 2.15
C ARG B 42 -3.78 6.60 1.31
N PHE B 43 -4.27 5.53 1.96
CA PHE B 43 -4.89 4.42 1.27
C PHE B 43 -6.19 4.00 1.95
N SER B 44 -7.05 3.35 1.18
CA SER B 44 -8.36 2.95 1.66
C SER B 44 -8.31 1.63 2.42
N LEU B 45 -7.23 0.85 2.23
CA LEU B 45 -7.07 -0.45 2.90
C LEU B 45 -5.61 -0.67 3.34
N PRO B 46 -5.41 -1.51 4.38
CA PRO B 46 -4.06 -1.81 4.90
C PRO B 46 -3.21 -2.58 3.89
N SER B 47 -3.86 -3.39 3.05
CA SER B 47 -3.19 -4.13 1.97
C SER B 47 -2.63 -3.17 0.90
N ARG B 48 -3.38 -2.10 0.61
CA ARG B 48 -2.94 -1.07 -0.37
C ARG B 48 -1.78 -0.24 0.19
N LEU B 49 -1.83 0.06 1.49
CA LEU B 49 -0.70 0.69 2.19
C LEU B 49 0.52 -0.26 2.22
N LYS B 50 0.28 -1.54 2.50
CA LYS B 50 1.37 -2.56 2.52
C LYS B 50 2.08 -2.62 1.16
N ARG B 51 1.32 -2.52 0.07
CA ARG B 51 1.89 -2.45 -1.30
C ARG B 51 2.69 -1.14 -1.48
N HIS B 52 2.14 -0.03 -0.98
CA HIS B 52 2.83 1.26 -1.06
C HIS B 52 4.18 1.24 -0.30
N GLU B 53 4.22 0.53 0.83
CA GLU B 53 5.45 0.43 1.64
C GLU B 53 6.61 -0.18 0.80
N LYS B 54 6.27 -1.07 -0.15
CA LYS B 54 7.27 -1.69 -1.04
C LYS B 54 8.03 -0.60 -1.86
N VAL B 55 7.38 0.55 -2.08
CA VAL B 55 8.03 1.69 -2.77
C VAL B 55 9.25 2.18 -1.98
N HIS B 56 9.11 2.29 -0.65
CA HIS B 56 10.20 2.73 0.22
C HIS B 56 11.21 1.60 0.46
N ALA B 57 10.74 0.34 0.44
CA ALA B 57 11.63 -0.82 0.56
C ALA B 57 12.48 -1.01 -0.72
N GLY B 58 11.93 -0.58 -1.87
CA GLY B 58 12.64 -0.67 -3.14
C GLY B 58 12.41 -2.01 -3.85
N TYR B 59 12.92 -2.12 -5.08
CA TYR B 59 12.77 -3.32 -5.89
C TYR B 59 14.14 -3.83 -6.34
N PRO B 60 14.72 -4.78 -5.58
CA PRO B 60 16.07 -5.27 -5.84
C PRO B 60 16.10 -6.27 -6.98
N CYS B 61 17.15 -6.19 -7.79
CA CYS B 61 17.34 -7.09 -8.93
C CYS B 61 17.65 -8.51 -8.46
N LYS B 62 17.07 -9.49 -9.16
CA LYS B 62 17.37 -10.91 -8.92
C LYS B 62 17.40 -11.69 -10.25
N LYS B 63 17.42 -10.94 -11.37
CA LYS B 63 17.50 -11.56 -12.71
C LYS B 63 18.87 -12.23 -12.93
N ASP B 64 19.88 -11.78 -12.17
CA ASP B 64 21.23 -12.38 -12.23
C ASP B 64 21.92 -12.29 -10.86
N ASP B 65 22.71 -13.32 -10.52
CA ASP B 65 23.36 -13.41 -9.20
C ASP B 65 24.40 -12.28 -8.99
N SER B 66 24.98 -11.79 -10.10
CA SER B 66 26.03 -10.76 -10.04
C SER B 66 25.44 -9.35 -10.26
N CYS B 67 24.11 -9.21 -10.09
CA CYS B 67 23.44 -7.91 -10.11
C CYS B 67 23.23 -7.39 -8.66
N SER B 68 23.04 -6.08 -8.50
CA SER B 68 22.93 -5.46 -7.16
C SER B 68 22.06 -4.17 -7.19
N PHE B 69 21.47 -3.86 -8.35
CA PHE B 69 20.61 -2.68 -8.51
C PHE B 69 19.35 -2.79 -7.64
N VAL B 70 18.94 -1.66 -7.04
CA VAL B 70 17.63 -1.57 -6.35
C VAL B 70 16.85 -0.36 -6.86
N GLY B 71 15.65 -0.61 -7.37
CA GLY B 71 14.81 0.48 -7.92
C GLY B 71 13.98 1.15 -6.83
N LYS B 72 13.98 2.50 -6.83
CA LYS B 72 13.17 3.28 -5.87
C LYS B 72 11.65 3.10 -6.12
N THR B 73 11.31 2.58 -7.29
CA THR B 73 9.91 2.26 -7.63
C THR B 73 9.84 1.08 -8.58
N TRP B 74 8.67 0.45 -8.66
CA TRP B 74 8.48 -0.76 -9.46
C TRP B 74 8.84 -0.52 -10.94
N THR B 75 8.47 0.67 -11.46
CA THR B 75 8.81 1.05 -12.85
C THR B 75 10.32 1.00 -13.08
N LEU B 76 11.09 1.60 -12.15
CA LEU B 76 12.55 1.71 -12.32
C LEU B 76 13.21 0.32 -12.39
N TYR B 77 12.68 -0.65 -11.64
CA TYR B 77 13.16 -2.02 -11.70
C TYR B 77 12.79 -2.66 -13.05
N LEU B 78 11.54 -2.52 -13.46
CA LEU B 78 11.08 -3.07 -14.74
C LEU B 78 11.87 -2.47 -15.93
N LYS B 79 12.13 -1.16 -15.88
CA LYS B 79 12.94 -0.47 -16.90
C LYS B 79 14.39 -0.98 -16.89
N HIS B 80 14.95 -1.17 -15.69
CA HIS B 80 16.30 -1.72 -15.54
C HIS B 80 16.37 -3.15 -16.12
N VAL B 81 15.34 -3.96 -15.84
CA VAL B 81 15.27 -5.33 -16.35
C VAL B 81 15.23 -5.35 -17.87
N ALA B 82 14.42 -4.48 -18.46
CA ALA B 82 14.25 -4.45 -19.91
C ALA B 82 15.59 -4.11 -20.62
N GLU B 83 16.41 -3.26 -19.98
CA GLU B 83 17.67 -2.77 -20.57
C GLU B 83 18.88 -3.71 -20.26
N CYS B 84 18.81 -4.41 -19.11
CA CYS B 84 19.99 -5.15 -18.59
C CYS B 84 19.81 -6.69 -18.65
N HIS B 85 18.56 -7.17 -18.74
CA HIS B 85 18.28 -8.63 -18.72
C HIS B 85 17.27 -9.04 -19.83
N GLN B 86 16.99 -8.12 -20.77
CA GLN B 86 16.12 -8.41 -21.92
C GLN B 86 16.63 -7.67 -23.18
N ASP B 87 15.98 -7.95 -24.33
CA ASP B 87 16.36 -7.33 -25.62
C ASP B 87 17.88 -7.35 -25.84
N MET B 1 -18.62 -9.80 15.87
CA MET B 1 -19.24 -8.82 14.98
C MET B 1 -18.97 -7.38 15.48
N TYR B 2 -18.37 -6.57 14.60
CA TYR B 2 -18.02 -5.18 14.93
C TYR B 2 -18.94 -4.20 14.18
N VAL B 3 -19.64 -3.35 14.93
CA VAL B 3 -20.74 -2.51 14.37
C VAL B 3 -20.38 -1.02 14.37
N CYS B 4 -20.74 -0.34 13.27
CA CYS B 4 -20.64 1.11 13.18
C CYS B 4 -21.82 1.78 13.91
N HIS B 5 -21.49 2.73 14.78
CA HIS B 5 -22.49 3.42 15.60
C HIS B 5 -22.64 4.90 15.17
N PHE B 6 -22.28 5.20 13.90
CA PHE B 6 -22.58 6.50 13.30
C PHE B 6 -24.10 6.73 13.26
N GLU B 7 -24.51 8.01 13.25
CA GLU B 7 -25.93 8.37 13.39
C GLU B 7 -26.79 7.68 12.30
N ASN B 8 -27.69 6.78 12.74
CA ASN B 8 -28.66 6.10 11.85
C ASN B 8 -27.97 5.07 10.89
N CYS B 9 -26.70 4.72 11.19
CA CYS B 9 -25.93 3.81 10.35
C CYS B 9 -26.24 2.32 10.71
N GLY B 10 -25.65 1.82 11.81
CA GLY B 10 -25.95 0.48 12.32
C GLY B 10 -25.37 -0.66 11.44
N LYS B 11 -24.44 -0.33 10.53
CA LYS B 11 -23.80 -1.34 9.66
C LYS B 11 -22.86 -2.25 10.48
N ALA B 12 -22.80 -3.54 10.13
CA ALA B 12 -22.04 -4.53 10.91
C ALA B 12 -21.01 -5.27 10.02
N PHE B 13 -19.80 -5.47 10.57
CA PHE B 13 -18.68 -6.05 9.83
C PHE B 13 -18.10 -7.26 10.56
N LYS B 14 -17.40 -8.12 9.81
CA LYS B 14 -16.78 -9.32 10.37
C LYS B 14 -15.48 -8.97 11.14
N LYS B 15 -14.79 -7.90 10.69
CA LYS B 15 -13.54 -7.42 11.39
C LYS B 15 -13.62 -5.92 11.69
N HIS B 16 -12.99 -5.50 12.80
CA HIS B 16 -12.95 -4.08 13.19
C HIS B 16 -12.18 -3.23 12.19
N ASN B 17 -11.20 -3.84 11.51
CA ASN B 17 -10.45 -3.13 10.46
C ASN B 17 -11.38 -2.74 9.27
N GLN B 18 -12.40 -3.57 9.00
CA GLN B 18 -13.45 -3.20 8.03
C GLN B 18 -14.37 -2.10 8.59
N LEU B 19 -14.66 -2.17 9.90
CA LEU B 19 -15.45 -1.14 10.58
C LEU B 19 -14.74 0.24 10.51
N LYS B 20 -13.44 0.25 10.82
CA LYS B 20 -12.61 1.47 10.70
C LYS B 20 -12.59 1.97 9.24
N VAL B 21 -12.52 1.02 8.29
CA VAL B 21 -12.57 1.35 6.85
C VAL B 21 -13.92 2.01 6.49
N HIS B 22 -15.01 1.50 7.06
CA HIS B 22 -16.33 2.00 6.77
C HIS B 22 -16.51 3.44 7.31
N GLN B 23 -16.06 3.67 8.56
CA GLN B 23 -16.20 4.99 9.20
C GLN B 23 -15.39 6.07 8.46
N PHE B 24 -14.26 5.66 7.86
CA PHE B 24 -13.45 6.57 7.05
C PHE B 24 -14.30 7.22 5.92
N SER B 25 -15.35 6.50 5.46
CA SER B 25 -16.28 7.03 4.45
C SER B 25 -17.13 8.18 5.04
N HIS B 26 -17.70 7.97 6.25
CA HIS B 26 -18.51 9.02 6.92
C HIS B 26 -17.65 10.25 7.25
N THR B 27 -16.39 10.02 7.62
CA THR B 27 -15.45 11.11 7.98
C THR B 27 -14.82 11.73 6.72
N GLN B 28 -14.89 10.99 5.61
CA GLN B 28 -14.26 11.39 4.34
C GLN B 28 -12.73 11.68 4.51
N GLN B 29 -12.08 10.93 5.43
CA GLN B 29 -10.60 10.94 5.53
C GLN B 29 -10.07 9.51 5.58
N LEU B 30 -8.80 9.32 5.18
CA LEU B 30 -8.25 7.97 4.98
C LEU B 30 -7.51 7.48 6.24
N PRO B 31 -7.78 6.23 6.67
CA PRO B 31 -7.29 5.71 7.96
C PRO B 31 -5.82 5.26 7.91
N TYR B 32 -5.41 4.69 6.78
CA TYR B 32 -4.11 4.04 6.68
C TYR B 32 -3.09 4.95 5.99
N GLU B 33 -2.36 5.72 6.79
CA GLU B 33 -1.37 6.67 6.26
C GLU B 33 0.04 6.02 6.23
N CYS B 34 0.81 6.35 5.20
CA CYS B 34 2.22 5.93 5.12
C CYS B 34 3.08 6.78 6.11
N PRO B 35 3.77 6.11 7.07
CA PRO B 35 4.47 6.78 8.16
C PRO B 35 5.95 7.13 7.81
N HIS B 36 6.36 6.86 6.57
CA HIS B 36 7.75 7.07 6.14
C HIS B 36 8.13 8.57 6.17
N GLU B 37 9.37 8.86 6.55
CA GLU B 37 9.86 10.25 6.62
C GLU B 37 9.95 10.88 5.22
N GLY B 38 9.07 11.86 4.96
CA GLY B 38 9.06 12.56 3.66
C GLY B 38 7.88 12.11 2.75
N CYS B 39 7.11 11.12 3.23
CA CYS B 39 5.93 10.63 2.50
C CYS B 39 4.62 11.11 3.17
N ASP B 40 3.54 11.19 2.39
CA ASP B 40 2.24 11.68 2.88
C ASP B 40 1.06 10.93 2.19
N LYS B 41 1.36 9.82 1.50
CA LYS B 41 0.32 8.99 0.86
C LYS B 41 -0.59 8.35 1.92
N ARG B 42 -1.88 8.20 1.58
CA ARG B 42 -2.87 7.55 2.47
C ARG B 42 -3.72 6.56 1.68
N PHE B 43 -4.21 5.54 2.37
CA PHE B 43 -4.86 4.40 1.71
C PHE B 43 -6.16 4.02 2.40
N SER B 44 -7.05 3.39 1.65
CA SER B 44 -8.37 3.05 2.14
C SER B 44 -8.38 1.70 2.86
N LEU B 45 -7.32 0.90 2.69
CA LEU B 45 -7.19 -0.41 3.36
C LEU B 45 -5.73 -0.67 3.79
N PRO B 46 -5.54 -1.50 4.83
CA PRO B 46 -4.20 -1.81 5.35
C PRO B 46 -3.36 -2.60 4.35
N SER B 47 -4.02 -3.44 3.55
CA SER B 47 -3.34 -4.21 2.48
C SER B 47 -2.74 -3.26 1.42
N ARG B 48 -3.45 -2.17 1.12
CA ARG B 48 -2.99 -1.18 0.12
C ARG B 48 -1.81 -0.37 0.66
N LEU B 49 -1.85 -0.02 1.95
CA LEU B 49 -0.72 0.62 2.63
C LEU B 49 0.50 -0.34 2.67
N LYS B 50 0.25 -1.60 3.05
CA LYS B 50 1.32 -2.63 3.10
C LYS B 50 2.00 -2.81 1.74
N ARG B 51 1.21 -2.71 0.66
CA ARG B 51 1.75 -2.80 -0.72
C ARG B 51 2.52 -1.51 -1.08
N HIS B 52 2.04 -0.36 -0.59
CA HIS B 52 2.73 0.92 -0.80
C HIS B 52 4.09 0.94 -0.08
N GLU B 53 4.17 0.30 1.10
CA GLU B 53 5.41 0.25 1.88
C GLU B 53 6.54 -0.39 1.07
N LYS B 54 6.19 -1.33 0.17
CA LYS B 54 7.17 -1.99 -0.71
C LYS B 54 7.91 -0.97 -1.59
N VAL B 55 7.27 0.19 -1.87
CA VAL B 55 7.91 1.28 -2.63
C VAL B 55 9.16 1.80 -1.88
N HIS B 56 9.03 1.97 -0.56
CA HIS B 56 10.14 2.45 0.27
C HIS B 56 11.16 1.32 0.53
N ALA B 57 10.70 0.07 0.51
CA ALA B 57 11.59 -1.10 0.66
C ALA B 57 12.46 -1.28 -0.62
N GLY B 58 11.94 -0.81 -1.76
CA GLY B 58 12.67 -0.89 -3.03
C GLY B 58 12.36 -2.19 -3.79
N TYR B 59 12.84 -2.26 -5.04
CA TYR B 59 12.62 -3.43 -5.90
C TYR B 59 13.98 -3.98 -6.38
N PRO B 60 14.52 -4.99 -5.67
CA PRO B 60 15.87 -5.47 -5.90
C PRO B 60 15.96 -6.44 -7.07
N CYS B 61 17.08 -6.39 -7.79
CA CYS B 61 17.31 -7.27 -8.93
C CYS B 61 17.65 -8.69 -8.47
N LYS B 62 17.13 -9.68 -9.20
CA LYS B 62 17.47 -11.09 -8.97
C LYS B 62 17.57 -11.84 -10.31
N LYS B 63 17.62 -11.08 -11.42
CA LYS B 63 17.75 -11.65 -12.78
C LYS B 63 19.13 -12.32 -12.95
N ASP B 64 20.12 -11.90 -12.15
CA ASP B 64 21.46 -12.50 -12.16
C ASP B 64 22.12 -12.39 -10.77
N ASP B 65 22.92 -13.40 -10.41
CA ASP B 65 23.56 -13.46 -9.08
C ASP B 65 24.59 -12.31 -8.91
N SER B 66 25.17 -11.83 -10.03
CA SER B 66 26.20 -10.77 -10.00
C SER B 66 25.57 -9.37 -10.18
N CYS B 67 24.25 -9.27 -10.01
CA CYS B 67 23.53 -8.00 -10.07
C CYS B 67 22.95 -7.64 -8.69
N SER B 68 23.09 -6.36 -8.30
CA SER B 68 22.70 -5.91 -6.94
C SER B 68 21.93 -4.57 -6.99
N PHE B 69 21.42 -4.21 -8.16
CA PHE B 69 20.62 -2.99 -8.33
C PHE B 69 19.33 -3.07 -7.50
N VAL B 70 18.94 -1.94 -6.89
CA VAL B 70 17.64 -1.80 -6.22
C VAL B 70 16.91 -0.56 -6.72
N GLY B 71 15.71 -0.74 -7.25
CA GLY B 71 14.91 0.39 -7.77
C GLY B 71 14.09 1.08 -6.70
N LYS B 72 14.06 2.42 -6.73
CA LYS B 72 13.23 3.21 -5.80
C LYS B 72 11.72 2.98 -6.06
N THR B 73 11.39 2.53 -7.28
CA THR B 73 9.99 2.19 -7.62
C THR B 73 9.94 1.05 -8.64
N TRP B 74 8.78 0.42 -8.75
CA TRP B 74 8.61 -0.78 -9.59
C TRP B 74 9.00 -0.48 -11.06
N THR B 75 8.61 0.70 -11.56
CA THR B 75 8.97 1.13 -12.93
C THR B 75 10.48 1.10 -13.13
N LEU B 76 11.23 1.69 -12.19
CA LEU B 76 12.69 1.81 -12.33
C LEU B 76 13.37 0.43 -12.40
N TYR B 77 12.82 -0.53 -11.65
CA TYR B 77 13.31 -1.92 -11.71
C TYR B 77 12.99 -2.55 -13.08
N LEU B 78 11.74 -2.41 -13.52
CA LEU B 78 11.31 -2.96 -14.81
C LEU B 78 12.12 -2.34 -15.97
N LYS B 79 12.39 -1.03 -15.89
CA LYS B 79 13.25 -0.33 -16.88
C LYS B 79 14.69 -0.88 -16.85
N HIS B 80 15.23 -1.09 -15.64
CA HIS B 80 16.56 -1.66 -15.47
C HIS B 80 16.62 -3.09 -16.05
N VAL B 81 15.58 -3.88 -15.79
CA VAL B 81 15.50 -5.26 -16.31
C VAL B 81 15.49 -5.27 -17.84
N ALA B 82 14.68 -4.38 -18.43
CA ALA B 82 14.54 -4.33 -19.88
C ALA B 82 15.89 -3.97 -20.56
N GLU B 83 16.70 -3.15 -19.87
CA GLU B 83 17.96 -2.63 -20.44
C GLU B 83 19.17 -3.59 -20.15
N CYS B 84 19.07 -4.35 -19.04
CA CYS B 84 20.25 -5.12 -18.54
C CYS B 84 20.04 -6.66 -18.62
N HIS B 85 18.78 -7.10 -18.71
CA HIS B 85 18.47 -8.56 -18.70
C HIS B 85 17.40 -8.92 -19.78
N GLN B 86 17.10 -7.99 -20.68
CA GLN B 86 16.11 -8.23 -21.76
C GLN B 86 16.46 -7.42 -23.04
N ASP B 87 17.69 -6.91 -23.11
CA ASP B 87 18.16 -6.14 -24.28
C ASP B 87 18.41 -7.08 -25.48
N MET B 1 -19.21 -9.63 16.26
CA MET B 1 -19.66 -8.70 15.23
C MET B 1 -19.36 -7.24 15.65
N TYR B 2 -18.76 -6.48 14.74
CA TYR B 2 -18.37 -5.08 15.00
C TYR B 2 -19.28 -4.13 14.19
N VAL B 3 -20.01 -3.25 14.90
CA VAL B 3 -21.09 -2.45 14.28
C VAL B 3 -20.73 -0.96 14.23
N CYS B 4 -21.07 -0.31 13.11
CA CYS B 4 -20.96 1.14 12.97
C CYS B 4 -22.15 1.82 13.68
N HIS B 5 -21.84 2.79 14.54
CA HIS B 5 -22.86 3.50 15.33
C HIS B 5 -23.00 4.96 14.86
N PHE B 6 -22.62 5.22 13.59
CA PHE B 6 -22.90 6.53 12.97
C PHE B 6 -24.42 6.77 12.89
N GLU B 7 -24.81 8.05 12.86
CA GLU B 7 -26.24 8.42 12.97
C GLU B 7 -27.08 7.72 11.86
N ASN B 8 -28.00 6.83 12.31
CA ASN B 8 -28.96 6.15 11.41
C ASN B 8 -28.25 5.11 10.47
N CYS B 9 -27.00 4.75 10.81
CA CYS B 9 -26.22 3.81 10.00
C CYS B 9 -26.55 2.34 10.39
N GLY B 10 -25.96 1.87 11.52
CA GLY B 10 -26.27 0.52 12.05
C GLY B 10 -25.70 -0.63 11.19
N LYS B 11 -24.75 -0.31 10.27
CA LYS B 11 -24.10 -1.35 9.44
C LYS B 11 -23.18 -2.23 10.31
N ALA B 12 -23.13 -3.53 10.00
CA ALA B 12 -22.41 -4.50 10.84
C ALA B 12 -21.35 -5.26 10.03
N PHE B 13 -20.17 -5.45 10.63
CA PHE B 13 -19.01 -6.04 9.95
C PHE B 13 -18.46 -7.23 10.75
N LYS B 14 -17.77 -8.13 10.05
CA LYS B 14 -17.17 -9.30 10.68
C LYS B 14 -15.96 -8.89 11.54
N LYS B 15 -15.24 -7.83 11.13
CA LYS B 15 -14.02 -7.37 11.86
C LYS B 15 -13.96 -5.84 11.97
N HIS B 16 -13.27 -5.36 13.01
CA HIS B 16 -13.20 -3.91 13.31
C HIS B 16 -12.42 -3.15 12.23
N ASN B 17 -11.47 -3.80 11.57
CA ASN B 17 -10.71 -3.17 10.48
C ASN B 17 -11.65 -2.81 9.30
N GLN B 18 -12.65 -3.66 9.03
CA GLN B 18 -13.67 -3.36 8.01
C GLN B 18 -14.61 -2.25 8.51
N LEU B 19 -14.94 -2.28 9.81
CA LEU B 19 -15.76 -1.23 10.43
C LEU B 19 -15.07 0.15 10.31
N LYS B 20 -13.77 0.20 10.65
CA LYS B 20 -12.98 1.44 10.50
C LYS B 20 -12.89 1.88 9.03
N VAL B 21 -12.77 0.90 8.12
CA VAL B 21 -12.80 1.17 6.67
C VAL B 21 -14.13 1.82 6.26
N HIS B 22 -15.24 1.33 6.83
CA HIS B 22 -16.55 1.84 6.51
C HIS B 22 -16.74 3.29 7.04
N GLN B 23 -16.32 3.52 8.29
CA GLN B 23 -16.48 4.84 8.93
C GLN B 23 -15.68 5.92 8.21
N PHE B 24 -14.53 5.53 7.63
CA PHE B 24 -13.70 6.46 6.83
C PHE B 24 -14.55 7.11 5.70
N SER B 25 -15.58 6.39 5.21
CA SER B 25 -16.50 6.94 4.19
C SER B 25 -17.36 8.09 4.77
N HIS B 26 -17.93 7.88 5.98
CA HIS B 26 -18.75 8.94 6.64
C HIS B 26 -17.89 10.17 6.99
N THR B 27 -16.64 9.91 7.38
CA THR B 27 -15.70 11.00 7.75
C THR B 27 -15.06 11.63 6.51
N GLN B 28 -15.12 10.91 5.38
CA GLN B 28 -14.48 11.31 4.12
C GLN B 28 -12.96 11.58 4.31
N GLN B 29 -12.32 10.85 5.24
CA GLN B 29 -10.85 10.85 5.36
C GLN B 29 -10.32 9.40 5.42
N LEU B 30 -9.06 9.22 5.03
CA LEU B 30 -8.50 7.86 4.83
C LEU B 30 -7.76 7.37 6.10
N PRO B 31 -8.03 6.11 6.52
CA PRO B 31 -7.53 5.60 7.82
C PRO B 31 -6.05 5.15 7.76
N TYR B 32 -5.66 4.53 6.64
CA TYR B 32 -4.35 3.88 6.54
C TYR B 32 -3.33 4.83 5.91
N GLU B 33 -2.61 5.57 6.76
CA GLU B 33 -1.62 6.53 6.30
C GLU B 33 -0.20 5.92 6.29
N CYS B 34 0.59 6.26 5.26
CA CYS B 34 1.99 5.84 5.18
C CYS B 34 2.86 6.63 6.20
N PRO B 35 3.52 5.92 7.15
CA PRO B 35 4.22 6.55 8.28
C PRO B 35 5.71 6.91 7.95
N HIS B 36 6.12 6.70 6.70
CA HIS B 36 7.52 6.94 6.29
C HIS B 36 7.90 8.43 6.46
N GLU B 37 9.15 8.68 6.89
CA GLU B 37 9.64 10.05 7.10
C GLU B 37 9.79 10.79 5.75
N GLY B 38 8.84 11.69 5.47
CA GLY B 38 8.85 12.47 4.22
C GLY B 38 7.68 12.11 3.27
N CYS B 39 6.85 11.15 3.69
CA CYS B 39 5.67 10.73 2.92
C CYS B 39 4.36 11.16 3.63
N ASP B 40 3.28 11.25 2.85
CA ASP B 40 1.99 11.73 3.37
C ASP B 40 0.79 11.05 2.65
N LYS B 41 1.07 10.00 1.87
CA LYS B 41 0.02 9.24 1.17
C LYS B 41 -0.88 8.50 2.18
N ARG B 42 -2.17 8.35 1.82
CA ARG B 42 -3.12 7.56 2.63
C ARG B 42 -3.95 6.64 1.74
N PHE B 43 -4.43 5.55 2.32
CA PHE B 43 -5.08 4.47 1.56
C PHE B 43 -6.36 4.04 2.26
N SER B 44 -7.25 3.39 1.49
CA SER B 44 -8.56 2.99 1.99
C SER B 44 -8.50 1.68 2.75
N LEU B 45 -7.51 0.83 2.43
CA LEU B 45 -7.33 -0.48 3.09
C LEU B 45 -5.84 -0.73 3.41
N PRO B 46 -5.55 -1.57 4.42
CA PRO B 46 -4.17 -1.90 4.81
C PRO B 46 -3.40 -2.64 3.70
N SER B 47 -4.14 -3.34 2.82
CA SER B 47 -3.53 -4.01 1.66
C SER B 47 -2.92 -3.00 0.69
N ARG B 48 -3.66 -1.91 0.42
CA ARG B 48 -3.19 -0.85 -0.49
C ARG B 48 -2.04 -0.05 0.14
N LEU B 49 -2.09 0.14 1.48
CA LEU B 49 -0.97 0.75 2.21
C LEU B 49 0.28 -0.14 2.14
N LYS B 50 0.10 -1.45 2.33
CA LYS B 50 1.23 -2.41 2.28
C LYS B 50 1.86 -2.46 0.87
N ARG B 51 1.02 -2.32 -0.17
CA ARG B 51 1.51 -2.23 -1.56
C ARG B 51 2.31 -0.94 -1.76
N HIS B 52 1.82 0.16 -1.16
CA HIS B 52 2.54 1.42 -1.19
C HIS B 52 3.87 1.33 -0.40
N GLU B 53 3.84 0.63 0.74
CA GLU B 53 5.04 0.47 1.59
C GLU B 53 6.20 -0.19 0.80
N LYS B 54 5.84 -1.06 -0.16
CA LYS B 54 6.85 -1.71 -1.02
C LYS B 54 7.67 -0.65 -1.81
N VAL B 55 7.07 0.53 -2.05
CA VAL B 55 7.78 1.63 -2.73
C VAL B 55 8.99 2.08 -1.92
N HIS B 56 8.81 2.20 -0.59
CA HIS B 56 9.90 2.61 0.30
C HIS B 56 10.89 1.45 0.57
N ALA B 57 10.38 0.21 0.50
CA ALA B 57 11.23 -0.97 0.66
C ALA B 57 12.15 -1.17 -0.58
N GLY B 58 11.70 -0.66 -1.74
CA GLY B 58 12.49 -0.75 -2.97
C GLY B 58 12.21 -2.05 -3.74
N TYR B 59 12.70 -2.10 -4.98
CA TYR B 59 12.51 -3.26 -5.86
C TYR B 59 13.87 -3.79 -6.33
N PRO B 60 14.42 -4.80 -5.62
CA PRO B 60 15.78 -5.28 -5.86
C PRO B 60 15.86 -6.23 -7.05
N CYS B 61 16.98 -6.17 -7.76
CA CYS B 61 17.23 -7.04 -8.91
C CYS B 61 17.55 -8.46 -8.45
N LYS B 62 16.99 -9.45 -9.16
CA LYS B 62 17.29 -10.87 -8.95
C LYS B 62 17.45 -11.59 -10.29
N LYS B 63 17.57 -10.82 -11.37
CA LYS B 63 17.76 -11.39 -12.73
C LYS B 63 19.15 -12.05 -12.87
N ASP B 64 20.09 -11.64 -12.01
CA ASP B 64 21.43 -12.23 -11.98
C ASP B 64 22.02 -12.19 -10.56
N ASP B 65 22.74 -13.27 -10.18
CA ASP B 65 23.30 -13.39 -8.82
C ASP B 65 24.39 -12.32 -8.56
N SER B 66 25.00 -11.79 -9.63
CA SER B 66 26.06 -10.78 -9.50
C SER B 66 25.51 -9.35 -9.76
N CYS B 67 24.18 -9.20 -9.65
CA CYS B 67 23.54 -7.87 -9.68
C CYS B 67 23.31 -7.35 -8.24
N SER B 68 23.07 -6.04 -8.10
CA SER B 68 22.91 -5.41 -6.77
C SER B 68 22.01 -4.14 -6.84
N PHE B 69 21.43 -3.87 -8.01
CA PHE B 69 20.56 -2.70 -8.20
C PHE B 69 19.27 -2.82 -7.37
N VAL B 70 18.86 -1.70 -6.75
CA VAL B 70 17.54 -1.61 -6.10
C VAL B 70 16.82 -0.36 -6.59
N GLY B 71 15.63 -0.55 -7.16
CA GLY B 71 14.84 0.58 -7.69
C GLY B 71 13.99 1.25 -6.62
N LYS B 72 13.93 2.58 -6.65
CA LYS B 72 13.08 3.35 -5.71
C LYS B 72 11.58 3.14 -6.02
N THR B 73 11.28 2.68 -7.25
CA THR B 73 9.90 2.34 -7.65
C THR B 73 9.91 1.18 -8.64
N TRP B 74 8.75 0.53 -8.77
CA TRP B 74 8.62 -0.69 -9.58
C TRP B 74 9.03 -0.42 -11.05
N THR B 75 8.67 0.76 -11.57
CA THR B 75 9.05 1.16 -12.94
C THR B 75 10.56 1.16 -13.12
N LEU B 76 11.28 1.74 -12.15
CA LEU B 76 12.75 1.87 -12.25
C LEU B 76 13.43 0.49 -12.31
N TYR B 77 12.87 -0.49 -11.59
CA TYR B 77 13.39 -1.86 -11.64
C TYR B 77 13.10 -2.50 -13.00
N LEU B 78 11.86 -2.38 -13.47
CA LEU B 78 11.47 -2.92 -14.76
C LEU B 78 12.30 -2.30 -15.90
N LYS B 79 12.52 -0.97 -15.81
CA LYS B 79 13.36 -0.24 -16.79
C LYS B 79 14.83 -0.72 -16.72
N HIS B 80 15.34 -0.94 -15.50
CA HIS B 80 16.69 -1.47 -15.29
C HIS B 80 16.83 -2.87 -15.91
N VAL B 81 15.82 -3.72 -15.72
CA VAL B 81 15.83 -5.09 -16.26
C VAL B 81 15.90 -5.08 -17.79
N ALA B 82 15.09 -4.22 -18.42
CA ALA B 82 15.01 -4.19 -19.87
C ALA B 82 16.37 -3.79 -20.50
N GLU B 83 17.13 -2.94 -19.80
CA GLU B 83 18.42 -2.44 -20.30
C GLU B 83 19.59 -3.38 -19.91
N CYS B 84 19.61 -3.84 -18.65
CA CYS B 84 20.77 -4.54 -18.08
C CYS B 84 20.66 -6.08 -18.25
N HIS B 85 19.43 -6.59 -18.45
CA HIS B 85 19.21 -8.05 -18.59
C HIS B 85 18.36 -8.39 -19.85
N GLN B 86 17.98 -7.35 -20.61
CA GLN B 86 17.22 -7.52 -21.88
C GLN B 86 16.02 -8.49 -21.68
N ASP B 87 15.27 -8.29 -20.58
CA ASP B 87 14.13 -9.16 -20.23
C ASP B 87 12.95 -8.34 -19.68
N MET B 1 -18.40 -10.59 14.46
CA MET B 1 -18.96 -9.69 13.44
C MET B 1 -18.93 -8.23 13.92
N TYR B 2 -18.35 -7.35 13.11
CA TYR B 2 -18.18 -5.93 13.47
C TYR B 2 -19.11 -5.04 12.64
N VAL B 3 -19.93 -4.24 13.32
CA VAL B 3 -21.04 -3.50 12.65
C VAL B 3 -20.78 -1.98 12.62
N CYS B 4 -21.12 -1.36 11.48
CA CYS B 4 -21.11 0.08 11.35
C CYS B 4 -22.37 0.69 11.97
N HIS B 5 -22.18 1.68 12.84
CA HIS B 5 -23.28 2.32 13.56
C HIS B 5 -23.48 3.78 13.07
N PHE B 6 -23.05 4.06 11.83
CA PHE B 6 -23.36 5.34 11.17
C PHE B 6 -24.89 5.49 11.02
N GLU B 7 -25.36 6.74 10.95
CA GLU B 7 -26.80 7.03 10.98
C GLU B 7 -27.54 6.26 9.86
N ASN B 8 -28.42 5.33 10.29
CA ASN B 8 -29.31 4.57 9.36
C ASN B 8 -28.50 3.57 8.48
N CYS B 9 -27.24 3.30 8.87
CA CYS B 9 -26.37 2.40 8.11
C CYS B 9 -26.62 0.91 8.52
N GLY B 10 -26.02 0.49 9.65
CA GLY B 10 -26.25 -0.86 10.20
C GLY B 10 -25.57 -1.98 9.39
N LYS B 11 -24.62 -1.62 8.51
CA LYS B 11 -23.88 -2.63 7.70
C LYS B 11 -22.92 -3.44 8.59
N ALA B 12 -22.78 -4.74 8.29
CA ALA B 12 -21.99 -5.66 9.15
C ALA B 12 -20.83 -6.30 8.36
N PHE B 13 -19.67 -6.39 9.00
CA PHE B 13 -18.44 -6.88 8.37
C PHE B 13 -17.82 -8.01 9.16
N LYS B 14 -16.97 -8.79 8.48
CA LYS B 14 -16.31 -9.93 9.10
C LYS B 14 -15.36 -9.48 10.22
N LYS B 15 -14.62 -8.39 9.97
CA LYS B 15 -13.53 -7.95 10.88
C LYS B 15 -13.46 -6.42 10.97
N HIS B 16 -12.90 -5.90 12.07
CA HIS B 16 -12.97 -4.44 12.38
C HIS B 16 -12.21 -3.61 11.34
N ASN B 17 -11.17 -4.19 10.73
CA ASN B 17 -10.42 -3.48 9.68
C ASN B 17 -11.30 -3.24 8.42
N GLN B 18 -12.24 -4.17 8.15
CA GLN B 18 -13.23 -3.97 7.07
C GLN B 18 -14.28 -2.94 7.50
N LEU B 19 -14.67 -2.95 8.78
CA LEU B 19 -15.59 -1.96 9.32
C LEU B 19 -15.00 -0.54 9.19
N LYS B 20 -13.73 -0.39 9.59
CA LYS B 20 -13.00 0.88 9.44
C LYS B 20 -12.91 1.28 7.94
N VAL B 21 -12.69 0.28 7.07
CA VAL B 21 -12.66 0.52 5.61
C VAL B 21 -14.00 1.11 5.12
N HIS B 22 -15.11 0.59 5.64
CA HIS B 22 -16.42 1.04 5.25
C HIS B 22 -16.70 2.48 5.75
N GLN B 23 -16.37 2.74 7.02
CA GLN B 23 -16.64 4.06 7.62
C GLN B 23 -15.81 5.17 6.95
N PHE B 24 -14.61 4.82 6.47
CA PHE B 24 -13.78 5.76 5.71
C PHE B 24 -14.56 6.33 4.49
N SER B 25 -15.51 5.55 3.96
CA SER B 25 -16.38 6.02 2.86
C SER B 25 -17.34 7.14 3.34
N HIS B 26 -18.00 6.92 4.50
CA HIS B 26 -18.92 7.94 5.07
C HIS B 26 -18.16 9.22 5.46
N THR B 27 -16.93 9.05 5.95
CA THR B 27 -16.07 10.19 6.38
C THR B 27 -15.36 10.83 5.17
N GLN B 28 -15.26 10.07 4.07
CA GLN B 28 -14.54 10.48 2.86
C GLN B 28 -13.05 10.83 3.16
N GLN B 29 -12.46 10.16 4.17
CA GLN B 29 -11.01 10.22 4.41
C GLN B 29 -10.41 8.81 4.55
N LEU B 30 -9.11 8.68 4.29
CA LEU B 30 -8.47 7.35 4.18
C LEU B 30 -7.83 6.93 5.52
N PRO B 31 -8.11 5.67 5.97
CA PRO B 31 -7.72 5.21 7.31
C PRO B 31 -6.24 4.82 7.43
N TYR B 32 -5.70 4.20 6.37
CA TYR B 32 -4.37 3.60 6.41
C TYR B 32 -3.33 4.56 5.84
N GLU B 33 -2.68 5.33 6.71
CA GLU B 33 -1.68 6.30 6.29
C GLU B 33 -0.25 5.73 6.42
N CYS B 34 0.62 6.08 5.47
CA CYS B 34 2.02 5.68 5.49
C CYS B 34 2.80 6.51 6.56
N PRO B 35 3.43 5.81 7.56
CA PRO B 35 4.07 6.47 8.70
C PRO B 35 5.57 6.77 8.47
N HIS B 36 6.08 6.50 7.26
CA HIS B 36 7.51 6.67 6.95
C HIS B 36 7.89 8.15 6.91
N GLU B 37 9.15 8.45 7.25
CA GLU B 37 9.64 9.84 7.29
C GLU B 37 9.61 10.48 5.89
N GLY B 38 9.02 11.68 5.80
CA GLY B 38 8.97 12.42 4.53
C GLY B 38 7.80 11.98 3.62
N CYS B 39 6.94 11.07 4.14
CA CYS B 39 5.81 10.54 3.39
C CYS B 39 4.47 10.87 4.10
N ASP B 40 3.39 10.94 3.31
CA ASP B 40 2.04 11.22 3.84
C ASP B 40 0.94 10.57 2.95
N LYS B 41 1.35 9.60 2.13
CA LYS B 41 0.40 8.85 1.28
C LYS B 41 -0.59 8.05 2.15
N ARG B 42 -1.84 7.92 1.69
CA ARG B 42 -2.89 7.20 2.44
C ARG B 42 -3.65 6.25 1.54
N PHE B 43 -4.13 5.15 2.12
CA PHE B 43 -4.69 4.04 1.35
C PHE B 43 -6.00 3.55 1.94
N SER B 44 -6.77 2.83 1.14
CA SER B 44 -8.11 2.41 1.52
C SER B 44 -8.07 1.14 2.36
N LEU B 45 -7.04 0.30 2.15
CA LEU B 45 -6.92 -0.99 2.87
C LEU B 45 -5.52 -1.14 3.48
N PRO B 46 -5.39 -1.97 4.56
CA PRO B 46 -4.10 -2.21 5.21
C PRO B 46 -3.12 -2.95 4.30
N SER B 47 -3.64 -3.86 3.47
CA SER B 47 -2.82 -4.59 2.51
C SER B 47 -2.26 -3.66 1.43
N ARG B 48 -3.03 -2.62 1.06
CA ARG B 48 -2.59 -1.62 0.06
C ARG B 48 -1.51 -0.70 0.64
N LEU B 49 -1.64 -0.35 1.93
CA LEU B 49 -0.59 0.38 2.66
C LEU B 49 0.68 -0.49 2.80
N LYS B 50 0.49 -1.77 3.17
CA LYS B 50 1.61 -2.74 3.26
C LYS B 50 2.36 -2.82 1.92
N ARG B 51 1.61 -2.79 0.82
CA ARG B 51 2.20 -2.81 -0.53
C ARG B 51 2.96 -1.50 -0.80
N HIS B 52 2.39 -0.36 -0.38
CA HIS B 52 3.04 0.95 -0.54
C HIS B 52 4.39 1.01 0.20
N GLU B 53 4.47 0.32 1.35
CA GLU B 53 5.73 0.29 2.15
C GLU B 53 6.89 -0.27 1.31
N LYS B 54 6.57 -1.16 0.35
CA LYS B 54 7.59 -1.74 -0.56
C LYS B 54 8.31 -0.63 -1.37
N VAL B 55 7.63 0.51 -1.58
CA VAL B 55 8.26 1.68 -2.26
C VAL B 55 9.45 2.20 -1.45
N HIS B 56 9.32 2.23 -0.12
CA HIS B 56 10.40 2.67 0.77
C HIS B 56 11.47 1.56 0.93
N ALA B 57 11.03 0.30 0.89
CA ALA B 57 11.95 -0.84 1.00
C ALA B 57 12.79 -1.01 -0.30
N GLY B 58 12.22 -0.58 -1.44
CA GLY B 58 12.91 -0.68 -2.74
C GLY B 58 12.65 -2.02 -3.45
N TYR B 59 13.14 -2.12 -4.69
CA TYR B 59 12.95 -3.31 -5.50
C TYR B 59 14.29 -3.85 -5.98
N PRO B 60 14.86 -4.82 -5.24
CA PRO B 60 16.19 -5.34 -5.52
C PRO B 60 16.18 -6.35 -6.67
N CYS B 61 17.20 -6.29 -7.52
CA CYS B 61 17.33 -7.19 -8.64
C CYS B 61 17.65 -8.62 -8.19
N LYS B 62 17.06 -9.60 -8.88
CA LYS B 62 17.34 -11.01 -8.65
C LYS B 62 17.32 -11.79 -9.98
N LYS B 63 17.31 -11.04 -11.11
CA LYS B 63 17.34 -11.65 -12.46
C LYS B 63 18.70 -12.33 -12.72
N ASP B 64 19.74 -11.90 -12.00
CA ASP B 64 21.08 -12.49 -12.11
C ASP B 64 21.80 -12.46 -10.74
N ASP B 65 22.56 -13.52 -10.44
CA ASP B 65 23.21 -13.67 -9.13
C ASP B 65 24.27 -12.58 -8.89
N SER B 66 24.82 -12.02 -9.98
CA SER B 66 25.89 -10.99 -9.89
C SER B 66 25.32 -9.57 -10.13
N CYS B 67 23.99 -9.41 -9.98
CA CYS B 67 23.37 -8.08 -10.00
C CYS B 67 23.22 -7.54 -8.55
N SER B 68 23.09 -6.21 -8.42
CA SER B 68 23.05 -5.56 -7.08
C SER B 68 22.18 -4.28 -7.09
N PHE B 69 21.55 -3.97 -8.24
CA PHE B 69 20.69 -2.79 -8.36
C PHE B 69 19.45 -2.90 -7.44
N VAL B 70 19.08 -1.77 -6.82
CA VAL B 70 17.80 -1.67 -6.09
C VAL B 70 17.03 -0.44 -6.55
N GLY B 71 15.81 -0.67 -7.05
CA GLY B 71 14.98 0.43 -7.57
C GLY B 71 14.20 1.13 -6.47
N LYS B 72 14.20 2.47 -6.49
CA LYS B 72 13.44 3.27 -5.51
C LYS B 72 11.92 3.09 -5.70
N THR B 73 11.52 2.59 -6.87
CA THR B 73 10.09 2.31 -7.18
C THR B 73 9.96 1.14 -8.15
N TRP B 74 8.76 0.57 -8.23
CA TRP B 74 8.51 -0.61 -9.07
C TRP B 74 8.87 -0.34 -10.54
N THR B 75 8.51 0.85 -11.05
CA THR B 75 8.84 1.23 -12.44
C THR B 75 10.35 1.16 -12.69
N LEU B 76 11.14 1.71 -11.77
CA LEU B 76 12.60 1.79 -11.95
C LEU B 76 13.22 0.38 -12.04
N TYR B 77 12.66 -0.57 -11.30
CA TYR B 77 13.11 -1.96 -11.37
C TYR B 77 12.71 -2.59 -12.71
N LEU B 78 11.45 -2.41 -13.11
CA LEU B 78 10.97 -2.94 -14.39
C LEU B 78 11.77 -2.35 -15.57
N LYS B 79 12.06 -1.04 -15.50
CA LYS B 79 12.88 -0.35 -16.52
C LYS B 79 14.32 -0.91 -16.54
N HIS B 80 14.89 -1.12 -15.36
CA HIS B 80 16.23 -1.73 -15.24
C HIS B 80 16.23 -3.16 -15.83
N VAL B 81 15.19 -3.94 -15.52
CA VAL B 81 15.05 -5.31 -16.03
C VAL B 81 15.00 -5.34 -17.55
N ALA B 82 14.20 -4.45 -18.12
CA ALA B 82 14.01 -4.41 -19.56
C ALA B 82 15.34 -4.06 -20.29
N GLU B 83 16.18 -3.27 -19.64
CA GLU B 83 17.44 -2.77 -20.23
C GLU B 83 18.63 -3.74 -19.96
N CYS B 84 18.58 -4.49 -18.84
CA CYS B 84 19.75 -5.27 -18.36
C CYS B 84 19.52 -6.81 -18.42
N HIS B 85 18.25 -7.24 -18.49
CA HIS B 85 17.92 -8.69 -18.47
C HIS B 85 16.87 -9.06 -19.55
N GLN B 86 16.61 -8.13 -20.49
CA GLN B 86 15.72 -8.40 -21.65
C GLN B 86 16.24 -7.69 -22.92
N ASP B 87 15.61 -7.96 -24.06
CA ASP B 87 16.00 -7.37 -25.34
C ASP B 87 14.79 -7.25 -26.29
N MET B 1 -18.93 -9.64 14.93
CA MET B 1 -19.45 -8.68 13.96
C MET B 1 -19.29 -7.24 14.49
N TYR B 2 -18.67 -6.38 13.68
CA TYR B 2 -18.38 -4.99 14.07
C TYR B 2 -19.27 -4.01 13.29
N VAL B 3 -20.04 -3.19 14.03
CA VAL B 3 -21.12 -2.36 13.43
C VAL B 3 -20.77 -0.87 13.45
N CYS B 4 -21.09 -0.18 12.35
CA CYS B 4 -21.00 1.28 12.27
C CYS B 4 -22.19 1.93 12.98
N HIS B 5 -21.90 2.87 13.88
CA HIS B 5 -22.93 3.54 14.67
C HIS B 5 -23.07 5.02 14.26
N PHE B 6 -22.67 5.34 13.01
CA PHE B 6 -22.94 6.66 12.42
C PHE B 6 -24.46 6.91 12.34
N GLU B 7 -24.86 8.18 12.35
CA GLU B 7 -26.28 8.54 12.44
C GLU B 7 -27.12 7.87 11.32
N ASN B 8 -28.03 6.97 11.74
CA ASN B 8 -29.00 6.31 10.81
C ASN B 8 -28.26 5.30 9.85
N CYS B 9 -27.02 4.94 10.19
CA CYS B 9 -26.22 4.03 9.36
C CYS B 9 -26.55 2.53 9.69
N GLY B 10 -25.97 2.04 10.80
CA GLY B 10 -26.28 0.68 11.29
C GLY B 10 -25.68 -0.45 10.41
N LYS B 11 -24.74 -0.10 9.50
CA LYS B 11 -24.08 -1.11 8.64
C LYS B 11 -23.15 -2.02 9.47
N ALA B 12 -23.09 -3.30 9.11
CA ALA B 12 -22.35 -4.30 9.91
C ALA B 12 -21.27 -4.99 9.05
N PHE B 13 -20.08 -5.17 9.65
CA PHE B 13 -18.91 -5.71 8.95
C PHE B 13 -18.33 -6.90 9.69
N LYS B 14 -17.62 -7.75 8.95
CA LYS B 14 -16.95 -8.92 9.52
C LYS B 14 -15.94 -8.50 10.59
N LYS B 15 -15.13 -7.48 10.27
CA LYS B 15 -13.97 -7.11 11.12
C LYS B 15 -13.86 -5.59 11.27
N HIS B 16 -13.25 -5.16 12.38
CA HIS B 16 -13.19 -3.72 12.73
C HIS B 16 -12.38 -2.92 11.69
N ASN B 17 -11.41 -3.57 11.04
CA ASN B 17 -10.64 -2.91 9.97
C ASN B 17 -11.56 -2.52 8.77
N GLN B 18 -12.56 -3.37 8.47
CA GLN B 18 -13.56 -3.03 7.44
C GLN B 18 -14.53 -1.95 7.96
N LEU B 19 -14.85 -2.00 9.26
CA LEU B 19 -15.69 -0.96 9.89
C LEU B 19 -14.99 0.41 9.81
N LYS B 20 -13.70 0.46 10.14
CA LYS B 20 -12.88 1.68 9.99
C LYS B 20 -12.89 2.15 8.53
N VAL B 21 -12.75 1.20 7.59
CA VAL B 21 -12.78 1.52 6.15
C VAL B 21 -14.10 2.19 5.75
N HIS B 22 -15.21 1.70 6.32
CA HIS B 22 -16.51 2.24 6.00
C HIS B 22 -16.69 3.67 6.59
N GLN B 23 -16.28 3.85 7.85
CA GLN B 23 -16.44 5.15 8.53
C GLN B 23 -15.58 6.24 7.86
N PHE B 24 -14.43 5.85 7.31
CA PHE B 24 -13.58 6.78 6.56
C PHE B 24 -14.38 7.46 5.42
N SER B 25 -15.40 6.77 4.89
CA SER B 25 -16.28 7.35 3.85
C SER B 25 -17.15 8.48 4.44
N HIS B 26 -17.77 8.25 5.61
CA HIS B 26 -18.60 9.28 6.28
C HIS B 26 -17.74 10.50 6.68
N THR B 27 -16.51 10.23 7.11
CA THR B 27 -15.57 11.30 7.56
C THR B 27 -14.87 11.96 6.35
N GLN B 28 -14.88 11.26 5.21
CA GLN B 28 -14.18 11.69 4.00
C GLN B 28 -12.66 11.94 4.25
N GLN B 29 -12.06 11.17 5.18
CA GLN B 29 -10.60 11.15 5.36
C GLN B 29 -10.09 9.70 5.38
N LEU B 30 -8.81 9.51 5.05
CA LEU B 30 -8.26 8.16 4.82
C LEU B 30 -7.57 7.62 6.09
N PRO B 31 -7.89 6.35 6.48
CA PRO B 31 -7.45 5.77 7.76
C PRO B 31 -5.99 5.30 7.75
N TYR B 32 -5.56 4.74 6.62
CA TYR B 32 -4.27 4.05 6.53
C TYR B 32 -3.21 4.97 5.94
N GLU B 33 -2.46 5.65 6.82
CA GLU B 33 -1.42 6.59 6.39
C GLU B 33 -0.02 5.93 6.43
N CYS B 34 0.81 6.25 5.43
CA CYS B 34 2.18 5.74 5.37
C CYS B 34 3.08 6.48 6.41
N PRO B 35 3.68 5.71 7.36
CA PRO B 35 4.42 6.27 8.49
C PRO B 35 5.93 6.45 8.21
N HIS B 36 6.36 6.19 6.97
CA HIS B 36 7.78 6.23 6.61
C HIS B 36 8.30 7.68 6.57
N GLU B 37 9.59 7.86 6.90
CA GLU B 37 10.21 9.19 6.92
C GLU B 37 10.21 9.82 5.52
N GLY B 38 9.70 11.06 5.42
CA GLY B 38 9.69 11.79 4.14
C GLY B 38 8.42 11.49 3.29
N CYS B 39 7.50 10.67 3.85
CA CYS B 39 6.27 10.31 3.17
C CYS B 39 5.03 10.75 3.99
N ASP B 40 3.91 11.00 3.30
CA ASP B 40 2.66 11.42 3.95
C ASP B 40 1.42 10.91 3.16
N LYS B 41 1.63 9.93 2.28
CA LYS B 41 0.54 9.33 1.48
C LYS B 41 -0.44 8.57 2.39
N ARG B 42 -1.71 8.53 1.99
CA ARG B 42 -2.77 7.80 2.76
C ARG B 42 -3.63 6.97 1.82
N PHE B 43 -4.15 5.87 2.35
CA PHE B 43 -4.83 4.85 1.53
C PHE B 43 -6.14 4.41 2.17
N SER B 44 -6.99 3.77 1.38
CA SER B 44 -8.35 3.42 1.79
C SER B 44 -8.39 2.06 2.50
N LEU B 45 -7.36 1.22 2.27
CA LEU B 45 -7.31 -0.13 2.87
C LEU B 45 -5.88 -0.46 3.35
N PRO B 46 -5.77 -1.35 4.36
CA PRO B 46 -4.47 -1.74 4.93
C PRO B 46 -3.61 -2.52 3.94
N SER B 47 -4.26 -3.32 3.10
CA SER B 47 -3.57 -4.07 2.03
C SER B 47 -2.93 -3.10 1.02
N ARG B 48 -3.62 -1.99 0.72
CA ARG B 48 -3.11 -0.98 -0.22
C ARG B 48 -1.91 -0.23 0.38
N LEU B 49 -2.00 0.13 1.66
CA LEU B 49 -0.89 0.74 2.39
C LEU B 49 0.31 -0.25 2.48
N LYS B 50 0.03 -1.50 2.84
CA LYS B 50 1.08 -2.54 2.96
C LYS B 50 1.81 -2.73 1.63
N ARG B 51 1.07 -2.62 0.51
CA ARG B 51 1.68 -2.68 -0.83
C ARG B 51 2.45 -1.38 -1.15
N HIS B 52 1.98 -0.24 -0.62
CA HIS B 52 2.70 1.04 -0.76
C HIS B 52 4.05 1.00 0.00
N GLU B 53 4.08 0.36 1.16
CA GLU B 53 5.30 0.26 1.97
C GLU B 53 6.43 -0.43 1.18
N LYS B 54 6.06 -1.35 0.27
CA LYS B 54 7.03 -2.04 -0.60
C LYS B 54 7.82 -1.04 -1.47
N VAL B 55 7.21 0.12 -1.75
CA VAL B 55 7.89 1.19 -2.51
C VAL B 55 9.13 1.68 -1.74
N HIS B 56 8.99 1.86 -0.43
CA HIS B 56 10.11 2.29 0.43
C HIS B 56 11.11 1.14 0.68
N ALA B 57 10.62 -0.11 0.65
CA ALA B 57 11.47 -1.29 0.79
C ALA B 57 12.35 -1.49 -0.48
N GLY B 58 11.87 -0.97 -1.62
CA GLY B 58 12.62 -1.04 -2.87
C GLY B 58 12.33 -2.32 -3.66
N TYR B 59 12.83 -2.38 -4.90
CA TYR B 59 12.64 -3.53 -5.78
C TYR B 59 13.99 -4.06 -6.24
N PRO B 60 14.54 -5.07 -5.54
CA PRO B 60 15.91 -5.53 -5.77
C PRO B 60 16.00 -6.51 -6.94
N CYS B 61 17.12 -6.45 -7.66
CA CYS B 61 17.37 -7.33 -8.78
C CYS B 61 17.74 -8.75 -8.31
N LYS B 62 17.22 -9.75 -9.04
CA LYS B 62 17.59 -11.15 -8.82
C LYS B 62 17.68 -11.90 -10.16
N LYS B 63 17.71 -11.13 -11.27
CA LYS B 63 17.83 -11.71 -12.63
C LYS B 63 19.21 -12.37 -12.82
N ASP B 64 20.20 -11.92 -12.03
CA ASP B 64 21.55 -12.49 -12.06
C ASP B 64 22.21 -12.42 -10.66
N ASP B 65 22.97 -13.47 -10.31
CA ASP B 65 23.54 -13.58 -8.95
C ASP B 65 24.65 -12.51 -8.71
N SER B 66 25.23 -11.98 -9.79
CA SER B 66 26.27 -10.93 -9.70
C SER B 66 25.66 -9.52 -9.90
N CYS B 67 24.34 -9.40 -9.74
CA CYS B 67 23.65 -8.10 -9.76
C CYS B 67 23.37 -7.63 -8.30
N SER B 68 23.14 -6.32 -8.13
CA SER B 68 22.92 -5.74 -6.79
C SER B 68 22.06 -4.45 -6.85
N PHE B 69 21.49 -4.16 -8.02
CA PHE B 69 20.63 -2.97 -8.20
C PHE B 69 19.35 -3.07 -7.35
N VAL B 70 18.95 -1.96 -6.73
CA VAL B 70 17.64 -1.85 -6.07
C VAL B 70 16.91 -0.60 -6.55
N GLY B 71 15.70 -0.79 -7.08
CA GLY B 71 14.90 0.35 -7.60
C GLY B 71 14.05 0.99 -6.51
N LYS B 72 13.97 2.33 -6.54
CA LYS B 72 13.12 3.08 -5.60
C LYS B 72 11.61 2.85 -5.90
N THR B 73 11.31 2.39 -7.12
CA THR B 73 9.93 2.05 -7.51
C THR B 73 9.93 0.90 -8.51
N TRP B 74 8.78 0.25 -8.66
CA TRP B 74 8.65 -0.94 -9.50
C TRP B 74 9.06 -0.62 -10.96
N THR B 75 8.68 0.56 -11.46
CA THR B 75 9.05 1.00 -12.82
C THR B 75 10.58 0.99 -13.00
N LEU B 76 11.29 1.57 -12.03
CA LEU B 76 12.76 1.71 -12.13
C LEU B 76 13.44 0.32 -12.21
N TYR B 77 12.88 -0.67 -11.50
CA TYR B 77 13.39 -2.04 -11.57
C TYR B 77 13.10 -2.65 -12.95
N LEU B 78 11.86 -2.51 -13.41
CA LEU B 78 11.46 -3.04 -14.73
C LEU B 78 12.31 -2.40 -15.85
N LYS B 79 12.58 -1.09 -15.72
CA LYS B 79 13.45 -0.36 -16.68
C LYS B 79 14.89 -0.91 -16.62
N HIS B 80 15.41 -1.14 -15.41
CA HIS B 80 16.74 -1.73 -15.24
C HIS B 80 16.81 -3.14 -15.85
N VAL B 81 15.76 -3.93 -15.63
CA VAL B 81 15.68 -5.30 -16.18
C VAL B 81 15.70 -5.28 -17.69
N ALA B 82 14.92 -4.39 -18.29
CA ALA B 82 14.80 -4.32 -19.74
C ALA B 82 16.16 -3.98 -20.40
N GLU B 83 16.98 -3.18 -19.70
CA GLU B 83 18.27 -2.70 -20.25
C GLU B 83 19.43 -3.67 -19.94
N CYS B 84 19.35 -4.38 -18.78
CA CYS B 84 20.50 -5.16 -18.27
C CYS B 84 20.27 -6.69 -18.36
N HIS B 85 19.00 -7.13 -18.47
CA HIS B 85 18.67 -8.57 -18.52
C HIS B 85 17.61 -8.89 -19.61
N GLN B 86 17.46 -7.97 -20.58
CA GLN B 86 16.51 -8.16 -21.70
C GLN B 86 16.97 -7.36 -22.94
N ASP B 87 16.20 -7.47 -24.03
CA ASP B 87 16.52 -6.79 -25.30
C ASP B 87 15.23 -6.47 -26.08
N MET B 1 -19.00 -9.56 15.25
CA MET B 1 -19.54 -8.56 14.34
C MET B 1 -19.27 -7.13 14.87
N TYR B 2 -18.66 -6.30 14.04
CA TYR B 2 -18.29 -4.92 14.41
C TYR B 2 -19.19 -3.91 13.66
N VAL B 3 -19.88 -3.06 14.42
CA VAL B 3 -20.96 -2.20 13.87
C VAL B 3 -20.57 -0.71 13.90
N CYS B 4 -20.91 0.00 12.82
CA CYS B 4 -20.78 1.45 12.76
C CYS B 4 -21.93 2.12 13.51
N HIS B 5 -21.59 3.02 14.42
CA HIS B 5 -22.59 3.71 15.26
C HIS B 5 -22.70 5.20 14.86
N PHE B 6 -22.33 5.52 13.62
CA PHE B 6 -22.57 6.85 13.05
C PHE B 6 -24.09 7.13 12.99
N GLU B 7 -24.47 8.41 13.02
CA GLU B 7 -25.88 8.80 13.15
C GLU B 7 -26.74 8.17 12.02
N ASN B 8 -27.67 7.27 12.42
CA ASN B 8 -28.65 6.65 11.50
C ASN B 8 -27.96 5.66 10.51
N CYS B 9 -26.71 5.26 10.81
CA CYS B 9 -25.94 4.35 9.95
C CYS B 9 -26.29 2.87 10.25
N GLY B 10 -25.73 2.32 11.34
CA GLY B 10 -26.07 0.97 11.81
C GLY B 10 -25.50 -0.16 10.91
N LYS B 11 -24.55 0.17 10.02
CA LYS B 11 -23.93 -0.84 9.13
C LYS B 11 -23.03 -1.78 9.94
N ALA B 12 -23.00 -3.07 9.57
CA ALA B 12 -22.29 -4.10 10.34
C ALA B 12 -21.25 -4.85 9.45
N PHE B 13 -20.06 -5.08 10.03
CA PHE B 13 -18.94 -5.68 9.29
C PHE B 13 -18.40 -6.92 10.00
N LYS B 14 -17.76 -7.80 9.23
CA LYS B 14 -17.12 -9.00 9.77
C LYS B 14 -15.94 -8.63 10.69
N LYS B 15 -15.15 -7.63 10.27
CA LYS B 15 -13.90 -7.26 10.98
C LYS B 15 -13.82 -5.74 11.20
N HIS B 16 -13.24 -5.34 12.34
CA HIS B 16 -13.20 -3.91 12.74
C HIS B 16 -12.39 -3.08 11.75
N ASN B 17 -11.41 -3.68 11.09
CA ASN B 17 -10.63 -2.97 10.06
C ASN B 17 -11.53 -2.55 8.85
N GLN B 18 -12.56 -3.35 8.56
CA GLN B 18 -13.58 -2.97 7.54
C GLN B 18 -14.50 -1.85 8.10
N LEU B 19 -14.85 -1.94 9.39
CA LEU B 19 -15.61 -0.89 10.07
C LEU B 19 -14.83 0.46 10.03
N LYS B 20 -13.54 0.39 10.36
CA LYS B 20 -12.65 1.56 10.26
C LYS B 20 -12.63 2.11 8.82
N VAL B 21 -12.56 1.21 7.84
CA VAL B 21 -12.61 1.60 6.40
C VAL B 21 -13.93 2.32 6.08
N HIS B 22 -15.04 1.83 6.64
CA HIS B 22 -16.35 2.40 6.38
C HIS B 22 -16.47 3.81 7.00
N GLN B 23 -16.03 3.96 8.27
CA GLN B 23 -16.16 5.25 8.98
C GLN B 23 -15.31 6.34 8.34
N PHE B 24 -14.18 5.95 7.75
CA PHE B 24 -13.32 6.91 7.01
C PHE B 24 -14.14 7.64 5.91
N SER B 25 -15.18 6.97 5.37
CA SER B 25 -16.08 7.60 4.38
C SER B 25 -16.90 8.74 5.01
N HIS B 26 -17.50 8.48 6.19
CA HIS B 26 -18.30 9.52 6.90
C HIS B 26 -17.41 10.70 7.33
N THR B 27 -16.16 10.40 7.73
CA THR B 27 -15.21 11.43 8.19
C THR B 27 -14.52 12.12 6.98
N GLN B 28 -14.58 11.46 5.83
CA GLN B 28 -13.90 11.92 4.59
C GLN B 28 -12.37 12.13 4.82
N GLN B 29 -11.78 11.34 5.72
CA GLN B 29 -10.30 11.28 5.87
C GLN B 29 -9.82 9.81 5.82
N LEU B 30 -8.56 9.61 5.44
CA LEU B 30 -8.05 8.26 5.15
C LEU B 30 -7.35 7.64 6.38
N PRO B 31 -7.68 6.37 6.71
CA PRO B 31 -7.23 5.74 7.96
C PRO B 31 -5.78 5.25 7.91
N TYR B 32 -5.35 4.74 6.74
CA TYR B 32 -4.08 4.06 6.60
C TYR B 32 -3.03 4.99 5.99
N GLU B 33 -2.25 5.66 6.85
CA GLU B 33 -1.25 6.64 6.38
C GLU B 33 0.17 6.03 6.46
N CYS B 34 1.00 6.36 5.46
CA CYS B 34 2.39 5.93 5.43
C CYS B 34 3.24 6.76 6.44
N PRO B 35 3.89 6.08 7.42
CA PRO B 35 4.60 6.74 8.52
C PRO B 35 6.09 6.98 8.22
N HIS B 36 6.53 6.67 6.99
CA HIS B 36 7.96 6.78 6.62
C HIS B 36 8.43 8.24 6.65
N GLU B 37 9.72 8.44 6.97
CA GLU B 37 10.31 9.79 7.05
C GLU B 37 10.33 10.47 5.66
N GLY B 38 9.67 11.63 5.56
CA GLY B 38 9.64 12.39 4.30
C GLY B 38 8.43 12.00 3.40
N CYS B 39 7.59 11.07 3.90
CA CYS B 39 6.40 10.61 3.17
C CYS B 39 5.11 10.99 3.95
N ASP B 40 3.99 11.10 3.22
CA ASP B 40 2.72 11.54 3.82
C ASP B 40 1.49 10.99 3.03
N LYS B 41 1.73 9.99 2.14
CA LYS B 41 0.62 9.36 1.38
C LYS B 41 -0.33 8.61 2.32
N ARG B 42 -1.62 8.59 1.97
CA ARG B 42 -2.65 7.86 2.77
C ARG B 42 -3.54 7.03 1.85
N PHE B 43 -4.06 5.94 2.40
CA PHE B 43 -4.75 4.92 1.61
C PHE B 43 -6.04 4.50 2.28
N SER B 44 -6.94 3.91 1.49
CA SER B 44 -8.28 3.56 1.96
C SER B 44 -8.29 2.22 2.68
N LEU B 45 -7.36 1.32 2.30
CA LEU B 45 -7.29 -0.05 2.87
C LEU B 45 -5.85 -0.39 3.29
N PRO B 46 -5.69 -1.32 4.27
CA PRO B 46 -4.36 -1.71 4.77
C PRO B 46 -3.52 -2.44 3.72
N SER B 47 -4.20 -3.17 2.82
CA SER B 47 -3.53 -3.86 1.70
C SER B 47 -2.82 -2.84 0.78
N ARG B 48 -3.44 -1.69 0.59
CA ARG B 48 -2.90 -0.63 -0.29
C ARG B 48 -1.70 0.05 0.37
N LEU B 49 -1.80 0.31 1.67
CA LEU B 49 -0.67 0.86 2.44
C LEU B 49 0.49 -0.15 2.49
N LYS B 50 0.17 -1.42 2.74
CA LYS B 50 1.18 -2.51 2.73
C LYS B 50 1.96 -2.52 1.40
N ARG B 51 1.23 -2.42 0.28
CA ARG B 51 1.85 -2.37 -1.06
C ARG B 51 2.64 -1.05 -1.26
N HIS B 52 2.18 0.02 -0.62
CA HIS B 52 2.89 1.31 -0.67
C HIS B 52 4.23 1.24 0.10
N GLU B 53 4.23 0.57 1.26
CA GLU B 53 5.46 0.43 2.07
C GLU B 53 6.57 -0.29 1.27
N LYS B 54 6.16 -1.20 0.37
CA LYS B 54 7.11 -1.90 -0.52
C LYS B 54 7.91 -0.90 -1.40
N VAL B 55 7.32 0.28 -1.67
CA VAL B 55 8.01 1.33 -2.43
C VAL B 55 9.28 1.79 -1.68
N HIS B 56 9.17 1.95 -0.36
CA HIS B 56 10.30 2.37 0.49
C HIS B 56 11.29 1.21 0.70
N ALA B 57 10.80 -0.03 0.69
CA ALA B 57 11.64 -1.21 0.81
C ALA B 57 12.47 -1.43 -0.48
N GLY B 58 11.95 -0.93 -1.61
CA GLY B 58 12.68 -0.99 -2.88
C GLY B 58 12.39 -2.26 -3.68
N TYR B 59 12.85 -2.28 -4.93
CA TYR B 59 12.64 -3.42 -5.82
C TYR B 59 13.99 -3.93 -6.34
N PRO B 60 14.58 -4.95 -5.67
CA PRO B 60 15.93 -5.40 -5.95
C PRO B 60 16.00 -6.36 -7.14
N CYS B 61 17.09 -6.27 -7.88
CA CYS B 61 17.32 -7.14 -9.02
C CYS B 61 17.70 -8.56 -8.57
N LYS B 62 17.19 -9.56 -9.30
CA LYS B 62 17.56 -10.96 -9.09
C LYS B 62 17.63 -11.71 -10.44
N LYS B 63 17.64 -10.93 -11.54
CA LYS B 63 17.76 -11.51 -12.90
C LYS B 63 19.14 -12.16 -13.11
N ASP B 64 20.13 -11.72 -12.32
CA ASP B 64 21.48 -12.32 -12.37
C ASP B 64 22.14 -12.25 -10.98
N ASP B 65 22.92 -13.28 -10.65
CA ASP B 65 23.55 -13.40 -9.32
C ASP B 65 24.59 -12.27 -9.09
N SER B 66 25.17 -11.74 -10.18
CA SER B 66 26.21 -10.69 -10.11
C SER B 66 25.59 -9.28 -10.27
N CYS B 67 24.26 -9.19 -10.11
CA CYS B 67 23.57 -7.89 -10.10
C CYS B 67 23.32 -7.42 -8.64
N SER B 68 23.09 -6.12 -8.46
CA SER B 68 22.93 -5.54 -7.10
C SER B 68 22.05 -4.26 -7.12
N PHE B 69 21.45 -3.95 -8.28
CA PHE B 69 20.59 -2.77 -8.43
C PHE B 69 19.33 -2.90 -7.56
N VAL B 70 18.94 -1.80 -6.91
CA VAL B 70 17.63 -1.70 -6.22
C VAL B 70 16.89 -0.45 -6.66
N GLY B 71 15.67 -0.64 -7.17
CA GLY B 71 14.86 0.50 -7.66
C GLY B 71 14.03 1.13 -6.55
N LYS B 72 13.95 2.47 -6.55
CA LYS B 72 13.11 3.21 -5.58
C LYS B 72 11.61 2.98 -5.85
N THR B 73 11.28 2.54 -7.08
CA THR B 73 9.88 2.20 -7.44
C THR B 73 9.86 1.05 -8.45
N TRP B 74 8.71 0.41 -8.55
CA TRP B 74 8.56 -0.78 -9.40
C TRP B 74 8.93 -0.48 -10.87
N THR B 75 8.55 0.72 -11.36
CA THR B 75 8.90 1.15 -12.72
C THR B 75 10.41 1.14 -12.93
N LEU B 76 11.16 1.71 -11.98
CA LEU B 76 12.63 1.84 -12.12
C LEU B 76 13.31 0.47 -12.22
N TYR B 77 12.77 -0.52 -11.50
CA TYR B 77 13.27 -1.89 -11.58
C TYR B 77 12.94 -2.49 -12.97
N LEU B 78 11.69 -2.35 -13.39
CA LEU B 78 11.26 -2.88 -14.69
C LEU B 78 12.06 -2.23 -15.85
N LYS B 79 12.31 -0.92 -15.75
CA LYS B 79 13.15 -0.20 -16.73
C LYS B 79 14.60 -0.73 -16.72
N HIS B 80 15.15 -0.95 -15.52
CA HIS B 80 16.50 -1.52 -15.37
C HIS B 80 16.57 -2.93 -15.98
N VAL B 81 15.52 -3.74 -15.74
CA VAL B 81 15.44 -5.10 -16.28
C VAL B 81 15.40 -5.09 -17.80
N ALA B 82 14.58 -4.21 -18.36
CA ALA B 82 14.41 -4.15 -19.81
C ALA B 82 15.73 -3.74 -20.51
N GLU B 83 16.52 -2.89 -19.84
CA GLU B 83 17.76 -2.35 -20.43
C GLU B 83 19.00 -3.26 -20.15
N CYS B 84 18.96 -4.02 -19.03
CA CYS B 84 20.15 -4.74 -18.54
C CYS B 84 20.00 -6.28 -18.65
N HIS B 85 18.77 -6.78 -18.74
CA HIS B 85 18.52 -8.26 -18.78
C HIS B 85 17.53 -8.65 -19.92
N GLN B 86 17.22 -7.70 -20.80
CA GLN B 86 16.36 -7.96 -21.97
C GLN B 86 16.84 -7.15 -23.20
N ASP B 87 16.19 -7.37 -24.35
CA ASP B 87 16.55 -6.67 -25.59
C ASP B 87 15.31 -6.54 -26.51
N MET B 1 -19.09 -9.47 16.21
CA MET B 1 -19.57 -8.54 15.17
C MET B 1 -19.26 -7.08 15.55
N TYR B 2 -18.66 -6.34 14.63
CA TYR B 2 -18.28 -4.95 14.84
C TYR B 2 -19.18 -4.01 14.03
N VAL B 3 -19.91 -3.14 14.73
CA VAL B 3 -21.01 -2.34 14.11
C VAL B 3 -20.65 -0.85 14.03
N CYS B 4 -20.99 -0.22 12.90
CA CYS B 4 -20.91 1.23 12.74
C CYS B 4 -22.08 1.91 13.45
N HIS B 5 -21.77 2.90 14.31
CA HIS B 5 -22.79 3.60 15.09
C HIS B 5 -22.95 5.06 14.60
N PHE B 6 -22.59 5.30 13.33
CA PHE B 6 -22.89 6.60 12.69
C PHE B 6 -24.41 6.82 12.63
N GLU B 7 -24.82 8.09 12.59
CA GLU B 7 -26.24 8.46 12.71
C GLU B 7 -27.09 7.74 11.62
N ASN B 8 -27.99 6.85 12.07
CA ASN B 8 -28.95 6.15 11.19
C ASN B 8 -28.24 5.12 10.27
N CYS B 9 -26.99 4.76 10.59
CA CYS B 9 -26.20 3.82 9.78
C CYS B 9 -26.51 2.34 10.19
N GLY B 10 -25.91 1.90 11.30
CA GLY B 10 -26.21 0.57 11.86
C GLY B 10 -25.63 -0.60 11.02
N LYS B 11 -24.69 -0.30 10.10
CA LYS B 11 -24.03 -1.34 9.28
C LYS B 11 -23.11 -2.20 10.15
N ALA B 12 -23.06 -3.51 9.87
CA ALA B 12 -22.32 -4.47 10.71
C ALA B 12 -21.26 -5.23 9.90
N PHE B 13 -20.08 -5.40 10.49
CA PHE B 13 -18.94 -6.03 9.81
C PHE B 13 -18.38 -7.18 10.64
N LYS B 14 -17.72 -8.13 9.96
CA LYS B 14 -17.12 -9.27 10.62
C LYS B 14 -15.87 -8.84 11.44
N LYS B 15 -15.12 -7.85 10.92
CA LYS B 15 -13.87 -7.38 11.60
C LYS B 15 -13.85 -5.84 11.73
N HIS B 16 -13.19 -5.34 12.77
CA HIS B 16 -13.17 -3.90 13.08
C HIS B 16 -12.39 -3.11 12.02
N ASN B 17 -11.40 -3.74 11.37
CA ASN B 17 -10.64 -3.07 10.31
C ASN B 17 -11.55 -2.74 9.09
N GLN B 18 -12.57 -3.58 8.84
CA GLN B 18 -13.60 -3.28 7.83
C GLN B 18 -14.54 -2.16 8.32
N LEU B 19 -14.86 -2.18 9.63
CA LEU B 19 -15.67 -1.12 10.24
C LEU B 19 -14.95 0.25 10.09
N LYS B 20 -13.65 0.28 10.41
CA LYS B 20 -12.81 1.48 10.19
C LYS B 20 -12.85 1.92 8.72
N VAL B 21 -12.73 0.94 7.81
CA VAL B 21 -12.80 1.21 6.35
C VAL B 21 -14.15 1.87 5.99
N HIS B 22 -15.23 1.38 6.59
CA HIS B 22 -16.56 1.88 6.30
C HIS B 22 -16.75 3.34 6.82
N GLN B 23 -16.30 3.59 8.05
CA GLN B 23 -16.47 4.92 8.68
C GLN B 23 -15.66 5.99 7.94
N PHE B 24 -14.52 5.60 7.37
CA PHE B 24 -13.71 6.52 6.56
C PHE B 24 -14.55 7.15 5.42
N SER B 25 -15.58 6.41 4.95
CA SER B 25 -16.50 6.93 3.92
C SER B 25 -17.36 8.09 4.48
N HIS B 26 -17.94 7.91 5.68
CA HIS B 26 -18.76 8.96 6.32
C HIS B 26 -17.91 10.20 6.66
N THR B 27 -16.66 9.96 7.06
CA THR B 27 -15.73 11.06 7.42
C THR B 27 -15.08 11.68 6.17
N GLN B 28 -15.14 10.94 5.05
CA GLN B 28 -14.50 11.32 3.79
C GLN B 28 -12.97 11.62 3.97
N GLN B 29 -12.34 10.89 4.91
CA GLN B 29 -10.86 10.91 5.03
C GLN B 29 -10.32 9.46 5.11
N LEU B 30 -9.05 9.29 4.73
CA LEU B 30 -8.49 7.93 4.56
C LEU B 30 -7.74 7.47 5.83
N PRO B 31 -8.02 6.24 6.30
CA PRO B 31 -7.52 5.76 7.60
C PRO B 31 -6.06 5.31 7.57
N TYR B 32 -5.66 4.66 6.48
CA TYR B 32 -4.35 4.00 6.39
C TYR B 32 -3.33 4.92 5.74
N GLU B 33 -2.58 5.66 6.55
CA GLU B 33 -1.58 6.60 6.05
C GLU B 33 -0.16 5.99 6.09
N CYS B 34 0.64 6.31 5.07
CA CYS B 34 2.04 5.89 5.04
C CYS B 34 2.89 6.75 6.04
N PRO B 35 3.56 6.09 7.02
CA PRO B 35 4.23 6.78 8.11
C PRO B 35 5.72 7.10 7.80
N HIS B 36 6.15 6.82 6.56
CA HIS B 36 7.55 7.03 6.16
C HIS B 36 7.93 8.52 6.20
N GLU B 37 9.18 8.80 6.60
CA GLU B 37 9.68 10.18 6.69
C GLU B 37 9.80 10.82 5.29
N GLY B 38 8.91 11.79 5.01
CA GLY B 38 8.90 12.48 3.71
C GLY B 38 7.73 12.06 2.80
N CYS B 39 6.92 11.10 3.27
CA CYS B 39 5.75 10.62 2.54
C CYS B 39 4.44 11.11 3.21
N ASP B 40 3.36 11.19 2.42
CA ASP B 40 2.06 11.69 2.91
C ASP B 40 0.88 10.95 2.23
N LYS B 41 1.20 9.84 1.53
CA LYS B 41 0.17 9.03 0.85
C LYS B 41 -0.79 8.39 1.87
N ARG B 42 -2.07 8.29 1.50
CA ARG B 42 -3.08 7.60 2.35
C ARG B 42 -3.93 6.66 1.50
N PHE B 43 -4.41 5.59 2.12
CA PHE B 43 -5.05 4.49 1.41
C PHE B 43 -6.34 4.07 2.10
N SER B 44 -7.22 3.43 1.35
CA SER B 44 -8.55 3.05 1.83
C SER B 44 -8.49 1.74 2.63
N LEU B 45 -7.51 0.88 2.32
CA LEU B 45 -7.38 -0.42 2.98
C LEU B 45 -5.93 -0.67 3.45
N PRO B 46 -5.74 -1.52 4.48
CA PRO B 46 -4.39 -1.82 5.01
C PRO B 46 -3.53 -2.57 4.01
N SER B 47 -4.17 -3.40 3.17
CA SER B 47 -3.46 -4.15 2.11
C SER B 47 -2.85 -3.20 1.07
N ARG B 48 -3.59 -2.11 0.75
CA ARG B 48 -3.10 -1.10 -0.21
C ARG B 48 -1.91 -0.33 0.37
N LEU B 49 -1.99 0.02 1.66
CA LEU B 49 -0.90 0.69 2.36
C LEU B 49 0.34 -0.23 2.44
N LYS B 50 0.12 -1.50 2.84
CA LYS B 50 1.22 -2.46 2.98
C LYS B 50 1.94 -2.69 1.65
N ARG B 51 1.18 -2.70 0.54
CA ARG B 51 1.77 -2.83 -0.81
C ARG B 51 2.52 -1.55 -1.19
N HIS B 52 1.97 -0.38 -0.83
CA HIS B 52 2.66 0.91 -1.03
C HIS B 52 4.01 0.94 -0.28
N GLU B 53 4.07 0.27 0.88
CA GLU B 53 5.30 0.22 1.68
C GLU B 53 6.47 -0.38 0.87
N LYS B 54 6.15 -1.30 -0.05
CA LYS B 54 7.17 -1.91 -0.94
C LYS B 54 7.91 -0.84 -1.77
N VAL B 55 7.25 0.30 -2.03
CA VAL B 55 7.90 1.43 -2.75
C VAL B 55 9.10 1.96 -1.96
N HIS B 56 8.95 2.08 -0.64
CA HIS B 56 10.04 2.56 0.23
C HIS B 56 11.09 1.46 0.48
N ALA B 57 10.65 0.19 0.46
CA ALA B 57 11.57 -0.95 0.58
C ALA B 57 12.42 -1.12 -0.72
N GLY B 58 11.85 -0.70 -1.86
CA GLY B 58 12.56 -0.77 -3.14
C GLY B 58 12.37 -2.11 -3.85
N TYR B 59 12.89 -2.21 -5.07
CA TYR B 59 12.77 -3.41 -5.88
C TYR B 59 14.15 -3.91 -6.31
N PRO B 60 14.73 -4.86 -5.55
CA PRO B 60 16.09 -5.31 -5.78
C PRO B 60 16.18 -6.31 -6.93
N CYS B 61 17.25 -6.22 -7.70
CA CYS B 61 17.48 -7.10 -8.83
C CYS B 61 17.84 -8.51 -8.37
N LYS B 62 17.32 -9.50 -9.09
CA LYS B 62 17.65 -10.92 -8.85
C LYS B 62 17.76 -11.68 -10.18
N LYS B 63 17.80 -10.93 -11.29
CA LYS B 63 17.95 -11.53 -12.64
C LYS B 63 19.35 -12.16 -12.81
N ASP B 64 20.32 -11.69 -12.01
CA ASP B 64 21.68 -12.25 -12.04
C ASP B 64 22.36 -12.08 -10.65
N ASP B 65 23.19 -13.06 -10.29
CA ASP B 65 23.83 -13.09 -8.96
C ASP B 65 24.83 -11.92 -8.78
N SER B 66 25.41 -11.44 -9.90
CA SER B 66 26.40 -10.35 -9.88
C SER B 66 25.72 -8.98 -10.13
N CYS B 67 24.40 -8.91 -9.93
CA CYS B 67 23.64 -7.67 -10.03
C CYS B 67 23.05 -7.29 -8.65
N SER B 68 23.19 -6.01 -8.27
CA SER B 68 22.81 -5.54 -6.91
C SER B 68 22.02 -4.22 -6.96
N PHE B 69 21.50 -3.87 -8.15
CA PHE B 69 20.66 -2.67 -8.31
C PHE B 69 19.37 -2.79 -7.48
N VAL B 70 18.94 -1.67 -6.90
CA VAL B 70 17.62 -1.57 -6.24
C VAL B 70 16.83 -0.38 -6.77
N GLY B 71 15.65 -0.64 -7.31
CA GLY B 71 14.80 0.43 -7.86
C GLY B 71 13.96 1.10 -6.79
N LYS B 72 13.96 2.44 -6.80
CA LYS B 72 13.14 3.23 -5.83
C LYS B 72 11.64 3.05 -6.09
N THR B 73 11.29 2.52 -7.28
CA THR B 73 9.89 2.19 -7.63
C THR B 73 9.85 1.03 -8.60
N TRP B 74 8.68 0.39 -8.71
CA TRP B 74 8.52 -0.80 -9.55
C TRP B 74 8.91 -0.52 -11.02
N THR B 75 8.53 0.65 -11.54
CA THR B 75 8.89 1.05 -12.91
C THR B 75 10.40 1.04 -13.11
N LEU B 76 11.15 1.63 -12.17
CA LEU B 76 12.61 1.76 -12.31
C LEU B 76 13.29 0.38 -12.37
N TYR B 77 12.76 -0.59 -11.63
CA TYR B 77 13.26 -1.96 -11.69
C TYR B 77 12.94 -2.61 -13.04
N LEU B 78 11.67 -2.49 -13.46
CA LEU B 78 11.25 -3.05 -14.74
C LEU B 78 12.05 -2.44 -15.92
N LYS B 79 12.27 -1.13 -15.88
CA LYS B 79 13.08 -0.42 -16.90
C LYS B 79 14.55 -0.89 -16.86
N HIS B 80 15.09 -1.07 -15.65
CA HIS B 80 16.45 -1.60 -15.48
C HIS B 80 16.55 -3.03 -16.05
N VAL B 81 15.53 -3.86 -15.77
CA VAL B 81 15.49 -5.24 -16.26
C VAL B 81 15.46 -5.28 -17.78
N ALA B 82 14.62 -4.44 -18.39
CA ALA B 82 14.46 -4.42 -19.84
C ALA B 82 15.78 -4.04 -20.54
N GLU B 83 16.58 -3.18 -19.89
CA GLU B 83 17.83 -2.65 -20.47
C GLU B 83 19.05 -3.58 -20.16
N CYS B 84 19.01 -4.27 -19.01
CA CYS B 84 20.21 -4.98 -18.49
C CYS B 84 20.07 -6.52 -18.58
N HIS B 85 18.83 -7.02 -18.66
CA HIS B 85 18.58 -8.49 -18.65
C HIS B 85 17.58 -8.92 -19.77
N GLN B 86 17.28 -8.00 -20.70
CA GLN B 86 16.43 -8.31 -21.87
C GLN B 86 16.93 -7.56 -23.12
N ASP B 87 16.30 -7.84 -24.27
CA ASP B 87 16.67 -7.22 -25.55
C ASP B 87 15.46 -7.12 -26.49
N MET B 1 -18.27 -10.58 14.69
CA MET B 1 -18.82 -9.65 13.72
C MET B 1 -18.71 -8.20 14.24
N TYR B 2 -18.14 -7.32 13.41
CA TYR B 2 -17.89 -5.92 13.79
C TYR B 2 -18.82 -4.98 13.02
N VAL B 3 -19.60 -4.18 13.76
CA VAL B 3 -20.72 -3.40 13.17
C VAL B 3 -20.43 -1.89 13.19
N CYS B 4 -20.78 -1.21 12.09
CA CYS B 4 -20.74 0.24 12.01
C CYS B 4 -21.95 0.85 12.72
N HIS B 5 -21.69 1.79 13.62
CA HIS B 5 -22.74 2.44 14.42
C HIS B 5 -22.93 3.91 13.99
N PHE B 6 -22.56 4.23 12.73
CA PHE B 6 -22.88 5.53 12.15
C PHE B 6 -24.41 5.71 12.06
N GLU B 7 -24.86 6.97 12.06
CA GLU B 7 -26.31 7.27 12.16
C GLU B 7 -27.10 6.56 11.05
N ASN B 8 -27.99 5.62 11.46
CA ASN B 8 -28.91 4.92 10.53
C ASN B 8 -28.15 3.95 9.57
N CYS B 9 -26.88 3.64 9.90
CA CYS B 9 -26.06 2.76 9.07
C CYS B 9 -26.32 1.26 9.41
N GLY B 10 -25.70 0.79 10.51
CA GLY B 10 -25.96 -0.57 11.02
C GLY B 10 -25.32 -1.69 10.15
N LYS B 11 -24.38 -1.32 9.25
CA LYS B 11 -23.68 -2.30 8.39
C LYS B 11 -22.72 -3.17 9.21
N ALA B 12 -22.61 -4.46 8.85
CA ALA B 12 -21.84 -5.43 9.66
C ALA B 12 -20.74 -6.10 8.80
N PHE B 13 -19.54 -6.24 9.38
CA PHE B 13 -18.37 -6.75 8.66
C PHE B 13 -17.74 -7.93 9.41
N LYS B 14 -17.03 -8.77 8.66
CA LYS B 14 -16.34 -9.93 9.23
C LYS B 14 -15.23 -9.50 10.19
N LYS B 15 -14.48 -8.44 9.81
CA LYS B 15 -13.28 -8.02 10.57
C LYS B 15 -13.28 -6.49 10.78
N HIS B 16 -12.72 -6.06 11.92
CA HIS B 16 -12.76 -4.64 12.33
C HIS B 16 -12.00 -3.75 11.33
N ASN B 17 -10.98 -4.32 10.66
CA ASN B 17 -10.24 -3.58 9.63
C ASN B 17 -11.16 -3.23 8.43
N GLN B 18 -12.15 -4.11 8.14
CA GLN B 18 -13.18 -3.81 7.13
C GLN B 18 -14.17 -2.75 7.66
N LEU B 19 -14.51 -2.83 8.96
CA LEU B 19 -15.36 -1.82 9.60
C LEU B 19 -14.69 -0.42 9.53
N LYS B 20 -13.39 -0.38 9.89
CA LYS B 20 -12.59 0.85 9.78
C LYS B 20 -12.58 1.36 8.33
N VAL B 21 -12.44 0.42 7.37
CA VAL B 21 -12.49 0.76 5.93
C VAL B 21 -13.84 1.41 5.56
N HIS B 22 -14.94 0.88 6.12
CA HIS B 22 -16.26 1.35 5.79
C HIS B 22 -16.50 2.78 6.36
N GLN B 23 -16.10 3.00 7.63
CA GLN B 23 -16.32 4.30 8.29
C GLN B 23 -15.51 5.42 7.62
N PHE B 24 -14.34 5.07 7.07
CA PHE B 24 -13.53 6.02 6.30
C PHE B 24 -14.36 6.64 5.14
N SER B 25 -15.34 5.90 4.63
CA SER B 25 -16.25 6.42 3.58
C SER B 25 -17.18 7.52 4.14
N HIS B 26 -17.78 7.28 5.32
CA HIS B 26 -18.66 8.28 5.96
C HIS B 26 -17.87 9.54 6.36
N THR B 27 -16.62 9.35 6.78
CA THR B 27 -15.74 10.46 7.21
C THR B 27 -15.07 11.13 5.99
N GLN B 28 -15.05 10.41 4.86
CA GLN B 28 -14.38 10.84 3.63
C GLN B 28 -12.87 11.17 3.87
N GLN B 29 -12.25 10.46 4.82
CA GLN B 29 -10.78 10.50 4.99
C GLN B 29 -10.20 9.09 5.06
N LEU B 30 -8.91 8.94 4.74
CA LEU B 30 -8.29 7.62 4.58
C LEU B 30 -7.60 7.17 5.88
N PRO B 31 -7.86 5.92 6.34
CA PRO B 31 -7.44 5.44 7.67
C PRO B 31 -5.96 5.06 7.73
N TYR B 32 -5.45 4.46 6.65
CA TYR B 32 -4.12 3.85 6.65
C TYR B 32 -3.09 4.78 6.01
N GLU B 33 -2.37 5.53 6.86
CA GLU B 33 -1.39 6.51 6.37
C GLU B 33 0.04 5.95 6.44
N CYS B 34 0.86 6.30 5.45
CA CYS B 34 2.28 5.94 5.45
C CYS B 34 3.07 6.85 6.43
N PRO B 35 3.74 6.25 7.45
CA PRO B 35 4.41 6.99 8.52
C PRO B 35 5.89 7.33 8.20
N HIS B 36 6.34 7.00 6.98
CA HIS B 36 7.74 7.19 6.59
C HIS B 36 8.11 8.69 6.53
N GLU B 37 9.37 9.00 6.83
CA GLU B 37 9.87 10.38 6.81
C GLU B 37 9.82 10.98 5.40
N GLY B 38 9.08 12.08 5.25
CA GLY B 38 8.99 12.78 3.94
C GLY B 38 7.83 12.26 3.07
N CYS B 39 7.08 11.28 3.59
CA CYS B 39 5.92 10.72 2.87
C CYS B 39 4.60 11.18 3.53
N ASP B 40 3.53 11.24 2.73
CA ASP B 40 2.22 11.73 3.20
C ASP B 40 1.05 10.98 2.49
N LYS B 41 1.37 9.88 1.79
CA LYS B 41 0.36 9.07 1.11
C LYS B 41 -0.56 8.36 2.12
N ARG B 42 -1.84 8.18 1.75
CA ARG B 42 -2.81 7.44 2.58
C ARG B 42 -3.59 6.44 1.72
N PHE B 43 -4.05 5.38 2.35
CA PHE B 43 -4.62 4.24 1.63
C PHE B 43 -5.92 3.79 2.26
N SER B 44 -6.74 3.11 1.46
CA SER B 44 -8.06 2.68 1.90
C SER B 44 -7.99 1.41 2.73
N LEU B 45 -6.96 0.57 2.49
CA LEU B 45 -6.81 -0.72 3.18
C LEU B 45 -5.39 -0.86 3.79
N PRO B 46 -5.26 -1.69 4.84
CA PRO B 46 -3.96 -1.96 5.47
C PRO B 46 -3.01 -2.72 4.55
N SER B 47 -3.57 -3.62 3.73
CA SER B 47 -2.79 -4.37 2.73
C SER B 47 -2.21 -3.42 1.66
N ARG B 48 -2.97 -2.36 1.33
CA ARG B 48 -2.52 -1.36 0.32
C ARG B 48 -1.41 -0.47 0.89
N LEU B 49 -1.52 -0.12 2.17
CA LEU B 49 -0.44 0.59 2.88
C LEU B 49 0.82 -0.30 3.01
N LYS B 50 0.61 -1.55 3.42
CA LYS B 50 1.71 -2.52 3.58
C LYS B 50 2.47 -2.72 2.26
N ARG B 51 1.72 -2.76 1.14
CA ARG B 51 2.33 -2.89 -0.20
C ARG B 51 3.02 -1.57 -0.62
N HIS B 52 2.42 -0.44 -0.26
CA HIS B 52 3.05 0.88 -0.49
C HIS B 52 4.42 0.98 0.21
N GLU B 53 4.54 0.32 1.37
CA GLU B 53 5.79 0.32 2.14
C GLU B 53 6.95 -0.25 1.29
N LYS B 54 6.62 -1.18 0.37
CA LYS B 54 7.61 -1.78 -0.54
C LYS B 54 8.29 -0.71 -1.41
N VAL B 55 7.61 0.42 -1.64
CA VAL B 55 8.21 1.57 -2.38
C VAL B 55 9.43 2.12 -1.62
N HIS B 56 9.30 2.23 -0.29
CA HIS B 56 10.41 2.71 0.55
C HIS B 56 11.48 1.62 0.75
N ALA B 57 11.06 0.34 0.71
CA ALA B 57 11.99 -0.78 0.78
C ALA B 57 12.82 -0.91 -0.52
N GLY B 58 12.23 -0.47 -1.65
CA GLY B 58 12.92 -0.50 -2.95
C GLY B 58 12.72 -1.84 -3.68
N TYR B 59 13.22 -1.89 -4.92
CA TYR B 59 13.09 -3.08 -5.76
C TYR B 59 14.47 -3.54 -6.23
N PRO B 60 15.09 -4.49 -5.50
CA PRO B 60 16.42 -4.94 -5.81
C PRO B 60 16.44 -5.96 -6.95
N CYS B 61 17.43 -5.83 -7.82
CA CYS B 61 17.57 -6.72 -8.96
C CYS B 61 17.98 -8.13 -8.52
N LYS B 62 17.40 -9.14 -9.19
CA LYS B 62 17.76 -10.54 -8.97
C LYS B 62 17.81 -11.30 -10.31
N LYS B 63 17.78 -10.54 -11.43
CA LYS B 63 17.87 -11.14 -12.79
C LYS B 63 19.27 -11.73 -13.03
N ASP B 64 20.27 -11.26 -12.27
CA ASP B 64 21.64 -11.79 -12.36
C ASP B 64 22.34 -11.68 -10.99
N ASP B 65 23.13 -12.70 -10.66
CA ASP B 65 23.77 -12.79 -9.32
C ASP B 65 24.83 -11.69 -9.12
N SER B 66 25.36 -11.14 -10.23
CA SER B 66 26.38 -10.06 -10.17
C SER B 66 25.75 -8.66 -10.38
N CYS B 67 24.41 -8.58 -10.23
CA CYS B 67 23.71 -7.29 -10.24
C CYS B 67 23.56 -6.73 -8.80
N SER B 68 23.35 -5.42 -8.68
CA SER B 68 23.29 -4.75 -7.36
C SER B 68 22.34 -3.53 -7.36
N PHE B 69 21.67 -3.28 -8.50
CA PHE B 69 20.74 -2.16 -8.63
C PHE B 69 19.52 -2.33 -7.72
N VAL B 70 19.11 -1.23 -7.07
CA VAL B 70 17.84 -1.19 -6.33
C VAL B 70 17.00 0.01 -6.77
N GLY B 71 15.80 -0.27 -7.29
CA GLY B 71 14.93 0.81 -7.79
C GLY B 71 14.09 1.44 -6.68
N LYS B 72 13.99 2.78 -6.70
CA LYS B 72 13.17 3.51 -5.70
C LYS B 72 11.67 3.18 -5.87
N THR B 73 11.29 2.67 -7.04
CA THR B 73 9.88 2.34 -7.34
C THR B 73 9.81 1.17 -8.32
N TRP B 74 8.63 0.54 -8.38
CA TRP B 74 8.42 -0.66 -9.20
C TRP B 74 8.76 -0.39 -10.69
N THR B 75 8.35 0.79 -11.20
CA THR B 75 8.65 1.18 -12.59
C THR B 75 10.15 1.15 -12.86
N LEU B 76 10.94 1.73 -11.95
CA LEU B 76 12.39 1.86 -12.16
C LEU B 76 13.06 0.48 -12.24
N TYR B 77 12.55 -0.50 -11.50
CA TYR B 77 13.06 -1.87 -11.58
C TYR B 77 12.68 -2.52 -12.91
N LEU B 78 11.40 -2.40 -13.28
CA LEU B 78 10.93 -2.96 -14.55
C LEU B 78 11.68 -2.32 -15.75
N LYS B 79 11.89 -1.01 -15.68
CA LYS B 79 12.66 -0.27 -16.70
C LYS B 79 14.13 -0.74 -16.74
N HIS B 80 14.72 -0.92 -15.55
CA HIS B 80 16.11 -1.40 -15.45
C HIS B 80 16.26 -2.81 -16.06
N VAL B 81 15.27 -3.66 -15.82
CA VAL B 81 15.29 -5.04 -16.35
C VAL B 81 15.29 -5.04 -17.87
N ALA B 82 14.43 -4.22 -18.48
CA ALA B 82 14.27 -4.22 -19.92
C ALA B 82 15.56 -3.74 -20.63
N GLU B 83 16.32 -2.85 -19.98
CA GLU B 83 17.56 -2.29 -20.56
C GLU B 83 18.79 -3.17 -20.21
N CYS B 84 18.87 -3.62 -18.95
CA CYS B 84 20.09 -4.27 -18.42
C CYS B 84 20.02 -5.82 -18.55
N HIS B 85 18.80 -6.36 -18.68
CA HIS B 85 18.61 -7.82 -18.85
C HIS B 85 17.70 -8.12 -20.06
N GLN B 86 18.01 -7.49 -21.20
CA GLN B 86 17.27 -7.70 -22.47
C GLN B 86 17.14 -9.21 -22.80
N ASP B 87 18.19 -9.98 -22.50
CA ASP B 87 18.20 -11.44 -22.74
C ASP B 87 19.09 -12.16 -21.71
N MET B 1 -18.69 -10.20 14.50
CA MET B 1 -19.16 -9.27 13.48
C MET B 1 -19.07 -7.82 13.99
N TYR B 2 -18.45 -6.95 13.19
CA TYR B 2 -18.21 -5.55 13.56
C TYR B 2 -19.11 -4.61 12.74
N VAL B 3 -19.91 -3.80 13.45
CA VAL B 3 -20.99 -3.01 12.81
C VAL B 3 -20.68 -1.50 12.82
N CYS B 4 -20.99 -0.83 11.71
CA CYS B 4 -20.94 0.62 11.63
C CYS B 4 -22.17 1.25 12.29
N HIS B 5 -21.93 2.20 13.20
CA HIS B 5 -23.00 2.85 13.96
C HIS B 5 -23.17 4.32 13.53
N PHE B 6 -22.75 4.63 12.29
CA PHE B 6 -23.04 5.94 11.68
C PHE B 6 -24.56 6.14 11.55
N GLU B 7 -25.00 7.41 11.52
CA GLU B 7 -26.43 7.75 11.57
C GLU B 7 -27.20 7.04 10.42
N ASN B 8 -28.11 6.12 10.81
CA ASN B 8 -29.01 5.43 9.86
C ASN B 8 -28.24 4.43 8.94
N CYS B 9 -26.99 4.10 9.31
CA CYS B 9 -26.15 3.21 8.50
C CYS B 9 -26.43 1.72 8.86
N GLY B 10 -25.85 1.25 9.98
CA GLY B 10 -26.12 -0.11 10.48
C GLY B 10 -25.47 -1.23 9.62
N LYS B 11 -24.51 -0.86 8.75
CA LYS B 11 -23.80 -1.86 7.90
C LYS B 11 -22.87 -2.74 8.76
N ALA B 12 -22.79 -4.02 8.41
CA ALA B 12 -22.06 -5.00 9.23
C ALA B 12 -20.92 -5.67 8.43
N PHE B 13 -19.76 -5.82 9.07
CA PHE B 13 -18.56 -6.35 8.42
C PHE B 13 -17.99 -7.52 9.19
N LYS B 14 -17.23 -8.36 8.49
CA LYS B 14 -16.58 -9.50 9.12
C LYS B 14 -15.59 -9.04 10.20
N LYS B 15 -14.78 -8.00 9.88
CA LYS B 15 -13.64 -7.61 10.73
C LYS B 15 -13.55 -6.08 10.86
N HIS B 16 -12.96 -5.61 11.97
CA HIS B 16 -12.94 -4.17 12.31
C HIS B 16 -12.16 -3.35 11.27
N ASN B 17 -11.17 -3.97 10.62
CA ASN B 17 -10.39 -3.30 9.59
C ASN B 17 -11.28 -2.91 8.38
N GLN B 18 -12.25 -3.79 8.04
CA GLN B 18 -13.23 -3.48 6.99
C GLN B 18 -14.25 -2.43 7.48
N LEU B 19 -14.61 -2.49 8.77
CA LEU B 19 -15.50 -1.50 9.38
C LEU B 19 -14.85 -0.10 9.34
N LYS B 20 -13.58 -0.01 9.74
CA LYS B 20 -12.83 1.25 9.67
C LYS B 20 -12.71 1.74 8.22
N VAL B 21 -12.51 0.80 7.29
CA VAL B 21 -12.48 1.12 5.85
C VAL B 21 -13.80 1.76 5.39
N HIS B 22 -14.92 1.22 5.88
CA HIS B 22 -16.23 1.71 5.51
C HIS B 22 -16.48 3.13 6.08
N GLN B 23 -16.14 3.33 7.36
CA GLN B 23 -16.38 4.64 8.02
C GLN B 23 -15.54 5.75 7.40
N PHE B 24 -14.35 5.41 6.89
CA PHE B 24 -13.51 6.38 6.17
C PHE B 24 -14.30 7.02 4.99
N SER B 25 -15.26 6.29 4.43
CA SER B 25 -16.13 6.82 3.36
C SER B 25 -17.06 7.93 3.89
N HIS B 26 -17.71 7.67 5.06
CA HIS B 26 -18.61 8.69 5.68
C HIS B 26 -17.82 9.93 6.12
N THR B 27 -16.58 9.72 6.59
CA THR B 27 -15.72 10.83 7.05
C THR B 27 -15.00 11.50 5.87
N GLN B 28 -14.96 10.80 4.73
CA GLN B 28 -14.25 11.25 3.52
C GLN B 28 -12.75 11.56 3.81
N GLN B 29 -12.15 10.85 4.78
CA GLN B 29 -10.69 10.89 5.00
C GLN B 29 -10.12 9.47 5.05
N LEU B 30 -8.82 9.33 4.76
CA LEU B 30 -8.20 8.02 4.56
C LEU B 30 -7.50 7.53 5.86
N PRO B 31 -7.77 6.26 6.27
CA PRO B 31 -7.34 5.74 7.57
C PRO B 31 -5.86 5.32 7.60
N TYR B 32 -5.39 4.75 6.48
CA TYR B 32 -4.06 4.12 6.44
C TYR B 32 -3.02 5.09 5.88
N GLU B 33 -2.35 5.81 6.77
CA GLU B 33 -1.33 6.80 6.37
C GLU B 33 0.09 6.17 6.42
N CYS B 34 0.92 6.51 5.43
CA CYS B 34 2.34 6.09 5.43
C CYS B 34 3.16 6.92 6.47
N PRO B 35 3.77 6.24 7.47
CA PRO B 35 4.45 6.90 8.58
C PRO B 35 5.94 7.21 8.30
N HIS B 36 6.39 6.94 7.07
CA HIS B 36 7.82 7.11 6.71
C HIS B 36 8.22 8.60 6.78
N GLU B 37 9.48 8.85 7.14
CA GLU B 37 10.01 10.22 7.24
C GLU B 37 10.07 10.89 5.87
N GLY B 38 9.32 12.01 5.72
CA GLY B 38 9.31 12.77 4.46
C GLY B 38 8.15 12.35 3.53
N CYS B 39 7.32 11.39 3.99
CA CYS B 39 6.16 10.93 3.21
C CYS B 39 4.83 11.38 3.89
N ASP B 40 3.78 11.50 3.08
CA ASP B 40 2.46 11.96 3.57
C ASP B 40 1.30 11.26 2.81
N LYS B 41 1.63 10.20 2.07
CA LYS B 41 0.62 9.42 1.33
C LYS B 41 -0.36 8.73 2.29
N ARG B 42 -1.63 8.62 1.89
CA ARG B 42 -2.65 7.87 2.65
C ARG B 42 -3.45 6.96 1.72
N PHE B 43 -3.95 5.87 2.29
CA PHE B 43 -4.55 4.79 1.48
C PHE B 43 -5.86 4.33 2.08
N SER B 44 -6.67 3.67 1.25
CA SER B 44 -8.01 3.24 1.63
C SER B 44 -7.98 1.90 2.36
N LEU B 45 -6.91 1.12 2.15
CA LEU B 45 -6.78 -0.21 2.76
C LEU B 45 -5.34 -0.45 3.26
N PRO B 46 -5.17 -1.32 4.28
CA PRO B 46 -3.86 -1.62 4.85
C PRO B 46 -2.97 -2.38 3.85
N SER B 47 -3.58 -3.17 2.98
CA SER B 47 -2.86 -3.89 1.92
C SER B 47 -2.22 -2.90 0.92
N ARG B 48 -2.95 -1.82 0.62
CA ARG B 48 -2.45 -0.80 -0.33
C ARG B 48 -1.35 0.04 0.29
N LEU B 49 -1.47 0.34 1.59
CA LEU B 49 -0.41 1.00 2.35
C LEU B 49 0.84 0.08 2.44
N LYS B 50 0.61 -1.20 2.72
CA LYS B 50 1.72 -2.17 2.85
C LYS B 50 2.48 -2.32 1.52
N ARG B 51 1.73 -2.31 0.40
CA ARG B 51 2.35 -2.33 -0.95
C ARG B 51 3.06 -1.00 -1.24
N HIS B 52 2.51 0.11 -0.73
CA HIS B 52 3.19 1.41 -0.81
C HIS B 52 4.51 1.39 0.00
N GLU B 53 4.52 0.69 1.13
CA GLU B 53 5.72 0.58 1.97
C GLU B 53 6.90 -0.04 1.17
N LYS B 54 6.57 -0.93 0.22
CA LYS B 54 7.59 -1.53 -0.67
C LYS B 54 8.34 -0.45 -1.48
N VAL B 55 7.68 0.70 -1.71
CA VAL B 55 8.31 1.83 -2.42
C VAL B 55 9.54 2.33 -1.64
N HIS B 56 9.39 2.42 -0.32
CA HIS B 56 10.49 2.86 0.56
C HIS B 56 11.52 1.72 0.78
N ALA B 57 11.04 0.47 0.78
CA ALA B 57 11.92 -0.70 0.94
C ALA B 57 12.77 -0.92 -0.34
N GLY B 58 12.24 -0.51 -1.50
CA GLY B 58 12.94 -0.64 -2.78
C GLY B 58 12.58 -1.94 -3.51
N TYR B 59 13.01 -2.05 -4.77
CA TYR B 59 12.76 -3.22 -5.60
C TYR B 59 14.09 -3.80 -6.12
N PRO B 60 14.65 -4.80 -5.42
CA PRO B 60 15.98 -5.31 -5.70
C PRO B 60 15.99 -6.30 -6.87
N CYS B 61 17.06 -6.26 -7.65
CA CYS B 61 17.24 -7.18 -8.77
C CYS B 61 17.56 -8.60 -8.27
N LYS B 62 17.02 -9.59 -8.98
CA LYS B 62 17.33 -11.01 -8.74
C LYS B 62 17.42 -11.77 -10.08
N LYS B 63 17.48 -11.02 -11.19
CA LYS B 63 17.59 -11.62 -12.54
C LYS B 63 18.97 -12.29 -12.73
N ASP B 64 19.96 -11.87 -11.94
CA ASP B 64 21.31 -12.47 -11.98
C ASP B 64 21.98 -12.37 -10.59
N ASP B 65 22.78 -13.39 -10.26
CA ASP B 65 23.41 -13.48 -8.92
C ASP B 65 24.45 -12.34 -8.71
N SER B 66 25.05 -11.86 -9.81
CA SER B 66 26.09 -10.81 -9.73
C SER B 66 25.49 -9.40 -10.00
N CYS B 67 24.15 -9.29 -9.86
CA CYS B 67 23.46 -8.01 -9.97
C CYS B 67 22.88 -7.59 -8.60
N SER B 68 23.08 -6.32 -8.21
CA SER B 68 22.71 -5.84 -6.87
C SER B 68 21.95 -4.50 -6.94
N PHE B 69 21.46 -4.14 -8.13
CA PHE B 69 20.65 -2.92 -8.31
C PHE B 69 19.38 -2.97 -7.44
N VAL B 70 19.05 -1.83 -6.82
CA VAL B 70 17.76 -1.67 -6.11
C VAL B 70 17.05 -0.41 -6.59
N GLY B 71 15.83 -0.58 -7.11
CA GLY B 71 15.06 0.56 -7.64
C GLY B 71 14.23 1.25 -6.56
N LYS B 72 14.14 2.58 -6.64
CA LYS B 72 13.33 3.37 -5.67
C LYS B 72 11.81 3.15 -5.92
N THR B 73 11.46 2.66 -7.11
CA THR B 73 10.05 2.35 -7.44
C THR B 73 9.97 1.14 -8.38
N TRP B 74 8.79 0.51 -8.43
CA TRP B 74 8.59 -0.70 -9.21
C TRP B 74 8.92 -0.48 -10.71
N THR B 75 8.55 0.71 -11.23
CA THR B 75 8.88 1.08 -12.62
C THR B 75 10.38 1.04 -12.87
N LEU B 76 11.17 1.61 -11.95
CA LEU B 76 12.64 1.70 -12.14
C LEU B 76 13.28 0.31 -12.19
N TYR B 77 12.73 -0.64 -11.44
CA TYR B 77 13.21 -2.03 -11.49
C TYR B 77 12.85 -2.67 -12.83
N LEU B 78 11.58 -2.52 -13.24
CA LEU B 78 11.12 -3.08 -14.51
C LEU B 78 11.91 -2.48 -15.70
N LYS B 79 12.16 -1.18 -15.64
CA LYS B 79 12.99 -0.47 -16.65
C LYS B 79 14.43 -1.00 -16.64
N HIS B 80 14.99 -1.20 -15.43
CA HIS B 80 16.34 -1.73 -15.27
C HIS B 80 16.44 -3.15 -15.87
N VAL B 81 15.41 -3.97 -15.64
CA VAL B 81 15.37 -5.35 -16.17
C VAL B 81 15.40 -5.36 -17.69
N ALA B 82 14.60 -4.49 -18.32
CA ALA B 82 14.50 -4.46 -19.77
C ALA B 82 15.85 -4.03 -20.41
N GLU B 83 16.64 -3.24 -19.68
CA GLU B 83 17.93 -2.72 -20.19
C GLU B 83 19.10 -3.70 -19.87
N CYS B 84 19.13 -4.22 -18.63
CA CYS B 84 20.29 -4.97 -18.11
C CYS B 84 20.11 -6.50 -18.24
N HIS B 85 18.85 -6.95 -18.42
CA HIS B 85 18.55 -8.39 -18.56
C HIS B 85 17.60 -8.63 -19.76
N GLN B 86 17.82 -7.89 -20.85
CA GLN B 86 16.99 -8.00 -22.06
C GLN B 86 17.06 -9.43 -22.68
N ASP B 87 18.20 -10.10 -22.49
CA ASP B 87 18.41 -11.46 -23.01
C ASP B 87 19.37 -12.25 -22.11
N MET B 1 -18.74 -10.49 15.72
CA MET B 1 -19.22 -9.60 14.66
C MET B 1 -19.09 -8.12 15.11
N TYR B 2 -18.52 -7.29 14.24
CA TYR B 2 -18.26 -5.87 14.54
C TYR B 2 -19.20 -4.98 13.72
N VAL B 3 -19.96 -4.12 14.43
CA VAL B 3 -21.07 -3.36 13.82
C VAL B 3 -20.78 -1.85 13.78
N CYS B 4 -21.14 -1.22 12.65
CA CYS B 4 -21.10 0.24 12.53
C CYS B 4 -22.29 0.87 13.24
N HIS B 5 -22.02 1.83 14.12
CA HIS B 5 -23.07 2.49 14.91
C HIS B 5 -23.26 3.95 14.45
N PHE B 6 -22.91 4.23 13.19
CA PHE B 6 -23.23 5.52 12.56
C PHE B 6 -24.76 5.69 12.48
N GLU B 7 -25.22 6.95 12.46
CA GLU B 7 -26.66 7.26 12.55
C GLU B 7 -27.46 6.53 11.45
N ASN B 8 -28.34 5.60 11.89
CA ASN B 8 -29.27 4.88 10.98
C ASN B 8 -28.51 3.88 10.05
N CYS B 9 -27.24 3.58 10.38
CA CYS B 9 -26.42 2.68 9.56
C CYS B 9 -26.68 1.19 9.94
N GLY B 10 -26.08 0.73 11.06
CA GLY B 10 -26.34 -0.61 11.59
C GLY B 10 -25.70 -1.75 10.75
N LYS B 11 -24.75 -1.40 9.84
CA LYS B 11 -24.06 -2.40 9.00
C LYS B 11 -23.11 -3.26 9.86
N ALA B 12 -23.01 -4.55 9.55
CA ALA B 12 -22.25 -5.51 10.37
C ALA B 12 -21.16 -6.22 9.54
N PHE B 13 -19.97 -6.36 10.14
CA PHE B 13 -18.80 -6.90 9.45
C PHE B 13 -18.19 -8.07 10.23
N LYS B 14 -17.56 -9.00 9.51
CA LYS B 14 -16.89 -10.14 10.13
C LYS B 14 -15.71 -9.69 11.00
N LYS B 15 -15.02 -8.61 10.58
CA LYS B 15 -13.79 -8.14 11.28
C LYS B 15 -13.77 -6.62 11.42
N HIS B 16 -13.12 -6.13 12.48
CA HIS B 16 -13.10 -4.68 12.80
C HIS B 16 -12.37 -3.88 11.72
N ASN B 17 -11.40 -4.49 11.03
CA ASN B 17 -10.65 -3.79 9.97
C ASN B 17 -11.59 -3.41 8.80
N GLN B 18 -12.60 -4.26 8.54
CA GLN B 18 -13.62 -3.96 7.53
C GLN B 18 -14.60 -2.88 8.06
N LEU B 19 -14.91 -2.94 9.37
CA LEU B 19 -15.74 -1.92 10.01
C LEU B 19 -15.06 -0.53 9.93
N LYS B 20 -13.76 -0.49 10.27
CA LYS B 20 -12.97 0.75 10.15
C LYS B 20 -12.94 1.24 8.69
N VAL B 21 -12.81 0.29 7.75
CA VAL B 21 -12.87 0.61 6.30
C VAL B 21 -14.23 1.24 5.93
N HIS B 22 -15.32 0.70 6.50
CA HIS B 22 -16.65 1.17 6.18
C HIS B 22 -16.89 2.60 6.74
N GLN B 23 -16.48 2.83 7.99
CA GLN B 23 -16.70 4.15 8.64
C GLN B 23 -15.92 5.26 7.95
N PHE B 24 -14.74 4.92 7.40
CA PHE B 24 -13.94 5.88 6.62
C PHE B 24 -14.78 6.50 5.47
N SER B 25 -15.77 5.75 4.97
CA SER B 25 -16.68 6.27 3.93
C SER B 25 -17.60 7.39 4.49
N HIS B 26 -18.19 7.15 5.68
CA HIS B 26 -19.06 8.16 6.33
C HIS B 26 -18.26 9.42 6.72
N THR B 27 -17.01 9.22 7.13
CA THR B 27 -16.13 10.32 7.56
C THR B 27 -15.46 11.00 6.34
N GLN B 28 -15.46 10.28 5.21
CA GLN B 28 -14.80 10.72 3.97
C GLN B 28 -13.29 11.04 4.20
N GLN B 29 -12.65 10.33 5.15
CA GLN B 29 -11.18 10.37 5.31
C GLN B 29 -10.61 8.95 5.35
N LEU B 30 -9.33 8.80 5.00
CA LEU B 30 -8.72 7.48 4.80
C LEU B 30 -7.99 6.99 6.07
N PRO B 31 -8.24 5.72 6.48
CA PRO B 31 -7.75 5.20 7.77
C PRO B 31 -6.27 4.80 7.74
N TYR B 32 -5.82 4.24 6.60
CA TYR B 32 -4.50 3.63 6.52
C TYR B 32 -3.49 4.60 5.91
N GLU B 33 -2.81 5.35 6.77
CA GLU B 33 -1.84 6.35 6.31
C GLU B 33 -0.40 5.76 6.34
N CYS B 34 0.41 6.10 5.33
CA CYS B 34 1.82 5.74 5.30
C CYS B 34 2.64 6.60 6.32
N PRO B 35 3.30 5.94 7.30
CA PRO B 35 3.97 6.64 8.42
C PRO B 35 5.44 7.04 8.11
N HIS B 36 5.87 6.82 6.87
CA HIS B 36 7.28 7.10 6.47
C HIS B 36 7.60 8.61 6.62
N GLU B 37 8.84 8.90 7.05
CA GLU B 37 9.28 10.29 7.26
C GLU B 37 9.38 11.05 5.92
N GLY B 38 8.39 11.92 5.65
CA GLY B 38 8.37 12.73 4.42
C GLY B 38 7.26 12.29 3.44
N CYS B 39 6.50 11.25 3.82
CA CYS B 39 5.38 10.75 3.01
C CYS B 39 4.02 11.21 3.61
N ASP B 40 2.98 11.23 2.77
CA ASP B 40 1.65 11.70 3.20
C ASP B 40 0.51 10.91 2.48
N LYS B 41 0.88 9.83 1.79
CA LYS B 41 -0.11 8.97 1.11
C LYS B 41 -1.02 8.25 2.12
N ARG B 42 -2.30 8.08 1.76
CA ARG B 42 -3.27 7.32 2.58
C ARG B 42 -4.08 6.38 1.71
N PHE B 43 -4.55 5.29 2.31
CA PHE B 43 -5.16 4.19 1.57
C PHE B 43 -6.46 3.75 2.22
N SER B 44 -7.31 3.10 1.44
CA SER B 44 -8.61 2.65 1.90
C SER B 44 -8.52 1.33 2.65
N LEU B 45 -7.51 0.51 2.31
CA LEU B 45 -7.31 -0.80 2.94
C LEU B 45 -5.84 -0.99 3.36
N PRO B 46 -5.60 -1.83 4.40
CA PRO B 46 -4.24 -2.09 4.90
C PRO B 46 -3.36 -2.84 3.88
N SER B 47 -4.00 -3.63 3.02
CA SER B 47 -3.29 -4.38 1.97
C SER B 47 -2.70 -3.42 0.91
N ARG B 48 -3.45 -2.35 0.59
CA ARG B 48 -2.98 -1.33 -0.37
C ARG B 48 -1.85 -0.47 0.23
N LEU B 49 -1.96 -0.18 1.54
CA LEU B 49 -0.87 0.46 2.27
C LEU B 49 0.37 -0.45 2.33
N LYS B 50 0.15 -1.75 2.60
CA LYS B 50 1.24 -2.74 2.64
C LYS B 50 2.02 -2.78 1.31
N ARG B 51 1.29 -2.71 0.19
CA ARG B 51 1.92 -2.62 -1.15
C ARG B 51 2.65 -1.27 -1.31
N HIS B 52 2.07 -0.20 -0.77
CA HIS B 52 2.70 1.13 -0.83
C HIS B 52 4.03 1.15 -0.05
N GLU B 53 4.10 0.46 1.08
CA GLU B 53 5.33 0.41 1.89
C GLU B 53 6.52 -0.15 1.08
N LYS B 54 6.21 -1.05 0.13
CA LYS B 54 7.25 -1.62 -0.76
C LYS B 54 7.96 -0.51 -1.58
N VAL B 55 7.25 0.61 -1.81
CA VAL B 55 7.85 1.77 -2.51
C VAL B 55 9.05 2.32 -1.73
N HIS B 56 8.92 2.40 -0.40
CA HIS B 56 10.00 2.88 0.47
C HIS B 56 11.08 1.80 0.68
N ALA B 57 10.66 0.52 0.64
CA ALA B 57 11.60 -0.61 0.76
C ALA B 57 12.47 -0.74 -0.51
N GLY B 58 11.91 -0.33 -1.66
CA GLY B 58 12.63 -0.40 -2.95
C GLY B 58 12.33 -1.71 -3.70
N TYR B 59 12.78 -1.77 -4.96
CA TYR B 59 12.56 -2.94 -5.81
C TYR B 59 13.90 -3.48 -6.32
N PRO B 60 14.47 -4.49 -5.62
CA PRO B 60 15.82 -4.96 -5.89
C PRO B 60 15.87 -5.93 -7.09
N CYS B 61 16.96 -5.85 -7.84
CA CYS B 61 17.18 -6.74 -8.99
C CYS B 61 17.55 -8.15 -8.54
N LYS B 62 17.04 -9.14 -9.27
CA LYS B 62 17.42 -10.54 -9.09
C LYS B 62 17.43 -11.29 -10.44
N LYS B 63 17.39 -10.52 -11.55
CA LYS B 63 17.50 -11.10 -12.91
C LYS B 63 18.87 -11.76 -13.10
N ASP B 64 19.87 -11.27 -12.36
CA ASP B 64 21.19 -11.91 -12.30
C ASP B 64 21.76 -11.80 -10.87
N ASP B 65 22.45 -12.85 -10.42
CA ASP B 65 22.94 -12.92 -9.03
C ASP B 65 24.08 -11.89 -8.79
N SER B 66 24.73 -11.43 -9.87
CA SER B 66 25.82 -10.44 -9.78
C SER B 66 25.29 -9.00 -10.03
N CYS B 67 23.96 -8.83 -9.91
CA CYS B 67 23.33 -7.52 -10.03
C CYS B 67 22.73 -7.08 -8.67
N SER B 68 22.97 -5.82 -8.28
CA SER B 68 22.60 -5.34 -6.93
C SER B 68 21.83 -4.00 -7.00
N PHE B 69 21.32 -3.66 -8.19
CA PHE B 69 20.50 -2.45 -8.37
C PHE B 69 19.22 -2.53 -7.52
N VAL B 70 18.84 -1.41 -6.91
CA VAL B 70 17.54 -1.29 -6.23
C VAL B 70 16.80 -0.04 -6.71
N GLY B 71 15.58 -0.23 -7.22
CA GLY B 71 14.79 0.89 -7.76
C GLY B 71 13.96 1.59 -6.69
N LYS B 72 13.91 2.93 -6.75
CA LYS B 72 13.07 3.73 -5.82
C LYS B 72 11.57 3.40 -6.02
N THR B 73 11.21 2.94 -7.22
CA THR B 73 9.82 2.55 -7.52
C THR B 73 9.78 1.38 -8.51
N TRP B 74 8.61 0.72 -8.58
CA TRP B 74 8.47 -0.50 -9.39
C TRP B 74 8.80 -0.24 -10.88
N THR B 75 8.39 0.92 -11.39
CA THR B 75 8.69 1.32 -12.78
C THR B 75 10.20 1.33 -13.03
N LEU B 76 10.95 1.96 -12.12
CA LEU B 76 12.41 2.12 -12.29
C LEU B 76 13.12 0.76 -12.34
N TYR B 77 12.61 -0.21 -11.56
CA TYR B 77 13.13 -1.58 -11.61
C TYR B 77 12.80 -2.25 -12.95
N LEU B 78 11.54 -2.15 -13.37
CA LEU B 78 11.10 -2.74 -14.63
C LEU B 78 11.88 -2.13 -15.83
N LYS B 79 12.09 -0.81 -15.80
CA LYS B 79 12.87 -0.11 -16.84
C LYS B 79 14.34 -0.56 -16.80
N HIS B 80 14.90 -0.72 -15.60
CA HIS B 80 16.27 -1.24 -15.44
C HIS B 80 16.38 -2.67 -16.02
N VAL B 81 15.37 -3.50 -15.75
CA VAL B 81 15.33 -4.87 -16.27
C VAL B 81 15.28 -4.90 -17.78
N ALA B 82 14.42 -4.05 -18.37
CA ALA B 82 14.24 -4.03 -19.81
C ALA B 82 15.53 -3.59 -20.54
N GLU B 83 16.30 -2.70 -19.90
CA GLU B 83 17.51 -2.12 -20.51
C GLU B 83 18.79 -2.97 -20.21
N CYS B 84 18.76 -3.75 -19.12
CA CYS B 84 19.99 -4.43 -18.61
C CYS B 84 19.88 -5.98 -18.67
N HIS B 85 18.66 -6.51 -18.75
CA HIS B 85 18.45 -7.99 -18.74
C HIS B 85 17.46 -8.44 -19.86
N GLN B 86 17.13 -7.52 -20.78
CA GLN B 86 16.27 -7.85 -21.93
C GLN B 86 16.75 -7.08 -23.19
N ASP B 87 16.13 -7.38 -24.34
CA ASP B 87 16.48 -6.75 -25.62
C ASP B 87 15.27 -6.69 -26.56
N MET B 1 -18.64 -9.99 15.64
CA MET B 1 -19.13 -9.05 14.61
C MET B 1 -18.93 -7.60 15.07
N TYR B 2 -18.33 -6.78 14.19
CA TYR B 2 -18.01 -5.38 14.49
C TYR B 2 -18.93 -4.44 13.69
N VAL B 3 -19.68 -3.59 14.41
CA VAL B 3 -20.78 -2.79 13.81
C VAL B 3 -20.43 -1.29 13.78
N CYS B 4 -20.78 -0.65 12.67
CA CYS B 4 -20.71 0.80 12.55
C CYS B 4 -21.88 1.47 13.26
N HIS B 5 -21.58 2.43 14.15
CA HIS B 5 -22.60 3.11 14.94
C HIS B 5 -22.77 4.58 14.48
N PHE B 6 -22.39 4.86 13.22
CA PHE B 6 -22.70 6.15 12.60
C PHE B 6 -24.22 6.36 12.52
N GLU B 7 -24.65 7.63 12.50
CA GLU B 7 -26.08 7.97 12.60
C GLU B 7 -26.91 7.26 11.50
N ASN B 8 -27.80 6.35 11.92
CA ASN B 8 -28.75 5.64 11.02
C ASN B 8 -28.01 4.64 10.08
N CYS B 9 -26.75 4.31 10.40
CA CYS B 9 -25.94 3.40 9.58
C CYS B 9 -26.24 1.91 9.94
N GLY B 10 -25.66 1.43 11.05
CA GLY B 10 -25.96 0.09 11.58
C GLY B 10 -25.33 -1.06 10.73
N LYS B 11 -24.38 -0.73 9.83
CA LYS B 11 -23.71 -1.75 8.99
C LYS B 11 -22.78 -2.63 9.85
N ALA B 12 -22.71 -3.92 9.53
CA ALA B 12 -21.98 -4.90 10.35
C ALA B 12 -20.92 -5.65 9.52
N PHE B 13 -19.72 -5.79 10.10
CA PHE B 13 -18.57 -6.42 9.42
C PHE B 13 -17.99 -7.56 10.26
N LYS B 14 -17.32 -8.49 9.58
CA LYS B 14 -16.73 -9.65 10.25
C LYS B 14 -15.43 -9.26 11.01
N LYS B 15 -14.70 -8.28 10.45
CA LYS B 15 -13.45 -7.77 11.11
C LYS B 15 -13.53 -6.25 11.35
N HIS B 16 -12.92 -5.79 12.46
CA HIS B 16 -12.91 -4.36 12.81
C HIS B 16 -12.13 -3.53 11.77
N ASN B 17 -11.15 -4.15 11.11
CA ASN B 17 -10.38 -3.47 10.06
C ASN B 17 -11.31 -3.07 8.86
N GLN B 18 -12.34 -3.91 8.58
CA GLN B 18 -13.37 -3.56 7.58
C GLN B 18 -14.29 -2.45 8.11
N LEU B 19 -14.63 -2.51 9.41
CA LEU B 19 -15.43 -1.47 10.05
C LEU B 19 -14.70 -0.10 9.99
N LYS B 20 -13.41 -0.10 10.32
CA LYS B 20 -12.56 1.09 10.22
C LYS B 20 -12.51 1.60 8.78
N VAL B 21 -12.41 0.67 7.82
CA VAL B 21 -12.46 1.02 6.38
C VAL B 21 -13.81 1.68 6.02
N HIS B 22 -14.90 1.16 6.57
CA HIS B 22 -16.23 1.67 6.26
C HIS B 22 -16.42 3.10 6.80
N GLN B 23 -16.00 3.34 8.04
CA GLN B 23 -16.19 4.65 8.69
C GLN B 23 -15.38 5.74 7.97
N PHE B 24 -14.22 5.38 7.41
CA PHE B 24 -13.40 6.30 6.62
C PHE B 24 -14.24 6.93 5.47
N SER B 25 -15.25 6.20 4.98
CA SER B 25 -16.16 6.71 3.95
C SER B 25 -17.05 7.86 4.49
N HIS B 26 -17.65 7.64 5.69
CA HIS B 26 -18.49 8.68 6.33
C HIS B 26 -17.66 9.92 6.70
N THR B 27 -16.41 9.71 7.11
CA THR B 27 -15.50 10.81 7.50
C THR B 27 -14.84 11.45 6.25
N GLN B 28 -14.87 10.71 5.14
CA GLN B 28 -14.22 11.12 3.88
C GLN B 28 -12.71 11.43 4.09
N GLN B 29 -12.07 10.71 5.03
CA GLN B 29 -10.60 10.74 5.17
C GLN B 29 -10.04 9.31 5.24
N LEU B 30 -8.76 9.15 4.87
CA LEU B 30 -8.17 7.81 4.69
C LEU B 30 -7.45 7.34 5.97
N PRO B 31 -7.73 6.09 6.41
CA PRO B 31 -7.25 5.59 7.72
C PRO B 31 -5.77 5.17 7.70
N TYR B 32 -5.33 4.61 6.57
CA TYR B 32 -4.02 3.98 6.49
C TYR B 32 -3.01 4.90 5.82
N GLU B 33 -2.29 5.68 6.61
CA GLU B 33 -1.30 6.64 6.09
C GLU B 33 0.11 6.04 6.12
N CYS B 34 0.90 6.30 5.08
CA CYS B 34 2.32 5.91 5.04
C CYS B 34 3.16 6.82 5.98
N PRO B 35 3.81 6.24 7.01
CA PRO B 35 4.50 7.00 8.05
C PRO B 35 5.98 7.31 7.71
N HIS B 36 6.42 6.94 6.50
CA HIS B 36 7.83 7.11 6.10
C HIS B 36 8.20 8.61 6.01
N GLU B 37 9.46 8.91 6.33
CA GLU B 37 9.96 10.29 6.29
C GLU B 37 9.94 10.84 4.84
N GLY B 38 9.20 11.94 4.63
CA GLY B 38 9.14 12.59 3.31
C GLY B 38 7.96 12.08 2.45
N CYS B 39 7.20 11.10 2.98
CA CYS B 39 6.03 10.55 2.28
C CYS B 39 4.72 11.06 2.93
N ASP B 40 3.66 11.14 2.13
CA ASP B 40 2.36 11.66 2.59
C ASP B 40 1.18 10.89 1.93
N LYS B 41 1.47 9.76 1.28
CA LYS B 41 0.44 8.91 0.64
C LYS B 41 -0.47 8.27 1.73
N ARG B 42 -1.76 8.12 1.40
CA ARG B 42 -2.73 7.43 2.29
C ARG B 42 -3.57 6.44 1.49
N PHE B 43 -4.06 5.42 2.17
CA PHE B 43 -4.70 4.28 1.50
C PHE B 43 -6.00 3.91 2.18
N SER B 44 -6.87 3.26 1.44
CA SER B 44 -8.20 2.91 1.92
C SER B 44 -8.17 1.62 2.73
N LEU B 45 -7.18 0.74 2.45
CA LEU B 45 -7.06 -0.55 3.15
C LEU B 45 -5.62 -0.76 3.67
N PRO B 46 -5.44 -1.59 4.73
CA PRO B 46 -4.12 -1.87 5.30
C PRO B 46 -3.23 -2.67 4.34
N SER B 47 -3.85 -3.55 3.56
CA SER B 47 -3.13 -4.33 2.53
C SER B 47 -2.52 -3.41 1.46
N ARG B 48 -3.24 -2.31 1.13
CA ARG B 48 -2.78 -1.35 0.11
C ARG B 48 -1.62 -0.50 0.64
N LEU B 49 -1.68 -0.14 1.94
CA LEU B 49 -0.57 0.54 2.61
C LEU B 49 0.66 -0.39 2.71
N LYS B 50 0.42 -1.65 3.11
CA LYS B 50 1.50 -2.65 3.23
C LYS B 50 2.20 -2.88 1.89
N ARG B 51 1.41 -2.90 0.79
CA ARG B 51 1.98 -3.03 -0.57
C ARG B 51 2.73 -1.76 -0.98
N HIS B 52 2.21 -0.60 -0.59
CA HIS B 52 2.91 0.68 -0.82
C HIS B 52 4.27 0.72 -0.09
N GLU B 53 4.35 0.07 1.07
CA GLU B 53 5.58 0.03 1.86
C GLU B 53 6.74 -0.58 1.04
N LYS B 54 6.39 -1.51 0.12
CA LYS B 54 7.38 -2.15 -0.76
C LYS B 54 8.12 -1.09 -1.64
N VAL B 55 7.46 0.05 -1.89
CA VAL B 55 8.10 1.17 -2.63
C VAL B 55 9.32 1.70 -1.85
N HIS B 56 9.17 1.85 -0.53
CA HIS B 56 10.28 2.33 0.33
C HIS B 56 11.31 1.22 0.58
N ALA B 57 10.87 -0.05 0.53
CA ALA B 57 11.79 -1.20 0.63
C ALA B 57 12.65 -1.33 -0.66
N GLY B 58 12.10 -0.87 -1.79
CA GLY B 58 12.81 -0.89 -3.07
C GLY B 58 12.67 -2.22 -3.80
N TYR B 59 13.20 -2.28 -5.02
CA TYR B 59 13.11 -3.46 -5.87
C TYR B 59 14.51 -3.93 -6.28
N PRO B 60 15.09 -4.89 -5.54
CA PRO B 60 16.45 -5.33 -5.76
C PRO B 60 16.55 -6.31 -6.92
N CYS B 61 17.61 -6.16 -7.72
CA CYS B 61 17.84 -7.03 -8.87
C CYS B 61 18.25 -8.43 -8.42
N LYS B 62 17.77 -9.43 -9.15
CA LYS B 62 18.15 -10.84 -8.93
C LYS B 62 18.25 -11.58 -10.28
N LYS B 63 18.25 -10.82 -11.38
CA LYS B 63 18.39 -11.39 -12.73
C LYS B 63 19.81 -11.98 -12.93
N ASP B 64 20.78 -11.50 -12.14
CA ASP B 64 22.15 -12.01 -12.18
C ASP B 64 22.83 -11.87 -10.80
N ASP B 65 23.67 -12.84 -10.44
CA ASP B 65 24.32 -12.87 -9.11
C ASP B 65 25.29 -11.68 -8.92
N SER B 66 25.84 -11.17 -10.04
CA SER B 66 26.81 -10.05 -9.99
C SER B 66 26.11 -8.70 -10.22
N CYS B 67 24.79 -8.66 -10.01
CA CYS B 67 24.01 -7.42 -10.09
C CYS B 67 23.43 -7.07 -8.69
N SER B 68 23.55 -5.79 -8.31
CA SER B 68 23.17 -5.34 -6.94
C SER B 68 22.34 -4.04 -6.98
N PHE B 69 21.80 -3.70 -8.15
CA PHE B 69 20.92 -2.54 -8.31
C PHE B 69 19.65 -2.69 -7.46
N VAL B 70 19.19 -1.58 -6.87
CA VAL B 70 17.87 -1.54 -6.19
C VAL B 70 17.06 -0.36 -6.71
N GLY B 71 15.87 -0.65 -7.24
CA GLY B 71 15.00 0.40 -7.80
C GLY B 71 14.15 1.06 -6.72
N LYS B 72 14.10 2.40 -6.74
CA LYS B 72 13.28 3.17 -5.77
C LYS B 72 11.77 2.92 -6.00
N THR B 73 11.42 2.38 -7.18
CA THR B 73 10.02 2.02 -7.50
C THR B 73 9.98 0.85 -8.49
N TRP B 74 8.82 0.21 -8.59
CA TRP B 74 8.66 -0.98 -9.43
C TRP B 74 9.03 -0.69 -10.90
N THR B 75 8.62 0.49 -11.41
CA THR B 75 8.96 0.90 -12.78
C THR B 75 10.47 0.91 -13.01
N LEU B 76 11.22 1.50 -12.06
CA LEU B 76 12.67 1.66 -12.21
C LEU B 76 13.38 0.29 -12.30
N TYR B 77 12.86 -0.70 -11.56
CA TYR B 77 13.40 -2.06 -11.64
C TYR B 77 13.07 -2.70 -13.00
N LEU B 78 11.81 -2.60 -13.41
CA LEU B 78 11.38 -3.16 -14.70
C LEU B 78 12.17 -2.51 -15.87
N LYS B 79 12.36 -1.19 -15.79
CA LYS B 79 13.15 -0.44 -16.79
C LYS B 79 14.62 -0.90 -16.78
N HIS B 80 15.19 -1.07 -15.57
CA HIS B 80 16.57 -1.54 -15.43
C HIS B 80 16.73 -2.96 -16.02
N VAL B 81 15.75 -3.83 -15.78
CA VAL B 81 15.76 -5.20 -16.32
C VAL B 81 15.77 -5.19 -17.83
N ALA B 82 14.93 -4.34 -18.43
CA ALA B 82 14.80 -4.30 -19.89
C ALA B 82 16.13 -3.86 -20.55
N GLU B 83 16.87 -2.96 -19.89
CA GLU B 83 18.11 -2.39 -20.45
C GLU B 83 19.36 -3.24 -20.11
N CYS B 84 19.32 -3.95 -18.96
CA CYS B 84 20.54 -4.60 -18.42
C CYS B 84 20.48 -6.15 -18.53
N HIS B 85 19.27 -6.72 -18.66
CA HIS B 85 19.11 -8.19 -18.70
C HIS B 85 18.21 -8.64 -19.88
N GLN B 86 17.86 -7.70 -20.77
CA GLN B 86 17.07 -8.02 -21.99
C GLN B 86 17.59 -7.22 -23.22
N ASP B 87 18.77 -6.59 -23.07
CA ASP B 87 19.41 -5.83 -24.15
C ASP B 87 20.94 -5.78 -23.97
N MET B 1 -18.13 -10.59 14.45
CA MET B 1 -18.70 -9.67 13.46
C MET B 1 -18.65 -8.22 13.98
N TYR B 2 -18.08 -7.33 13.18
CA TYR B 2 -17.87 -5.92 13.58
C TYR B 2 -18.81 -4.99 12.80
N VAL B 3 -19.61 -4.20 13.53
CA VAL B 3 -20.73 -3.44 12.93
C VAL B 3 -20.46 -1.92 12.96
N CYS B 4 -20.81 -1.24 11.86
CA CYS B 4 -20.79 0.21 11.80
C CYS B 4 -22.01 0.79 12.52
N HIS B 5 -21.76 1.74 13.42
CA HIS B 5 -22.82 2.36 14.22
C HIS B 5 -23.03 3.84 13.80
N PHE B 6 -22.65 4.17 12.55
CA PHE B 6 -22.97 5.48 11.98
C PHE B 6 -24.50 5.65 11.89
N GLU B 7 -24.97 6.90 11.88
CA GLU B 7 -26.42 7.19 11.99
C GLU B 7 -27.21 6.48 10.86
N ASN B 8 -28.08 5.53 11.27
CA ASN B 8 -28.99 4.82 10.34
C ASN B 8 -28.22 3.86 9.37
N CYS B 9 -26.95 3.57 9.71
CA CYS B 9 -26.11 2.70 8.87
C CYS B 9 -26.35 1.19 9.20
N GLY B 10 -25.74 0.71 10.29
CA GLY B 10 -25.99 -0.65 10.78
C GLY B 10 -25.33 -1.76 9.91
N LYS B 11 -24.40 -1.37 9.02
CA LYS B 11 -23.69 -2.34 8.15
C LYS B 11 -22.71 -3.21 8.98
N ALA B 12 -22.60 -4.49 8.60
CA ALA B 12 -21.80 -5.46 9.40
C ALA B 12 -20.68 -6.10 8.54
N PHE B 13 -19.49 -6.23 9.13
CA PHE B 13 -18.30 -6.71 8.42
C PHE B 13 -17.67 -7.88 9.15
N LYS B 14 -16.91 -8.70 8.40
CA LYS B 14 -16.21 -9.84 8.96
C LYS B 14 -15.13 -9.40 9.95
N LYS B 15 -14.42 -8.32 9.62
CA LYS B 15 -13.24 -7.88 10.39
C LYS B 15 -13.28 -6.37 10.65
N HIS B 16 -12.72 -5.95 11.79
CA HIS B 16 -12.74 -4.52 12.19
C HIS B 16 -11.97 -3.65 11.20
N ASN B 17 -10.96 -4.23 10.54
CA ASN B 17 -10.22 -3.50 9.50
C ASN B 17 -11.15 -3.16 8.29
N GLN B 18 -12.12 -4.04 8.00
CA GLN B 18 -13.16 -3.74 6.98
C GLN B 18 -14.16 -2.70 7.52
N LEU B 19 -14.48 -2.77 8.82
CA LEU B 19 -15.35 -1.78 9.45
C LEU B 19 -14.70 -0.37 9.39
N LYS B 20 -13.42 -0.29 9.74
CA LYS B 20 -12.64 0.97 9.62
C LYS B 20 -12.63 1.45 8.16
N VAL B 21 -12.49 0.51 7.22
CA VAL B 21 -12.54 0.83 5.77
C VAL B 21 -13.89 1.47 5.39
N HIS B 22 -14.98 0.94 5.95
CA HIS B 22 -16.30 1.42 5.62
C HIS B 22 -16.54 2.82 6.21
N GLN B 23 -16.15 3.03 7.48
CA GLN B 23 -16.38 4.31 8.16
C GLN B 23 -15.57 5.45 7.53
N PHE B 24 -14.38 5.11 6.99
CA PHE B 24 -13.57 6.09 6.26
C PHE B 24 -14.37 6.74 5.10
N SER B 25 -15.35 6.00 4.55
CA SER B 25 -16.25 6.54 3.51
C SER B 25 -17.18 7.63 4.07
N HIS B 26 -17.80 7.38 5.25
CA HIS B 26 -18.68 8.37 5.91
C HIS B 26 -17.89 9.61 6.33
N THR B 27 -16.65 9.41 6.78
CA THR B 27 -15.77 10.50 7.25
C THR B 27 -15.07 11.20 6.06
N GLN B 28 -15.02 10.51 4.92
CA GLN B 28 -14.33 10.99 3.72
C GLN B 28 -12.82 11.29 3.99
N GLN B 29 -12.23 10.56 4.94
CA GLN B 29 -10.75 10.60 5.14
C GLN B 29 -10.18 9.16 5.17
N LEU B 30 -8.89 9.03 4.85
CA LEU B 30 -8.28 7.70 4.64
C LEU B 30 -7.60 7.17 5.92
N PRO B 31 -7.87 5.89 6.29
CA PRO B 31 -7.44 5.34 7.58
C PRO B 31 -5.96 4.92 7.60
N TYR B 32 -5.46 4.40 6.46
CA TYR B 32 -4.15 3.78 6.41
C TYR B 32 -3.12 4.75 5.82
N GLU B 33 -2.38 5.41 6.69
CA GLU B 33 -1.43 6.46 6.27
C GLU B 33 0.02 5.94 6.34
N CYS B 34 0.82 6.27 5.32
CA CYS B 34 2.25 5.93 5.32
C CYS B 34 3.03 6.85 6.31
N PRO B 35 3.72 6.24 7.32
CA PRO B 35 4.37 6.99 8.40
C PRO B 35 5.85 7.34 8.10
N HIS B 36 6.32 7.03 6.89
CA HIS B 36 7.74 7.24 6.51
C HIS B 36 8.10 8.73 6.52
N GLU B 37 9.35 9.04 6.87
CA GLU B 37 9.83 10.43 6.93
C GLU B 37 9.86 11.05 5.52
N GLY B 38 9.10 12.15 5.35
CA GLY B 38 9.05 12.86 4.05
C GLY B 38 7.91 12.37 3.14
N CYS B 39 7.14 11.38 3.62
CA CYS B 39 6.00 10.83 2.88
C CYS B 39 4.67 11.22 3.56
N ASP B 40 3.58 11.25 2.77
CA ASP B 40 2.25 11.61 3.29
C ASP B 40 1.13 10.86 2.51
N LYS B 41 1.51 9.83 1.75
CA LYS B 41 0.54 9.01 1.00
C LYS B 41 -0.42 8.27 1.96
N ARG B 42 -1.69 8.15 1.56
CA ARG B 42 -2.73 7.49 2.40
C ARG B 42 -3.56 6.55 1.54
N PHE B 43 -4.07 5.49 2.16
CA PHE B 43 -4.68 4.39 1.42
C PHE B 43 -6.00 3.98 2.04
N SER B 44 -6.83 3.33 1.24
CA SER B 44 -8.16 2.94 1.65
C SER B 44 -8.15 1.62 2.41
N LEU B 45 -7.15 0.77 2.11
CA LEU B 45 -7.04 -0.57 2.74
C LEU B 45 -5.62 -0.79 3.32
N PRO B 46 -5.48 -1.69 4.33
CA PRO B 46 -4.19 -1.99 4.92
C PRO B 46 -3.25 -2.71 3.95
N SER B 47 -3.83 -3.56 3.09
CA SER B 47 -3.05 -4.28 2.05
C SER B 47 -2.43 -3.28 1.05
N ARG B 48 -3.15 -2.18 0.78
CA ARG B 48 -2.68 -1.15 -0.17
C ARG B 48 -1.53 -0.33 0.44
N LEU B 49 -1.62 -0.06 1.74
CA LEU B 49 -0.51 0.58 2.48
C LEU B 49 0.70 -0.39 2.58
N LYS B 50 0.43 -1.67 2.91
CA LYS B 50 1.49 -2.70 2.98
C LYS B 50 2.24 -2.81 1.63
N ARG B 51 1.50 -2.65 0.53
CA ARG B 51 2.11 -2.58 -0.82
C ARG B 51 2.93 -1.30 -0.99
N HIS B 52 2.37 -0.18 -0.53
CA HIS B 52 3.06 1.12 -0.62
C HIS B 52 4.42 1.08 0.12
N GLU B 53 4.49 0.33 1.22
CA GLU B 53 5.74 0.23 2.00
C GLU B 53 6.89 -0.31 1.11
N LYS B 54 6.56 -1.17 0.13
CA LYS B 54 7.57 -1.72 -0.80
C LYS B 54 8.28 -0.59 -1.58
N VAL B 55 7.60 0.55 -1.76
CA VAL B 55 8.21 1.73 -2.43
C VAL B 55 9.41 2.25 -1.64
N HIS B 56 9.29 2.28 -0.31
CA HIS B 56 10.40 2.70 0.57
C HIS B 56 11.46 1.59 0.72
N ALA B 57 11.00 0.32 0.73
CA ALA B 57 11.91 -0.83 0.86
C ALA B 57 12.74 -1.03 -0.45
N GLY B 58 12.16 -0.63 -1.59
CA GLY B 58 12.84 -0.75 -2.88
C GLY B 58 12.57 -2.11 -3.56
N TYR B 59 13.07 -2.25 -4.79
CA TYR B 59 12.87 -3.46 -5.59
C TYR B 59 14.22 -4.04 -6.03
N PRO B 60 14.75 -5.01 -5.27
CA PRO B 60 16.07 -5.55 -5.52
C PRO B 60 16.08 -6.57 -6.66
N CYS B 61 17.13 -6.53 -7.47
CA CYS B 61 17.28 -7.44 -8.61
C CYS B 61 17.61 -8.86 -8.13
N LYS B 62 17.00 -9.84 -8.81
CA LYS B 62 17.29 -11.27 -8.57
C LYS B 62 17.35 -12.04 -9.89
N LYS B 63 17.39 -11.30 -11.02
CA LYS B 63 17.50 -11.92 -12.36
C LYS B 63 18.86 -12.61 -12.55
N ASP B 64 19.86 -12.20 -11.76
CA ASP B 64 21.19 -12.83 -11.79
C ASP B 64 21.88 -12.72 -10.42
N ASP B 65 22.69 -13.73 -10.08
CA ASP B 65 23.34 -13.80 -8.75
C ASP B 65 24.35 -12.65 -8.55
N SER B 66 24.96 -12.19 -9.66
CA SER B 66 25.99 -11.12 -9.60
C SER B 66 25.38 -9.73 -9.87
N CYS B 67 24.05 -9.62 -9.71
CA CYS B 67 23.35 -8.34 -9.83
C CYS B 67 22.76 -7.93 -8.46
N SER B 68 23.00 -6.67 -8.07
CA SER B 68 22.64 -6.19 -6.71
C SER B 68 21.93 -4.81 -6.77
N PHE B 69 21.49 -4.42 -7.97
CA PHE B 69 20.71 -3.18 -8.15
C PHE B 69 19.42 -3.21 -7.31
N VAL B 70 19.04 -2.06 -6.74
CA VAL B 70 17.74 -1.91 -6.06
C VAL B 70 17.01 -0.70 -6.60
N GLY B 71 15.81 -0.93 -7.15
CA GLY B 71 15.02 0.17 -7.74
C GLY B 71 14.20 0.89 -6.69
N LYS B 72 14.24 2.23 -6.73
CA LYS B 72 13.49 3.06 -5.76
C LYS B 72 11.95 2.88 -5.93
N THR B 73 11.54 2.29 -7.07
CA THR B 73 10.12 1.99 -7.33
C THR B 73 10.00 0.80 -8.27
N TRP B 74 8.81 0.20 -8.32
CA TRP B 74 8.57 -0.99 -9.13
C TRP B 74 8.90 -0.74 -10.61
N THR B 75 8.55 0.46 -11.12
CA THR B 75 8.87 0.84 -12.50
C THR B 75 10.38 0.79 -12.76
N LEU B 76 11.16 1.38 -11.85
CA LEU B 76 12.62 1.48 -12.04
C LEU B 76 13.27 0.09 -12.11
N TYR B 77 12.74 -0.87 -11.34
CA TYR B 77 13.21 -2.24 -11.39
C TYR B 77 12.83 -2.90 -12.72
N LEU B 78 11.57 -2.77 -13.12
CA LEU B 78 11.09 -3.34 -14.38
C LEU B 78 11.87 -2.75 -15.58
N LYS B 79 12.13 -1.43 -15.54
CA LYS B 79 12.94 -0.75 -16.58
C LYS B 79 14.38 -1.27 -16.59
N HIS B 80 14.96 -1.46 -15.40
CA HIS B 80 16.31 -2.04 -15.28
C HIS B 80 16.35 -3.47 -15.83
N VAL B 81 15.32 -4.25 -15.53
CA VAL B 81 15.22 -5.64 -16.01
C VAL B 81 15.14 -5.69 -17.53
N ALA B 82 14.32 -4.83 -18.12
CA ALA B 82 14.13 -4.81 -19.55
C ALA B 82 15.44 -4.45 -20.29
N GLU B 83 16.26 -3.59 -19.67
CA GLU B 83 17.48 -3.07 -20.29
C GLU B 83 18.72 -3.98 -20.00
N CYS B 84 18.68 -4.72 -18.86
CA CYS B 84 19.87 -5.43 -18.36
C CYS B 84 19.72 -6.98 -18.42
N HIS B 85 18.47 -7.48 -18.47
CA HIS B 85 18.21 -8.94 -18.45
C HIS B 85 17.22 -9.37 -19.57
N GLN B 86 16.83 -8.43 -20.43
CA GLN B 86 15.94 -8.74 -21.59
C GLN B 86 16.40 -7.98 -22.86
N ASP B 87 17.65 -7.49 -22.85
CA ASP B 87 18.24 -6.78 -24.02
C ASP B 87 19.78 -6.91 -24.00
N MET B 1 -18.73 -10.20 15.71
CA MET B 1 -19.21 -9.30 14.67
C MET B 1 -19.10 -7.82 15.13
N TYR B 2 -18.50 -6.99 14.28
CA TYR B 2 -18.25 -5.58 14.60
C TYR B 2 -19.17 -4.67 13.76
N VAL B 3 -19.96 -3.83 14.46
CA VAL B 3 -21.06 -3.07 13.81
C VAL B 3 -20.76 -1.56 13.78
N CYS B 4 -21.09 -0.93 12.64
CA CYS B 4 -21.05 0.53 12.51
C CYS B 4 -22.27 1.16 13.19
N HIS B 5 -22.01 2.15 14.05
CA HIS B 5 -23.06 2.83 14.81
C HIS B 5 -23.26 4.28 14.34
N PHE B 6 -22.87 4.55 13.08
CA PHE B 6 -23.19 5.83 12.44
C PHE B 6 -24.72 6.01 12.34
N GLU B 7 -25.17 7.27 12.29
CA GLU B 7 -26.61 7.58 12.38
C GLU B 7 -27.42 6.83 11.28
N ASN B 8 -28.29 5.90 11.72
CA ASN B 8 -29.22 5.17 10.82
C ASN B 8 -28.45 4.16 9.90
N CYS B 9 -27.18 3.86 10.25
CA CYS B 9 -26.35 2.95 9.46
C CYS B 9 -26.62 1.46 9.85
N GLY B 10 -26.03 1.02 10.97
CA GLY B 10 -26.29 -0.33 11.51
C GLY B 10 -25.64 -1.47 10.68
N LYS B 11 -24.70 -1.11 9.78
CA LYS B 11 -23.99 -2.13 8.95
C LYS B 11 -23.04 -2.97 9.82
N ALA B 12 -22.94 -4.27 9.52
CA ALA B 12 -22.17 -5.21 10.36
C ALA B 12 -21.06 -5.90 9.55
N PHE B 13 -19.87 -6.03 10.16
CA PHE B 13 -18.69 -6.56 9.49
C PHE B 13 -18.08 -7.72 10.27
N LYS B 14 -17.44 -8.63 9.55
CA LYS B 14 -16.76 -9.77 10.17
C LYS B 14 -15.60 -9.31 11.06
N LYS B 15 -14.92 -8.21 10.66
CA LYS B 15 -13.71 -7.74 11.38
C LYS B 15 -13.72 -6.21 11.56
N HIS B 16 -13.14 -5.74 12.68
CA HIS B 16 -13.13 -4.30 13.01
C HIS B 16 -12.34 -3.48 11.98
N ASN B 17 -11.35 -4.10 11.34
CA ASN B 17 -10.56 -3.43 10.29
C ASN B 17 -11.46 -3.07 9.07
N GLN B 18 -12.44 -3.94 8.76
CA GLN B 18 -13.44 -3.63 7.72
C GLN B 18 -14.44 -2.57 8.22
N LEU B 19 -14.78 -2.63 9.52
CA LEU B 19 -15.65 -1.60 10.13
C LEU B 19 -15.00 -0.21 10.03
N LYS B 20 -13.70 -0.12 10.38
CA LYS B 20 -12.92 1.11 10.19
C LYS B 20 -12.93 1.56 8.72
N VAL B 21 -12.75 0.59 7.81
CA VAL B 21 -12.78 0.88 6.36
C VAL B 21 -14.14 1.48 5.95
N HIS B 22 -15.22 0.95 6.51
CA HIS B 22 -16.56 1.40 6.18
C HIS B 22 -16.80 2.84 6.70
N GLN B 23 -16.40 3.11 7.94
CA GLN B 23 -16.63 4.43 8.57
C GLN B 23 -15.83 5.53 7.86
N PHE B 24 -14.67 5.17 7.31
CA PHE B 24 -13.86 6.12 6.52
C PHE B 24 -14.71 6.71 5.35
N SER B 25 -15.69 5.95 4.86
CA SER B 25 -16.61 6.44 3.82
C SER B 25 -17.53 7.57 4.35
N HIS B 26 -18.13 7.35 5.55
CA HIS B 26 -19.00 8.37 6.17
C HIS B 26 -18.21 9.64 6.52
N THR B 27 -16.96 9.45 6.95
CA THR B 27 -16.07 10.58 7.34
C THR B 27 -15.41 11.21 6.10
N GLN B 28 -15.42 10.48 4.99
CA GLN B 28 -14.77 10.89 3.74
C GLN B 28 -13.26 11.22 3.95
N GLN B 29 -12.61 10.53 4.91
CA GLN B 29 -11.15 10.58 5.06
C GLN B 29 -10.56 9.17 5.14
N LEU B 30 -9.28 9.02 4.78
CA LEU B 30 -8.67 7.70 4.60
C LEU B 30 -7.92 7.25 5.88
N PRO B 31 -8.16 5.99 6.33
CA PRO B 31 -7.67 5.50 7.63
C PRO B 31 -6.18 5.11 7.60
N TYR B 32 -5.73 4.54 6.49
CA TYR B 32 -4.41 3.92 6.40
C TYR B 32 -3.42 4.87 5.73
N GLU B 33 -2.70 5.65 6.53
CA GLU B 33 -1.75 6.64 6.01
C GLU B 33 -0.30 6.11 6.08
N CYS B 34 0.50 6.45 5.06
CA CYS B 34 1.91 6.07 5.02
C CYS B 34 2.74 6.95 6.01
N PRO B 35 3.47 6.31 6.96
CA PRO B 35 4.14 7.01 8.06
C PRO B 35 5.61 7.37 7.74
N HIS B 36 6.06 7.09 6.51
CA HIS B 36 7.47 7.33 6.12
C HIS B 36 7.77 8.84 6.02
N GLU B 37 9.02 9.21 6.28
CA GLU B 37 9.45 10.61 6.20
C GLU B 37 9.39 11.13 4.75
N GLY B 38 8.83 12.34 4.57
CA GLY B 38 8.71 12.95 3.24
C GLY B 38 7.50 12.40 2.44
N CYS B 39 6.72 11.51 3.07
CA CYS B 39 5.53 10.92 2.42
C CYS B 39 4.25 11.28 3.21
N ASP B 40 3.11 11.33 2.50
CA ASP B 40 1.82 11.69 3.12
C ASP B 40 0.64 10.99 2.39
N LYS B 41 0.95 9.96 1.58
CA LYS B 41 -0.10 9.20 0.88
C LYS B 41 -1.00 8.45 1.87
N ARG B 42 -2.28 8.28 1.52
CA ARG B 42 -3.24 7.53 2.35
C ARG B 42 -4.06 6.57 1.49
N PHE B 43 -4.50 5.48 2.11
CA PHE B 43 -5.11 4.37 1.39
C PHE B 43 -6.39 3.90 2.08
N SER B 44 -7.22 3.20 1.32
CA SER B 44 -8.53 2.77 1.80
C SER B 44 -8.45 1.45 2.56
N LEU B 45 -7.35 0.69 2.36
CA LEU B 45 -7.17 -0.61 3.01
C LEU B 45 -5.71 -0.81 3.48
N PRO B 46 -5.50 -1.63 4.53
CA PRO B 46 -4.16 -1.88 5.08
C PRO B 46 -3.26 -2.64 4.11
N SER B 47 -3.86 -3.54 3.33
CA SER B 47 -3.13 -4.28 2.29
C SER B 47 -2.58 -3.33 1.21
N ARG B 48 -3.37 -2.30 0.88
CA ARG B 48 -2.98 -1.32 -0.15
C ARG B 48 -1.87 -0.39 0.37
N LEU B 49 -1.97 0.00 1.65
CA LEU B 49 -0.89 0.74 2.32
C LEU B 49 0.40 -0.11 2.39
N LYS B 50 0.24 -1.39 2.78
CA LYS B 50 1.39 -2.33 2.87
C LYS B 50 2.07 -2.47 1.49
N ARG B 51 1.28 -2.49 0.42
CA ARG B 51 1.82 -2.56 -0.96
C ARG B 51 2.55 -1.25 -1.32
N HIS B 52 1.98 -0.12 -0.92
CA HIS B 52 2.64 1.19 -1.10
C HIS B 52 3.98 1.25 -0.35
N GLU B 53 4.06 0.58 0.80
CA GLU B 53 5.29 0.54 1.60
C GLU B 53 6.46 -0.05 0.78
N LYS B 54 6.13 -0.96 -0.16
CA LYS B 54 7.14 -1.58 -1.04
C LYS B 54 7.88 -0.51 -1.87
N VAL B 55 7.23 0.65 -2.12
CA VAL B 55 7.87 1.78 -2.82
C VAL B 55 9.09 2.28 -2.02
N HIS B 56 8.92 2.40 -0.70
CA HIS B 56 10.01 2.84 0.18
C HIS B 56 11.04 1.72 0.43
N ALA B 57 10.57 0.46 0.42
CA ALA B 57 11.44 -0.70 0.61
C ALA B 57 12.37 -0.91 -0.62
N GLY B 58 11.89 -0.50 -1.80
CA GLY B 58 12.67 -0.65 -3.04
C GLY B 58 12.32 -1.94 -3.79
N TYR B 59 12.82 -2.04 -5.04
CA TYR B 59 12.57 -3.20 -5.89
C TYR B 59 13.89 -3.83 -6.34
N PRO B 60 14.37 -4.86 -5.61
CA PRO B 60 15.69 -5.42 -5.82
C PRO B 60 15.74 -6.41 -6.97
N CYS B 61 16.86 -6.41 -7.69
CA CYS B 61 17.07 -7.32 -8.82
C CYS B 61 17.26 -8.76 -8.34
N LYS B 62 16.68 -9.69 -9.08
CA LYS B 62 16.84 -11.13 -8.84
C LYS B 62 16.94 -11.90 -10.16
N LYS B 63 17.11 -11.16 -11.27
CA LYS B 63 17.25 -11.78 -12.60
C LYS B 63 18.59 -12.53 -12.72
N ASP B 64 19.57 -12.16 -11.88
CA ASP B 64 20.88 -12.84 -11.86
C ASP B 64 21.49 -12.77 -10.44
N ASP B 65 22.21 -13.83 -10.06
CA ASP B 65 22.78 -13.94 -8.70
C ASP B 65 23.89 -12.88 -8.46
N SER B 66 24.54 -12.44 -9.55
CA SER B 66 25.65 -11.46 -9.46
C SER B 66 25.15 -10.02 -9.74
N CYS B 67 23.83 -9.82 -9.60
CA CYS B 67 23.23 -8.49 -9.74
C CYS B 67 22.59 -8.04 -8.40
N SER B 68 22.85 -6.78 -8.02
CA SER B 68 22.45 -6.27 -6.67
C SER B 68 21.77 -4.89 -6.77
N PHE B 69 21.34 -4.52 -7.98
CA PHE B 69 20.61 -3.25 -8.20
C PHE B 69 19.30 -3.23 -7.39
N VAL B 70 18.98 -2.07 -6.80
CA VAL B 70 17.66 -1.85 -6.17
C VAL B 70 17.02 -0.56 -6.71
N GLY B 71 15.81 -0.69 -7.24
CA GLY B 71 15.09 0.46 -7.81
C GLY B 71 14.24 1.18 -6.76
N LYS B 72 14.24 2.52 -6.82
CA LYS B 72 13.41 3.34 -5.89
C LYS B 72 11.90 3.15 -6.17
N THR B 73 11.58 2.66 -7.37
CA THR B 73 10.17 2.35 -7.74
C THR B 73 10.11 1.19 -8.73
N TRP B 74 8.94 0.59 -8.86
CA TRP B 74 8.74 -0.60 -9.69
C TRP B 74 9.17 -0.34 -11.15
N THR B 75 8.85 0.85 -11.67
CA THR B 75 9.24 1.22 -13.05
C THR B 75 10.76 1.16 -13.23
N LEU B 76 11.51 1.71 -12.26
CA LEU B 76 12.97 1.77 -12.36
C LEU B 76 13.59 0.36 -12.40
N TYR B 77 13.00 -0.58 -11.66
CA TYR B 77 13.45 -1.97 -11.69
C TYR B 77 13.12 -2.62 -13.04
N LEU B 78 11.88 -2.44 -13.51
CA LEU B 78 11.45 -2.99 -14.79
C LEU B 78 12.30 -2.41 -15.95
N LYS B 79 12.61 -1.12 -15.86
CA LYS B 79 13.48 -0.45 -16.85
C LYS B 79 14.91 -1.03 -16.80
N HIS B 80 15.42 -1.24 -15.59
CA HIS B 80 16.74 -1.86 -15.40
C HIS B 80 16.76 -3.29 -15.98
N VAL B 81 15.69 -4.05 -15.73
CA VAL B 81 15.57 -5.43 -16.23
C VAL B 81 15.57 -5.46 -17.75
N ALA B 82 14.79 -4.57 -18.36
CA ALA B 82 14.65 -4.54 -19.81
C ALA B 82 16.01 -4.21 -20.48
N GLU B 83 16.85 -3.42 -19.80
CA GLU B 83 18.13 -2.94 -20.36
C GLU B 83 19.29 -3.93 -20.04
N CYS B 84 19.22 -4.63 -18.89
CA CYS B 84 20.37 -5.40 -18.36
C CYS B 84 20.14 -6.93 -18.45
N HIS B 85 18.87 -7.37 -18.56
CA HIS B 85 18.55 -8.83 -18.55
C HIS B 85 17.57 -9.20 -19.71
N GLN B 86 17.34 -8.26 -20.64
CA GLN B 86 16.50 -8.52 -21.82
C GLN B 86 17.05 -7.76 -23.05
N ASP B 87 16.47 -8.03 -24.23
CA ASP B 87 16.88 -7.38 -25.47
C ASP B 87 16.60 -5.86 -25.44
N MET B 1 -18.82 -10.09 15.65
CA MET B 1 -19.27 -9.17 14.60
C MET B 1 -19.14 -7.71 15.07
N TYR B 2 -18.53 -6.87 14.22
CA TYR B 2 -18.27 -5.45 14.56
C TYR B 2 -19.18 -4.54 13.74
N VAL B 3 -19.95 -3.70 14.44
CA VAL B 3 -21.05 -2.91 13.81
C VAL B 3 -20.72 -1.41 13.78
N CYS B 4 -21.05 -0.76 12.66
CA CYS B 4 -20.98 0.69 12.54
C CYS B 4 -22.17 1.34 13.24
N HIS B 5 -21.88 2.30 14.13
CA HIS B 5 -22.91 2.97 14.91
C HIS B 5 -23.08 4.44 14.46
N PHE B 6 -22.69 4.73 13.20
CA PHE B 6 -22.99 6.03 12.58
C PHE B 6 -24.52 6.24 12.49
N GLU B 7 -24.94 7.50 12.47
CA GLU B 7 -26.36 7.85 12.58
C GLU B 7 -27.20 7.14 11.47
N ASN B 8 -28.08 6.22 11.91
CA ASN B 8 -29.04 5.51 11.00
C ASN B 8 -28.30 4.51 10.06
N CYS B 9 -27.04 4.18 10.39
CA CYS B 9 -26.24 3.26 9.57
C CYS B 9 -26.54 1.77 9.92
N GLY B 10 -25.96 1.30 11.05
CA GLY B 10 -26.27 -0.05 11.56
C GLY B 10 -25.64 -1.20 10.71
N LYS B 11 -24.70 -0.85 9.81
CA LYS B 11 -24.02 -1.87 8.97
C LYS B 11 -23.07 -2.73 9.82
N ALA B 12 -22.98 -4.03 9.51
CA ALA B 12 -22.22 -4.99 10.34
C ALA B 12 -21.12 -5.68 9.51
N PHE B 13 -19.93 -5.82 10.12
CA PHE B 13 -18.75 -6.35 9.44
C PHE B 13 -18.15 -7.52 10.22
N LYS B 14 -17.51 -8.43 9.49
CA LYS B 14 -16.83 -9.58 10.10
C LYS B 14 -15.68 -9.13 11.03
N LYS B 15 -15.01 -8.01 10.66
CA LYS B 15 -13.78 -7.57 11.36
C LYS B 15 -13.78 -6.05 11.58
N HIS B 16 -13.15 -5.62 12.69
CA HIS B 16 -13.09 -4.18 13.05
C HIS B 16 -12.29 -3.38 12.02
N ASN B 17 -11.31 -4.01 11.37
CA ASN B 17 -10.55 -3.37 10.30
C ASN B 17 -11.47 -3.02 9.09
N GLN B 18 -12.40 -3.92 8.78
CA GLN B 18 -13.39 -3.65 7.72
C GLN B 18 -14.43 -2.61 8.18
N LEU B 19 -14.77 -2.63 9.48
CA LEU B 19 -15.65 -1.62 10.08
C LEU B 19 -15.01 -0.22 9.99
N LYS B 20 -13.73 -0.12 10.35
CA LYS B 20 -12.97 1.15 10.25
C LYS B 20 -12.87 1.59 8.78
N VAL B 21 -12.72 0.62 7.86
CA VAL B 21 -12.72 0.90 6.42
C VAL B 21 -14.06 1.53 5.97
N HIS B 22 -15.16 1.01 6.51
CA HIS B 22 -16.48 1.52 6.17
C HIS B 22 -16.69 2.95 6.74
N GLN B 23 -16.29 3.17 7.99
CA GLN B 23 -16.48 4.48 8.65
C GLN B 23 -15.67 5.57 7.96
N PHE B 24 -14.50 5.20 7.41
CA PHE B 24 -13.67 6.15 6.65
C PHE B 24 -14.50 6.81 5.51
N SER B 25 -15.51 6.08 4.99
CA SER B 25 -16.41 6.63 3.96
C SER B 25 -17.29 7.77 4.53
N HIS B 26 -17.90 7.54 5.71
CA HIS B 26 -18.74 8.57 6.36
C HIS B 26 -17.90 9.81 6.76
N THR B 27 -16.66 9.56 7.18
CA THR B 27 -15.74 10.65 7.59
C THR B 27 -15.08 11.30 6.36
N GLN B 28 -15.11 10.59 5.23
CA GLN B 28 -14.45 11.01 3.98
C GLN B 28 -12.93 11.31 4.21
N GLN B 29 -12.30 10.56 5.14
CA GLN B 29 -10.83 10.58 5.29
C GLN B 29 -10.29 9.15 5.33
N LEU B 30 -9.01 8.98 4.98
CA LEU B 30 -8.43 7.65 4.76
C LEU B 30 -7.67 7.16 6.02
N PRO B 31 -7.93 5.90 6.45
CA PRO B 31 -7.44 5.38 7.74
C PRO B 31 -5.96 4.93 7.68
N TYR B 32 -5.57 4.31 6.57
CA TYR B 32 -4.26 3.65 6.47
C TYR B 32 -3.23 4.61 5.86
N GLU B 33 -2.51 5.32 6.73
CA GLU B 33 -1.51 6.29 6.28
C GLU B 33 -0.09 5.67 6.28
N CYS B 34 0.72 6.03 5.29
CA CYS B 34 2.11 5.61 5.22
C CYS B 34 2.96 6.38 6.29
N PRO B 35 3.62 5.64 7.22
CA PRO B 35 4.30 6.24 8.37
C PRO B 35 5.77 6.61 8.08
N HIS B 36 6.21 6.44 6.82
CA HIS B 36 7.62 6.70 6.44
C HIS B 36 7.95 8.19 6.61
N GLU B 37 9.21 8.46 7.02
CA GLU B 37 9.67 9.84 7.23
C GLU B 37 9.75 10.61 5.90
N GLY B 38 8.90 11.63 5.75
CA GLY B 38 8.89 12.45 4.51
C GLY B 38 7.73 12.06 3.56
N CYS B 39 6.94 11.05 3.96
CA CYS B 39 5.79 10.60 3.17
C CYS B 39 4.46 11.04 3.82
N ASP B 40 3.39 11.12 3.02
CA ASP B 40 2.08 11.60 3.49
C ASP B 40 0.90 10.90 2.74
N LYS B 41 1.22 9.83 1.99
CA LYS B 41 0.20 9.07 1.25
C LYS B 41 -0.74 8.34 2.23
N ARG B 42 -2.02 8.21 1.84
CA ARG B 42 -3.02 7.46 2.64
C ARG B 42 -3.85 6.54 1.74
N PHE B 43 -4.32 5.44 2.31
CA PHE B 43 -4.94 4.36 1.53
C PHE B 43 -6.23 3.89 2.19
N SER B 44 -7.09 3.26 1.40
CA SER B 44 -8.42 2.84 1.85
C SER B 44 -8.37 1.49 2.55
N LEU B 45 -7.31 0.71 2.31
CA LEU B 45 -7.15 -0.62 2.92
C LEU B 45 -5.67 -0.89 3.26
N PRO B 46 -5.41 -1.75 4.26
CA PRO B 46 -4.05 -2.09 4.69
C PRO B 46 -3.27 -2.82 3.59
N SER B 47 -3.98 -3.50 2.69
CA SER B 47 -3.36 -4.19 1.54
C SER B 47 -2.72 -3.18 0.57
N ARG B 48 -3.41 -2.06 0.31
CA ARG B 48 -2.89 -1.02 -0.59
C ARG B 48 -1.75 -0.25 0.06
N LEU B 49 -1.83 -0.04 1.39
CA LEU B 49 -0.71 0.53 2.15
C LEU B 49 0.50 -0.43 2.13
N LYS B 50 0.23 -1.74 2.34
CA LYS B 50 1.29 -2.78 2.27
C LYS B 50 2.03 -2.72 0.93
N ARG B 51 1.28 -2.59 -0.17
CA ARG B 51 1.87 -2.45 -1.51
C ARG B 51 2.65 -1.13 -1.63
N HIS B 52 2.10 -0.05 -1.07
CA HIS B 52 2.77 1.25 -1.07
C HIS B 52 4.11 1.20 -0.30
N GLU B 53 4.15 0.47 0.82
CA GLU B 53 5.37 0.35 1.63
C GLU B 53 6.52 -0.25 0.79
N LYS B 54 6.18 -1.12 -0.17
CA LYS B 54 7.17 -1.72 -1.08
C LYS B 54 7.93 -0.63 -1.88
N VAL B 55 7.29 0.54 -2.08
CA VAL B 55 7.95 1.68 -2.75
C VAL B 55 9.17 2.15 -1.94
N HIS B 56 9.02 2.23 -0.62
CA HIS B 56 10.12 2.64 0.27
C HIS B 56 11.14 1.51 0.46
N ALA B 57 10.67 0.25 0.40
CA ALA B 57 11.57 -0.92 0.47
C ALA B 57 12.40 -1.04 -0.83
N GLY B 58 11.84 -0.56 -1.95
CA GLY B 58 12.53 -0.58 -3.24
C GLY B 58 12.35 -1.91 -3.98
N TYR B 59 12.87 -1.96 -5.20
CA TYR B 59 12.77 -3.15 -6.05
C TYR B 59 14.16 -3.61 -6.49
N PRO B 60 14.75 -4.57 -5.75
CA PRO B 60 16.11 -5.00 -5.98
C PRO B 60 16.23 -5.97 -7.16
N CYS B 61 17.31 -5.83 -7.92
CA CYS B 61 17.56 -6.68 -9.08
C CYS B 61 17.99 -8.09 -8.64
N LYS B 62 17.53 -9.09 -9.39
CA LYS B 62 17.95 -10.48 -9.20
C LYS B 62 18.07 -11.20 -10.54
N LYS B 63 18.06 -10.42 -11.64
CA LYS B 63 18.21 -10.97 -13.01
C LYS B 63 19.63 -11.54 -13.21
N ASP B 64 20.59 -11.07 -12.42
CA ASP B 64 21.97 -11.56 -12.48
C ASP B 64 22.65 -11.45 -11.10
N ASP B 65 23.52 -12.42 -10.77
CA ASP B 65 24.17 -12.49 -9.45
C ASP B 65 25.12 -11.29 -9.23
N SER B 66 25.65 -10.72 -10.32
CA SER B 66 26.61 -9.60 -10.25
C SER B 66 25.90 -8.24 -10.46
N CYS B 67 24.58 -8.23 -10.25
CA CYS B 67 23.79 -7.00 -10.30
C CYS B 67 23.19 -6.67 -8.91
N SER B 68 23.30 -5.40 -8.49
CA SER B 68 22.91 -4.99 -7.13
C SER B 68 22.06 -3.70 -7.15
N PHE B 69 21.52 -3.35 -8.32
CA PHE B 69 20.64 -2.19 -8.47
C PHE B 69 19.36 -2.36 -7.63
N VAL B 70 18.89 -1.26 -7.01
CA VAL B 70 17.57 -1.23 -6.35
C VAL B 70 16.76 -0.03 -6.85
N GLY B 71 15.58 -0.32 -7.40
CA GLY B 71 14.71 0.73 -7.95
C GLY B 71 13.86 1.39 -6.88
N LYS B 72 13.86 2.73 -6.86
CA LYS B 72 13.04 3.51 -5.90
C LYS B 72 11.52 3.27 -6.13
N THR B 73 11.18 2.76 -7.32
CA THR B 73 9.79 2.40 -7.65
C THR B 73 9.75 1.23 -8.63
N TRP B 74 8.60 0.57 -8.71
CA TRP B 74 8.46 -0.64 -9.53
C TRP B 74 8.80 -0.37 -11.01
N THR B 75 8.39 0.80 -11.52
CA THR B 75 8.71 1.21 -12.91
C THR B 75 10.22 1.22 -13.14
N LEU B 76 10.96 1.84 -12.20
CA LEU B 76 12.42 2.01 -12.38
C LEU B 76 13.13 0.65 -12.45
N TYR B 77 12.63 -0.34 -11.73
CA TYR B 77 13.18 -1.69 -11.81
C TYR B 77 12.84 -2.34 -13.16
N LEU B 78 11.57 -2.24 -13.56
CA LEU B 78 11.13 -2.82 -14.83
C LEU B 78 11.88 -2.19 -16.02
N LYS B 79 12.09 -0.86 -15.98
CA LYS B 79 12.83 -0.14 -17.03
C LYS B 79 14.34 -0.50 -16.97
N HIS B 80 14.88 -0.68 -15.75
CA HIS B 80 16.27 -1.12 -15.57
C HIS B 80 16.47 -2.52 -16.19
N VAL B 81 15.49 -3.41 -15.99
CA VAL B 81 15.56 -4.78 -16.54
C VAL B 81 15.60 -4.76 -18.06
N ALA B 82 14.75 -3.94 -18.68
CA ALA B 82 14.65 -3.87 -20.12
C ALA B 82 15.98 -3.36 -20.75
N GLU B 83 16.69 -2.49 -20.03
CA GLU B 83 17.93 -1.88 -20.54
C GLU B 83 19.18 -2.74 -20.20
N CYS B 84 19.18 -3.36 -19.00
CA CYS B 84 20.39 -4.02 -18.45
C CYS B 84 20.35 -5.56 -18.64
N HIS B 85 19.14 -6.13 -18.80
CA HIS B 85 18.98 -7.59 -18.94
C HIS B 85 18.07 -7.95 -20.14
N GLN B 86 18.19 -7.17 -21.22
CA GLN B 86 17.48 -7.46 -22.49
C GLN B 86 17.97 -8.79 -23.12
N ASP B 87 19.21 -9.20 -22.79
CA ASP B 87 19.79 -10.45 -23.31
C ASP B 87 20.77 -11.05 -22.28
N MET B 1 -18.86 -9.68 15.94
CA MET B 1 -19.32 -8.79 14.87
C MET B 1 -19.15 -7.31 15.28
N TYR B 2 -18.53 -6.52 14.41
CA TYR B 2 -18.23 -5.11 14.69
C TYR B 2 -19.13 -4.19 13.84
N VAL B 3 -19.89 -3.32 14.51
CA VAL B 3 -20.97 -2.55 13.86
C VAL B 3 -20.64 -1.05 13.77
N CYS B 4 -20.97 -0.44 12.63
CA CYS B 4 -20.91 1.00 12.45
C CYS B 4 -22.12 1.69 13.10
N HIS B 5 -21.85 2.71 13.92
CA HIS B 5 -22.90 3.41 14.66
C HIS B 5 -23.07 4.85 14.14
N PHE B 6 -22.67 5.09 12.88
CA PHE B 6 -22.97 6.35 12.20
C PHE B 6 -24.50 6.54 12.09
N GLU B 7 -24.95 7.81 12.03
CA GLU B 7 -26.38 8.12 12.11
C GLU B 7 -27.19 7.37 11.02
N ASN B 8 -28.08 6.46 11.48
CA ASN B 8 -29.00 5.71 10.59
C ASN B 8 -28.24 4.69 9.69
N CYS B 9 -26.98 4.38 10.04
CA CYS B 9 -26.15 3.45 9.26
C CYS B 9 -26.43 1.98 9.68
N GLY B 10 -25.83 1.56 10.82
CA GLY B 10 -26.12 0.23 11.40
C GLY B 10 -25.49 -0.95 10.61
N LYS B 11 -24.52 -0.65 9.72
CA LYS B 11 -23.82 -1.70 8.95
C LYS B 11 -22.90 -2.54 9.85
N ALA B 12 -22.81 -3.85 9.57
CA ALA B 12 -22.08 -4.78 10.45
C ALA B 12 -20.98 -5.53 9.66
N PHE B 13 -19.79 -5.65 10.27
CA PHE B 13 -18.63 -6.27 9.63
C PHE B 13 -18.05 -7.39 10.49
N LYS B 14 -17.36 -8.32 9.84
CA LYS B 14 -16.77 -9.46 10.54
C LYS B 14 -15.49 -9.04 11.32
N LYS B 15 -14.75 -8.05 10.77
CA LYS B 15 -13.52 -7.52 11.46
C LYS B 15 -13.64 -6.00 11.67
N HIS B 16 -13.06 -5.51 12.78
CA HIS B 16 -13.07 -4.06 13.11
C HIS B 16 -12.27 -3.25 12.09
N ASN B 17 -11.26 -3.86 11.47
CA ASN B 17 -10.48 -3.17 10.43
C ASN B 17 -11.36 -2.85 9.19
N GLN B 18 -12.36 -3.70 8.91
CA GLN B 18 -13.37 -3.40 7.88
C GLN B 18 -14.32 -2.29 8.36
N LEU B 19 -14.68 -2.32 9.65
CA LEU B 19 -15.52 -1.28 10.25
C LEU B 19 -14.83 0.11 10.15
N LYS B 20 -13.54 0.16 10.52
CA LYS B 20 -12.73 1.39 10.35
C LYS B 20 -12.72 1.84 8.89
N VAL B 21 -12.55 0.88 7.97
CA VAL B 21 -12.58 1.16 6.52
C VAL B 21 -13.94 1.77 6.12
N HIS B 22 -15.03 1.24 6.67
CA HIS B 22 -16.35 1.69 6.34
C HIS B 22 -16.60 3.12 6.87
N GLN B 23 -16.20 3.37 8.12
CA GLN B 23 -16.40 4.70 8.74
C GLN B 23 -15.64 5.78 7.97
N PHE B 24 -14.45 5.44 7.46
CA PHE B 24 -13.67 6.37 6.65
C PHE B 24 -14.51 6.88 5.44
N SER B 25 -15.40 6.03 4.92
CA SER B 25 -16.26 6.40 3.78
C SER B 25 -17.23 7.55 4.16
N HIS B 26 -17.70 7.56 5.42
CA HIS B 26 -18.56 8.66 5.92
C HIS B 26 -17.73 9.92 6.21
N THR B 27 -16.50 9.73 6.70
CA THR B 27 -15.62 10.86 7.08
C THR B 27 -14.92 11.46 5.84
N GLN B 28 -14.84 10.67 4.76
CA GLN B 28 -14.11 11.03 3.53
C GLN B 28 -12.64 11.44 3.82
N GLN B 29 -12.07 10.84 4.87
CA GLN B 29 -10.62 10.92 5.13
C GLN B 29 -10.05 9.49 5.24
N LEU B 30 -8.83 9.31 4.78
CA LEU B 30 -8.27 7.96 4.60
C LEU B 30 -7.50 7.50 5.85
N PRO B 31 -7.80 6.27 6.34
CA PRO B 31 -7.28 5.78 7.64
C PRO B 31 -5.81 5.33 7.57
N TYR B 32 -5.42 4.75 6.44
CA TYR B 32 -4.12 4.10 6.32
C TYR B 32 -3.12 5.04 5.63
N GLU B 33 -2.40 5.82 6.44
CA GLU B 33 -1.43 6.79 5.92
C GLU B 33 -0.02 6.18 5.88
N CYS B 34 0.74 6.49 4.83
CA CYS B 34 2.14 6.09 4.74
C CYS B 34 3.03 6.94 5.71
N PRO B 35 3.73 6.29 6.67
CA PRO B 35 4.44 6.96 7.74
C PRO B 35 5.92 7.24 7.40
N HIS B 36 6.35 6.94 6.16
CA HIS B 36 7.75 7.06 5.76
C HIS B 36 8.15 8.54 5.59
N GLU B 37 9.42 8.84 5.89
CA GLU B 37 9.94 10.21 5.79
C GLU B 37 9.91 10.71 4.34
N GLY B 38 9.29 11.88 4.13
CA GLY B 38 9.24 12.49 2.79
C GLY B 38 8.01 12.04 1.97
N CYS B 39 7.17 11.17 2.56
CA CYS B 39 5.96 10.66 1.90
C CYS B 39 4.69 11.14 2.66
N ASP B 40 3.58 11.26 1.93
CA ASP B 40 2.30 11.71 2.51
C ASP B 40 1.11 10.96 1.85
N LYS B 41 1.40 9.83 1.19
CA LYS B 41 0.36 9.00 0.55
C LYS B 41 -0.61 8.41 1.60
N ARG B 42 -1.88 8.24 1.23
CA ARG B 42 -2.90 7.62 2.11
C ARG B 42 -3.76 6.65 1.32
N PHE B 43 -4.24 5.61 2.00
CA PHE B 43 -4.90 4.49 1.34
C PHE B 43 -6.19 4.12 2.06
N SER B 44 -7.09 3.45 1.34
CA SER B 44 -8.40 3.09 1.86
C SER B 44 -8.34 1.80 2.66
N LEU B 45 -7.37 0.92 2.34
CA LEU B 45 -7.22 -0.38 3.03
C LEU B 45 -5.74 -0.59 3.43
N PRO B 46 -5.48 -1.45 4.45
CA PRO B 46 -4.13 -1.75 4.90
C PRO B 46 -3.33 -2.53 3.84
N SER B 47 -4.03 -3.29 3.01
CA SER B 47 -3.40 -4.04 1.90
C SER B 47 -2.72 -3.08 0.90
N ARG B 48 -3.41 -1.97 0.57
CA ARG B 48 -2.89 -0.97 -0.37
C ARG B 48 -1.68 -0.24 0.23
N LEU B 49 -1.74 0.07 1.54
CA LEU B 49 -0.63 0.71 2.25
C LEU B 49 0.59 -0.25 2.34
N LYS B 50 0.33 -1.51 2.74
CA LYS B 50 1.40 -2.52 2.87
C LYS B 50 2.12 -2.73 1.54
N ARG B 51 1.37 -2.69 0.43
CA ARG B 51 1.96 -2.80 -0.91
C ARG B 51 2.72 -1.51 -1.29
N HIS B 52 2.18 -0.37 -0.88
CA HIS B 52 2.85 0.94 -1.12
C HIS B 52 4.21 1.02 -0.39
N GLU B 53 4.30 0.39 0.78
CA GLU B 53 5.56 0.38 1.55
C GLU B 53 6.70 -0.24 0.74
N LYS B 54 6.36 -1.18 -0.16
CA LYS B 54 7.36 -1.84 -1.03
C LYS B 54 8.09 -0.80 -1.92
N VAL B 55 7.44 0.34 -2.20
CA VAL B 55 8.09 1.45 -2.94
C VAL B 55 9.30 1.99 -2.16
N HIS B 56 9.15 2.15 -0.83
CA HIS B 56 10.24 2.63 0.03
C HIS B 56 11.28 1.52 0.30
N ALA B 57 10.83 0.26 0.26
CA ALA B 57 11.73 -0.89 0.41
C ALA B 57 12.63 -1.07 -0.85
N GLY B 58 12.09 -0.64 -2.01
CA GLY B 58 12.85 -0.71 -3.27
C GLY B 58 12.68 -2.05 -3.98
N TYR B 59 13.23 -2.14 -5.19
CA TYR B 59 13.11 -3.33 -6.02
C TYR B 59 14.50 -3.83 -6.43
N PRO B 60 15.06 -4.78 -5.66
CA PRO B 60 16.40 -5.26 -5.88
C PRO B 60 16.48 -6.29 -7.01
N CYS B 61 17.52 -6.19 -7.83
CA CYS B 61 17.72 -7.10 -8.95
C CYS B 61 18.10 -8.50 -8.47
N LYS B 62 17.56 -9.51 -9.16
CA LYS B 62 17.91 -10.91 -8.90
C LYS B 62 17.96 -11.70 -10.23
N LYS B 63 17.95 -10.96 -11.36
CA LYS B 63 18.04 -11.58 -12.70
C LYS B 63 19.43 -12.23 -12.92
N ASP B 64 20.43 -11.76 -12.17
CA ASP B 64 21.78 -12.34 -12.21
C ASP B 64 22.47 -12.20 -10.83
N ASP B 65 23.27 -13.20 -10.48
CA ASP B 65 23.95 -13.24 -9.17
C ASP B 65 24.96 -12.08 -9.01
N SER B 66 25.51 -11.60 -10.15
CA SER B 66 26.53 -10.53 -10.14
C SER B 66 25.89 -9.14 -10.32
N CYS B 67 24.56 -9.06 -10.16
CA CYS B 67 23.84 -7.77 -10.17
C CYS B 67 23.61 -7.27 -8.71
N SER B 68 23.41 -5.96 -8.55
CA SER B 68 23.26 -5.35 -7.21
C SER B 68 22.38 -4.07 -7.26
N PHE B 69 21.77 -3.79 -8.42
CA PHE B 69 20.91 -2.62 -8.58
C PHE B 69 19.65 -2.74 -7.70
N VAL B 70 19.22 -1.61 -7.11
CA VAL B 70 17.92 -1.53 -6.43
C VAL B 70 17.11 -0.34 -6.95
N GLY B 71 15.93 -0.61 -7.47
CA GLY B 71 15.08 0.46 -8.03
C GLY B 71 14.24 1.14 -6.96
N LYS B 72 14.20 2.48 -6.99
CA LYS B 72 13.39 3.27 -6.04
C LYS B 72 11.88 3.06 -6.29
N THR B 73 11.52 2.52 -7.46
CA THR B 73 10.12 2.20 -7.80
C THR B 73 10.07 1.03 -8.77
N TRP B 74 8.88 0.42 -8.88
CA TRP B 74 8.69 -0.77 -9.71
C TRP B 74 9.09 -0.50 -11.18
N THR B 75 8.72 0.67 -11.70
CA THR B 75 9.07 1.06 -13.09
C THR B 75 10.59 1.03 -13.30
N LEU B 76 11.34 1.62 -12.36
CA LEU B 76 12.80 1.73 -12.51
C LEU B 76 13.46 0.34 -12.56
N TYR B 77 12.92 -0.62 -11.79
CA TYR B 77 13.41 -1.99 -11.83
C TYR B 77 13.08 -2.65 -13.17
N LEU B 78 11.81 -2.53 -13.59
CA LEU B 78 11.37 -3.10 -14.86
C LEU B 78 12.19 -2.52 -16.05
N LYS B 79 12.45 -1.22 -16.01
CA LYS B 79 13.28 -0.54 -17.05
C LYS B 79 14.73 -1.05 -17.00
N HIS B 80 15.28 -1.20 -15.79
CA HIS B 80 16.64 -1.76 -15.62
C HIS B 80 16.70 -3.20 -16.16
N VAL B 81 15.67 -3.99 -15.87
CA VAL B 81 15.58 -5.37 -16.37
C VAL B 81 15.51 -5.41 -17.89
N ALA B 82 14.69 -4.54 -18.47
CA ALA B 82 14.49 -4.50 -19.90
C ALA B 82 15.81 -4.15 -20.64
N GLU B 83 16.61 -3.26 -20.04
CA GLU B 83 17.83 -2.74 -20.68
C GLU B 83 19.08 -3.62 -20.36
N CYS B 84 19.03 -4.39 -19.25
CA CYS B 84 20.24 -5.07 -18.73
C CYS B 84 20.10 -6.62 -18.75
N HIS B 85 18.86 -7.14 -18.78
CA HIS B 85 18.62 -8.61 -18.75
C HIS B 85 17.63 -9.06 -19.85
N GLN B 86 17.24 -8.14 -20.74
CA GLN B 86 16.35 -8.47 -21.89
C GLN B 86 16.81 -7.74 -23.18
N ASP B 87 18.05 -7.22 -23.16
CA ASP B 87 18.64 -6.53 -24.34
C ASP B 87 20.17 -6.63 -24.30
N MET B 1 -18.60 -10.53 14.32
CA MET B 1 -19.08 -9.60 13.28
C MET B 1 -18.98 -8.14 13.76
N TYR B 2 -18.38 -7.28 12.94
CA TYR B 2 -18.15 -5.87 13.28
C TYR B 2 -19.07 -4.96 12.45
N VAL B 3 -19.87 -4.14 13.15
CA VAL B 3 -20.97 -3.37 12.52
C VAL B 3 -20.69 -1.87 12.51
N CYS B 4 -21.01 -1.22 11.39
CA CYS B 4 -20.98 0.24 11.28
C CYS B 4 -22.22 0.85 11.97
N HIS B 5 -21.98 1.80 12.87
CA HIS B 5 -23.06 2.44 13.63
C HIS B 5 -23.25 3.90 13.18
N PHE B 6 -22.85 4.21 11.94
CA PHE B 6 -23.17 5.51 11.33
C PHE B 6 -24.71 5.68 11.20
N GLU B 7 -25.17 6.93 11.19
CA GLU B 7 -26.61 7.22 11.24
C GLU B 7 -27.37 6.50 10.10
N ASN B 8 -28.25 5.55 10.48
CA ASN B 8 -29.15 4.84 9.53
C ASN B 8 -28.35 3.88 8.60
N CYS B 9 -27.09 3.58 8.96
CA CYS B 9 -26.23 2.71 8.16
C CYS B 9 -26.48 1.20 8.50
N GLY B 10 -25.88 0.75 9.63
CA GLY B 10 -26.14 -0.61 10.13
C GLY B 10 -25.46 -1.73 9.29
N LYS B 11 -24.50 -1.36 8.42
CA LYS B 11 -23.77 -2.34 7.59
C LYS B 11 -22.84 -3.20 8.47
N ALA B 12 -22.73 -4.49 8.13
CA ALA B 12 -21.98 -5.45 8.96
C ALA B 12 -20.86 -6.13 8.17
N PHE B 13 -19.69 -6.26 8.80
CA PHE B 13 -18.49 -6.80 8.15
C PHE B 13 -17.90 -7.95 8.95
N LYS B 14 -17.15 -8.82 8.27
CA LYS B 14 -16.51 -9.96 8.92
C LYS B 14 -15.51 -9.49 9.99
N LYS B 15 -14.69 -8.46 9.65
CA LYS B 15 -13.56 -8.04 10.52
C LYS B 15 -13.45 -6.51 10.58
N HIS B 16 -12.85 -5.99 11.66
CA HIS B 16 -12.86 -4.53 11.97
C HIS B 16 -12.14 -3.72 10.90
N ASN B 17 -11.14 -4.32 10.23
CA ASN B 17 -10.37 -3.60 9.19
C ASN B 17 -11.28 -3.22 8.01
N GLN B 18 -12.24 -4.09 7.67
CA GLN B 18 -13.22 -3.80 6.62
C GLN B 18 -14.25 -2.75 7.12
N LEU B 19 -14.60 -2.83 8.42
CA LEU B 19 -15.50 -1.85 9.03
C LEU B 19 -14.86 -0.43 8.99
N LYS B 20 -13.58 -0.35 9.38
CA LYS B 20 -12.83 0.92 9.32
C LYS B 20 -12.74 1.42 7.86
N VAL B 21 -12.55 0.48 6.92
CA VAL B 21 -12.54 0.81 5.48
C VAL B 21 -13.89 1.43 5.05
N HIS B 22 -14.98 0.87 5.56
CA HIS B 22 -16.31 1.34 5.20
C HIS B 22 -16.60 2.74 5.76
N GLN B 23 -16.25 2.97 7.04
CA GLN B 23 -16.53 4.25 7.71
C GLN B 23 -15.72 5.39 7.08
N PHE B 24 -14.52 5.07 6.58
CA PHE B 24 -13.68 6.07 5.88
C PHE B 24 -14.46 6.73 4.70
N SER B 25 -15.42 5.99 4.11
CA SER B 25 -16.26 6.54 3.02
C SER B 25 -17.25 7.61 3.55
N HIS B 26 -17.84 7.37 4.75
CA HIS B 26 -18.76 8.36 5.38
C HIS B 26 -17.99 9.61 5.84
N THR B 27 -16.76 9.39 6.33
CA THR B 27 -15.90 10.50 6.82
C THR B 27 -15.17 11.20 5.65
N GLN B 28 -15.09 10.50 4.51
CA GLN B 28 -14.37 10.97 3.32
C GLN B 28 -12.88 11.29 3.63
N GLN B 29 -12.30 10.57 4.60
CA GLN B 29 -10.83 10.62 4.85
C GLN B 29 -10.26 9.20 4.89
N LEU B 30 -8.95 9.07 4.63
CA LEU B 30 -8.32 7.76 4.43
C LEU B 30 -7.66 7.24 5.73
N PRO B 31 -7.94 5.97 6.10
CA PRO B 31 -7.54 5.42 7.42
C PRO B 31 -6.06 5.01 7.50
N TYR B 32 -5.55 4.46 6.40
CA TYR B 32 -4.22 3.85 6.40
C TYR B 32 -3.16 4.82 5.89
N GLU B 33 -2.49 5.51 6.82
CA GLU B 33 -1.48 6.53 6.46
C GLU B 33 -0.05 5.94 6.53
N CYS B 34 0.80 6.36 5.60
CA CYS B 34 2.21 5.97 5.60
C CYS B 34 3.01 6.77 6.69
N PRO B 35 3.65 6.05 7.65
CA PRO B 35 4.33 6.68 8.79
C PRO B 35 5.83 7.01 8.52
N HIS B 36 6.28 6.78 7.28
CA HIS B 36 7.70 6.97 6.93
C HIS B 36 8.13 8.44 7.10
N GLU B 37 9.38 8.65 7.55
CA GLU B 37 9.92 10.00 7.76
C GLU B 37 10.09 10.75 6.42
N GLY B 38 9.21 11.73 6.17
CA GLY B 38 9.26 12.52 4.92
C GLY B 38 8.11 12.18 3.96
N CYS B 39 7.26 11.22 4.35
CA CYS B 39 6.10 10.81 3.55
C CYS B 39 4.78 11.20 4.25
N ASP B 40 3.69 11.34 3.48
CA ASP B 40 2.40 11.78 4.01
C ASP B 40 1.21 11.17 3.22
N LYS B 41 1.49 10.15 2.38
CA LYS B 41 0.45 9.47 1.59
C LYS B 41 -0.51 8.69 2.52
N ARG B 42 -1.77 8.58 2.10
CA ARG B 42 -2.77 7.75 2.81
C ARG B 42 -3.54 6.87 1.82
N PHE B 43 -4.01 5.73 2.29
CA PHE B 43 -4.57 4.70 1.42
C PHE B 43 -5.88 4.16 1.97
N SER B 44 -6.62 3.47 1.11
CA SER B 44 -7.97 3.01 1.44
C SER B 44 -7.95 1.68 2.18
N LEU B 45 -6.88 0.89 1.98
CA LEU B 45 -6.78 -0.46 2.57
C LEU B 45 -5.37 -0.71 3.14
N PRO B 46 -5.25 -1.62 4.14
CA PRO B 46 -3.98 -1.93 4.77
C PRO B 46 -3.00 -2.61 3.81
N SER B 47 -3.54 -3.44 2.91
CA SER B 47 -2.74 -4.09 1.86
C SER B 47 -2.16 -3.04 0.89
N ARG B 48 -2.92 -1.97 0.64
CA ARG B 48 -2.49 -0.90 -0.28
C ARG B 48 -1.38 -0.05 0.36
N LEU B 49 -1.51 0.21 1.67
CA LEU B 49 -0.44 0.86 2.44
C LEU B 49 0.80 -0.05 2.54
N LYS B 50 0.58 -1.34 2.83
CA LYS B 50 1.68 -2.33 2.92
C LYS B 50 2.45 -2.40 1.59
N ARG B 51 1.73 -2.32 0.47
CA ARG B 51 2.35 -2.26 -0.86
C ARG B 51 3.09 -0.92 -1.06
N HIS B 52 2.51 0.18 -0.55
CA HIS B 52 3.16 1.49 -0.61
C HIS B 52 4.49 1.49 0.20
N GLU B 53 4.49 0.81 1.35
CA GLU B 53 5.72 0.70 2.17
C GLU B 53 6.86 0.05 1.37
N LYS B 54 6.50 -0.85 0.44
CA LYS B 54 7.49 -1.49 -0.44
C LYS B 54 8.25 -0.44 -1.29
N VAL B 55 7.62 0.73 -1.52
CA VAL B 55 8.29 1.84 -2.24
C VAL B 55 9.52 2.32 -1.45
N HIS B 56 9.38 2.42 -0.13
CA HIS B 56 10.49 2.85 0.74
C HIS B 56 11.49 1.70 0.96
N ALA B 57 11.01 0.45 0.93
CA ALA B 57 11.87 -0.73 1.08
C ALA B 57 12.74 -0.93 -0.19
N GLY B 58 12.23 -0.50 -1.35
CA GLY B 58 12.97 -0.62 -2.62
C GLY B 58 12.61 -1.91 -3.38
N TYR B 59 13.04 -1.98 -4.64
CA TYR B 59 12.79 -3.13 -5.51
C TYR B 59 14.11 -3.71 -6.04
N PRO B 60 14.65 -4.74 -5.36
CA PRO B 60 15.97 -5.27 -5.67
C PRO B 60 15.95 -6.23 -6.85
N CYS B 61 17.01 -6.20 -7.64
CA CYS B 61 17.16 -7.09 -8.79
C CYS B 61 17.42 -8.53 -8.35
N LYS B 62 16.79 -9.48 -9.05
CA LYS B 62 17.01 -10.92 -8.83
C LYS B 62 17.11 -11.65 -10.17
N LYS B 63 17.24 -10.89 -11.28
CA LYS B 63 17.38 -11.47 -12.63
C LYS B 63 18.73 -12.19 -12.79
N ASP B 64 19.71 -11.82 -11.95
CA ASP B 64 21.04 -12.47 -11.97
C ASP B 64 21.67 -12.44 -10.56
N ASP B 65 22.39 -13.51 -10.22
CA ASP B 65 22.99 -13.65 -8.88
C ASP B 65 24.07 -12.57 -8.63
N SER B 66 24.71 -12.10 -9.71
CA SER B 66 25.81 -11.11 -9.60
C SER B 66 25.29 -9.67 -9.86
N CYS B 67 23.96 -9.48 -9.78
CA CYS B 67 23.37 -8.13 -9.83
C CYS B 67 23.25 -7.55 -8.40
N SER B 68 23.08 -6.23 -8.31
CA SER B 68 23.05 -5.54 -6.99
C SER B 68 22.14 -4.27 -7.02
N PHE B 69 21.52 -4.00 -8.16
CA PHE B 69 20.66 -2.81 -8.32
C PHE B 69 19.43 -2.91 -7.42
N VAL B 70 19.09 -1.79 -6.75
CA VAL B 70 17.81 -1.65 -6.03
C VAL B 70 17.09 -0.37 -6.46
N GLY B 71 15.87 -0.53 -6.99
CA GLY B 71 15.11 0.62 -7.50
C GLY B 71 14.31 1.30 -6.40
N LYS B 72 14.25 2.64 -6.46
CA LYS B 72 13.43 3.43 -5.51
C LYS B 72 11.92 3.19 -5.73
N THR B 73 11.56 2.72 -6.94
CA THR B 73 10.15 2.42 -7.26
C THR B 73 10.06 1.23 -8.23
N TRP B 74 8.88 0.62 -8.29
CA TRP B 74 8.67 -0.59 -9.09
C TRP B 74 9.02 -0.37 -10.56
N THR B 75 8.65 0.81 -11.10
CA THR B 75 8.97 1.18 -12.49
C THR B 75 10.48 1.12 -12.74
N LEU B 76 11.26 1.68 -11.82
CA LEU B 76 12.72 1.77 -11.99
C LEU B 76 13.37 0.38 -12.06
N TYR B 77 12.80 -0.59 -11.32
CA TYR B 77 13.29 -1.97 -11.37
C TYR B 77 12.90 -2.62 -12.70
N LEU B 78 11.64 -2.49 -13.09
CA LEU B 78 11.15 -3.04 -14.36
C LEU B 78 11.93 -2.42 -15.57
N LYS B 79 12.19 -1.11 -15.48
CA LYS B 79 13.00 -0.40 -16.49
C LYS B 79 14.46 -0.91 -16.50
N HIS B 80 15.03 -1.12 -15.31
CA HIS B 80 16.38 -1.67 -15.18
C HIS B 80 16.48 -3.07 -15.80
N VAL B 81 15.43 -3.88 -15.58
CA VAL B 81 15.37 -5.25 -16.12
C VAL B 81 15.39 -5.22 -17.65
N ALA B 82 14.60 -4.33 -18.25
CA ALA B 82 14.51 -4.24 -19.69
C ALA B 82 15.86 -3.79 -20.30
N GLU B 83 16.63 -2.99 -19.55
CA GLU B 83 17.88 -2.41 -20.06
C GLU B 83 19.10 -3.34 -19.78
N CYS B 84 19.02 -4.15 -18.70
CA CYS B 84 20.20 -4.90 -18.22
C CYS B 84 20.02 -6.44 -18.36
N HIS B 85 18.78 -6.90 -18.54
CA HIS B 85 18.49 -8.35 -18.64
C HIS B 85 17.51 -8.65 -19.81
N GLN B 86 17.48 -7.78 -20.82
CA GLN B 86 16.69 -8.02 -22.04
C GLN B 86 17.37 -7.36 -23.27
N ASP B 87 17.61 -6.04 -23.19
CA ASP B 87 18.29 -5.30 -24.27
C ASP B 87 19.77 -5.77 -24.41
N MET B 1 -18.45 -10.39 14.72
CA MET B 1 -18.96 -9.44 13.74
C MET B 1 -18.86 -7.99 14.27
N TYR B 2 -18.26 -7.11 13.47
CA TYR B 2 -18.00 -5.71 13.86
C TYR B 2 -18.93 -4.77 13.08
N VAL B 3 -19.70 -3.96 13.82
CA VAL B 3 -20.81 -3.16 13.22
C VAL B 3 -20.50 -1.65 13.25
N CYS B 4 -20.83 -0.97 12.14
CA CYS B 4 -20.78 0.49 12.08
C CYS B 4 -21.99 1.10 12.80
N HIS B 5 -21.71 2.04 13.71
CA HIS B 5 -22.75 2.68 14.51
C HIS B 5 -22.94 4.16 14.10
N PHE B 6 -22.56 4.48 12.85
CA PHE B 6 -22.86 5.79 12.27
C PHE B 6 -24.39 5.99 12.17
N GLU B 7 -24.82 7.26 12.17
CA GLU B 7 -26.26 7.57 12.28
C GLU B 7 -27.07 6.88 11.15
N ASN B 8 -27.95 5.95 11.54
CA ASN B 8 -28.88 5.26 10.60
C ASN B 8 -28.13 4.30 9.63
N CYS B 9 -26.86 3.97 9.98
CA CYS B 9 -26.04 3.09 9.12
C CYS B 9 -26.31 1.60 9.45
N GLY B 10 -25.72 1.10 10.55
CA GLY B 10 -26.00 -0.26 11.04
C GLY B 10 -25.35 -1.38 10.16
N LYS B 11 -24.41 -1.00 9.28
CA LYS B 11 -23.72 -1.98 8.41
C LYS B 11 -22.77 -2.87 9.24
N ALA B 12 -22.68 -4.16 8.88
CA ALA B 12 -21.93 -5.15 9.67
C ALA B 12 -20.82 -5.83 8.83
N PHE B 13 -19.63 -5.97 9.43
CA PHE B 13 -18.45 -6.50 8.72
C PHE B 13 -17.84 -7.68 9.46
N LYS B 14 -17.13 -8.52 8.71
CA LYS B 14 -16.45 -9.68 9.27
C LYS B 14 -15.34 -9.26 10.26
N LYS B 15 -14.60 -8.20 9.92
CA LYS B 15 -13.42 -7.79 10.69
C LYS B 15 -13.42 -6.28 10.92
N HIS B 16 -12.87 -5.85 12.08
CA HIS B 16 -12.85 -4.42 12.45
C HIS B 16 -12.07 -3.58 11.45
N ASN B 17 -11.09 -4.19 10.78
CA ASN B 17 -10.32 -3.48 9.74
C ASN B 17 -11.24 -3.10 8.54
N GLN B 18 -12.22 -3.96 8.23
CA GLN B 18 -13.23 -3.65 7.19
C GLN B 18 -14.22 -2.58 7.71
N LEU B 19 -14.58 -2.66 9.01
CA LEU B 19 -15.43 -1.65 9.65
C LEU B 19 -14.73 -0.27 9.61
N LYS B 20 -13.45 -0.24 10.00
CA LYS B 20 -12.63 0.99 9.92
C LYS B 20 -12.57 1.52 8.48
N VAL B 21 -12.44 0.61 7.51
CA VAL B 21 -12.46 0.96 6.08
C VAL B 21 -13.79 1.63 5.70
N HIS B 22 -14.90 1.11 6.22
CA HIS B 22 -16.21 1.61 5.89
C HIS B 22 -16.44 3.02 6.49
N GLN B 23 -16.05 3.21 7.77
CA GLN B 23 -16.27 4.49 8.46
C GLN B 23 -15.45 5.62 7.84
N PHE B 24 -14.27 5.27 7.30
CA PHE B 24 -13.43 6.24 6.58
C PHE B 24 -14.22 6.92 5.43
N SER B 25 -15.21 6.20 4.87
CA SER B 25 -16.09 6.76 3.84
C SER B 25 -17.00 7.87 4.41
N HIS B 26 -17.64 7.61 5.56
CA HIS B 26 -18.51 8.61 6.23
C HIS B 26 -17.71 9.84 6.67
N THR B 27 -16.46 9.60 7.12
CA THR B 27 -15.58 10.69 7.59
C THR B 27 -14.87 11.38 6.40
N GLN B 28 -14.86 10.70 5.26
CA GLN B 28 -14.15 11.17 4.05
C GLN B 28 -12.64 11.45 4.32
N GLN B 29 -12.05 10.71 5.26
CA GLN B 29 -10.57 10.73 5.46
C GLN B 29 -10.03 9.29 5.48
N LEU B 30 -8.74 9.14 5.16
CA LEU B 30 -8.15 7.80 4.94
C LEU B 30 -7.46 7.27 6.22
N PRO B 31 -7.73 6.00 6.59
CA PRO B 31 -7.28 5.45 7.88
C PRO B 31 -5.81 5.03 7.88
N TYR B 32 -5.34 4.50 6.75
CA TYR B 32 -4.02 3.87 6.68
C TYR B 32 -2.99 4.84 6.08
N GLU B 33 -2.28 5.56 6.95
CA GLU B 33 -1.28 6.55 6.51
C GLU B 33 0.14 5.94 6.53
N CYS B 34 0.94 6.27 5.51
CA CYS B 34 2.34 5.85 5.44
C CYS B 34 3.21 6.69 6.45
N PRO B 35 3.88 6.00 7.40
CA PRO B 35 4.58 6.67 8.52
C PRO B 35 6.07 6.98 8.21
N HIS B 36 6.51 6.71 6.98
CA HIS B 36 7.92 6.91 6.60
C HIS B 36 8.28 8.41 6.54
N GLU B 37 9.53 8.72 6.88
CA GLU B 37 10.01 10.10 6.87
C GLU B 37 10.01 10.67 5.43
N GLY B 38 9.39 11.84 5.26
CA GLY B 38 9.34 12.50 3.94
C GLY B 38 8.13 12.04 3.08
N CYS B 39 7.32 11.13 3.65
CA CYS B 39 6.12 10.63 2.96
C CYS B 39 4.83 11.09 3.68
N ASP B 40 3.76 11.27 2.90
CA ASP B 40 2.46 11.74 3.44
C ASP B 40 1.28 11.01 2.76
N LYS B 41 1.59 9.92 2.03
CA LYS B 41 0.56 9.13 1.33
C LYS B 41 -0.38 8.43 2.33
N ARG B 42 -1.67 8.31 1.94
CA ARG B 42 -2.66 7.57 2.75
C ARG B 42 -3.48 6.65 1.87
N PHE B 43 -3.98 5.57 2.45
CA PHE B 43 -4.60 4.49 1.68
C PHE B 43 -5.91 4.05 2.31
N SER B 44 -6.76 3.44 1.52
CA SER B 44 -8.09 3.04 1.95
C SER B 44 -8.05 1.71 2.70
N LEU B 45 -7.06 0.87 2.39
CA LEU B 45 -6.95 -0.48 3.01
C LEU B 45 -5.53 -0.71 3.56
N PRO B 46 -5.38 -1.60 4.55
CA PRO B 46 -4.08 -1.93 5.14
C PRO B 46 -3.17 -2.66 4.14
N SER B 47 -3.78 -3.51 3.29
CA SER B 47 -3.03 -4.21 2.23
C SER B 47 -2.42 -3.22 1.23
N ARG B 48 -3.13 -2.11 0.98
CA ARG B 48 -2.65 -1.07 0.04
C ARG B 48 -1.49 -0.27 0.64
N LEU B 49 -1.57 0.00 1.96
CA LEU B 49 -0.48 0.65 2.69
C LEU B 49 0.76 -0.28 2.75
N LYS B 50 0.53 -1.56 3.10
CA LYS B 50 1.61 -2.57 3.16
C LYS B 50 2.29 -2.73 1.78
N ARG B 51 1.48 -2.67 0.72
CA ARG B 51 2.00 -2.74 -0.66
C ARG B 51 2.78 -1.46 -1.02
N HIS B 52 2.26 -0.31 -0.59
CA HIS B 52 2.96 0.98 -0.76
C HIS B 52 4.32 0.97 -0.02
N GLU B 53 4.39 0.25 1.11
CA GLU B 53 5.62 0.18 1.90
C GLU B 53 6.78 -0.38 1.06
N LYS B 54 6.47 -1.27 0.10
CA LYS B 54 7.49 -1.84 -0.80
C LYS B 54 8.22 -0.74 -1.60
N VAL B 55 7.55 0.41 -1.81
CA VAL B 55 8.17 1.57 -2.49
C VAL B 55 9.39 2.08 -1.69
N HIS B 56 9.24 2.12 -0.36
CA HIS B 56 10.33 2.55 0.52
C HIS B 56 11.39 1.43 0.70
N ALA B 57 10.92 0.17 0.68
CA ALA B 57 11.83 -0.99 0.78
C ALA B 57 12.67 -1.14 -0.52
N GLY B 58 12.10 -0.71 -1.66
CA GLY B 58 12.80 -0.78 -2.95
C GLY B 58 12.56 -2.13 -3.66
N TYR B 59 13.06 -2.21 -4.89
CA TYR B 59 12.89 -3.40 -5.73
C TYR B 59 14.27 -3.93 -6.18
N PRO B 60 14.82 -4.90 -5.44
CA PRO B 60 16.17 -5.39 -5.70
C PRO B 60 16.22 -6.39 -6.86
N CYS B 61 17.27 -6.31 -7.65
CA CYS B 61 17.47 -7.20 -8.79
C CYS B 61 17.82 -8.61 -8.32
N LYS B 62 17.25 -9.61 -9.01
CA LYS B 62 17.55 -11.02 -8.77
C LYS B 62 17.65 -11.79 -10.11
N LYS B 63 17.69 -11.04 -11.22
CA LYS B 63 17.80 -11.64 -12.57
C LYS B 63 19.19 -12.28 -12.78
N ASP B 64 20.18 -11.84 -11.98
CA ASP B 64 21.54 -12.40 -12.04
C ASP B 64 22.23 -12.29 -10.67
N ASP B 65 23.06 -13.29 -10.34
CA ASP B 65 23.71 -13.38 -9.01
C ASP B 65 24.71 -12.21 -8.80
N SER B 66 25.27 -11.68 -9.89
CA SER B 66 26.28 -10.61 -9.83
C SER B 66 25.63 -9.22 -10.09
N CYS B 67 24.30 -9.14 -9.93
CA CYS B 67 23.57 -7.87 -10.05
C CYS B 67 22.97 -7.47 -8.68
N SER B 68 23.20 -6.22 -8.28
CA SER B 68 22.84 -5.75 -6.91
C SER B 68 22.06 -4.41 -6.96
N PHE B 69 21.56 -4.05 -8.14
CA PHE B 69 20.73 -2.83 -8.30
C PHE B 69 19.46 -2.93 -7.44
N VAL B 70 19.06 -1.80 -6.85
CA VAL B 70 17.74 -1.69 -6.17
C VAL B 70 16.98 -0.48 -6.67
N GLY B 71 15.78 -0.71 -7.20
CA GLY B 71 14.94 0.37 -7.73
C GLY B 71 14.12 1.05 -6.66
N LYS B 72 14.11 2.39 -6.65
CA LYS B 72 13.33 3.17 -5.66
C LYS B 72 11.80 2.98 -5.89
N THR B 73 11.43 2.45 -7.06
CA THR B 73 10.02 2.15 -7.38
C THR B 73 9.93 0.98 -8.35
N TRP B 74 8.74 0.37 -8.42
CA TRP B 74 8.52 -0.81 -9.25
C TRP B 74 8.88 -0.54 -10.73
N THR B 75 8.53 0.66 -11.23
CA THR B 75 8.86 1.05 -12.61
C THR B 75 10.37 1.01 -12.86
N LEU B 76 11.16 1.56 -11.93
CA LEU B 76 12.62 1.65 -12.09
C LEU B 76 13.26 0.26 -12.17
N TYR B 77 12.71 -0.70 -11.41
CA TYR B 77 13.18 -2.08 -11.48
C TYR B 77 12.81 -2.72 -12.81
N LEU B 78 11.54 -2.56 -13.22
CA LEU B 78 11.07 -3.12 -14.49
C LEU B 78 11.86 -2.53 -15.69
N LYS B 79 12.13 -1.22 -15.63
CA LYS B 79 12.94 -0.53 -16.65
C LYS B 79 14.37 -1.07 -16.67
N HIS B 80 14.95 -1.25 -15.48
CA HIS B 80 16.30 -1.81 -15.34
C HIS B 80 16.35 -3.24 -15.90
N VAL B 81 15.32 -4.04 -15.61
CA VAL B 81 15.22 -5.42 -16.10
C VAL B 81 15.14 -5.45 -17.61
N ALA B 82 14.30 -4.59 -18.19
CA ALA B 82 14.11 -4.56 -19.62
C ALA B 82 15.42 -4.11 -20.34
N GLU B 83 16.19 -3.25 -19.66
CA GLU B 83 17.39 -2.64 -20.25
C GLU B 83 18.66 -3.52 -20.04
N CYS B 84 18.65 -4.39 -19.00
CA CYS B 84 19.88 -5.11 -18.57
C CYS B 84 19.71 -6.65 -18.60
N HIS B 85 18.47 -7.14 -18.61
CA HIS B 85 18.20 -8.61 -18.60
C HIS B 85 17.10 -9.00 -19.63
N GLN B 86 16.82 -8.09 -20.58
CA GLN B 86 15.81 -8.35 -21.62
C GLN B 86 16.17 -7.59 -22.92
N ASP B 87 15.36 -7.80 -23.97
CA ASP B 87 15.58 -7.14 -25.27
C ASP B 87 14.25 -6.99 -26.04
N MET B 1 -18.55 -10.37 14.87
CA MET B 1 -19.14 -9.38 13.95
C MET B 1 -18.98 -7.95 14.52
N TYR B 2 -18.44 -7.05 13.69
CA TYR B 2 -18.16 -5.67 14.11
C TYR B 2 -19.12 -4.69 13.42
N VAL B 3 -19.87 -3.92 14.22
CA VAL B 3 -21.01 -3.10 13.71
C VAL B 3 -20.68 -1.60 13.77
N CYS B 4 -21.07 -0.87 12.71
CA CYS B 4 -21.00 0.58 12.68
C CYS B 4 -22.18 1.19 13.46
N HIS B 5 -21.87 2.09 14.39
CA HIS B 5 -22.88 2.72 15.25
C HIS B 5 -23.05 4.21 14.89
N PHE B 6 -22.69 4.58 13.64
CA PHE B 6 -22.99 5.92 13.11
C PHE B 6 -24.52 6.14 13.08
N GLU B 7 -24.93 7.41 13.12
CA GLU B 7 -26.36 7.76 13.27
C GLU B 7 -27.21 7.10 12.15
N ASN B 8 -28.11 6.18 12.56
CA ASN B 8 -29.08 5.53 11.64
C ASN B 8 -28.38 4.56 10.64
N CYS B 9 -27.11 4.21 10.93
CA CYS B 9 -26.32 3.33 10.05
C CYS B 9 -26.60 1.83 10.34
N GLY B 10 -26.00 1.30 11.42
CA GLY B 10 -26.28 -0.08 11.87
C GLY B 10 -25.71 -1.17 10.93
N LYS B 11 -24.79 -0.77 10.02
CA LYS B 11 -24.14 -1.75 9.09
C LYS B 11 -23.18 -2.67 9.85
N ALA B 12 -23.10 -3.94 9.42
CA ALA B 12 -22.30 -4.96 10.14
C ALA B 12 -21.25 -5.60 9.23
N PHE B 13 -20.04 -5.76 9.76
CA PHE B 13 -18.89 -6.26 9.01
C PHE B 13 -18.25 -7.46 9.70
N LYS B 14 -17.50 -8.24 8.92
CA LYS B 14 -16.80 -9.42 9.45
C LYS B 14 -15.79 -9.04 10.53
N LYS B 15 -14.98 -8.01 10.25
CA LYS B 15 -13.83 -7.66 11.12
C LYS B 15 -13.75 -6.14 11.32
N HIS B 16 -13.10 -5.72 12.42
CA HIS B 16 -13.02 -4.29 12.78
C HIS B 16 -12.33 -3.47 11.69
N ASN B 17 -11.42 -4.10 10.93
CA ASN B 17 -10.72 -3.40 9.83
C ASN B 17 -11.71 -2.97 8.73
N GLN B 18 -12.73 -3.82 8.47
CA GLN B 18 -13.78 -3.49 7.50
C GLN B 18 -14.74 -2.43 8.08
N LEU B 19 -15.02 -2.51 9.39
CA LEU B 19 -15.80 -1.49 10.09
C LEU B 19 -15.08 -0.13 10.03
N LYS B 20 -13.79 -0.14 10.34
CA LYS B 20 -12.94 1.07 10.27
C LYS B 20 -12.91 1.62 8.82
N VAL B 21 -12.89 0.71 7.84
CA VAL B 21 -12.96 1.09 6.41
C VAL B 21 -14.29 1.80 6.11
N HIS B 22 -15.38 1.29 6.66
CA HIS B 22 -16.70 1.84 6.40
C HIS B 22 -16.86 3.25 7.04
N GLN B 23 -16.42 3.39 8.29
CA GLN B 23 -16.57 4.66 9.01
C GLN B 23 -15.73 5.77 8.36
N PHE B 24 -14.58 5.39 7.78
CA PHE B 24 -13.76 6.34 7.02
C PHE B 24 -14.58 7.04 5.91
N SER B 25 -15.62 6.35 5.39
CA SER B 25 -16.52 6.95 4.40
C SER B 25 -17.40 8.06 5.02
N HIS B 26 -17.98 7.79 6.21
CA HIS B 26 -18.80 8.80 6.92
C HIS B 26 -17.94 10.01 7.35
N THR B 27 -16.68 9.76 7.72
CA THR B 27 -15.76 10.82 8.17
C THR B 27 -15.09 11.51 6.97
N GLN B 28 -15.10 10.83 5.82
CA GLN B 28 -14.43 11.30 4.59
C GLN B 28 -12.90 11.56 4.83
N GLN B 29 -12.29 10.76 5.73
CA GLN B 29 -10.82 10.74 5.88
C GLN B 29 -10.30 9.28 5.87
N LEU B 30 -9.03 9.11 5.51
CA LEU B 30 -8.47 7.77 5.26
C LEU B 30 -7.77 7.21 6.53
N PRO B 31 -8.09 5.93 6.91
CA PRO B 31 -7.65 5.36 8.19
C PRO B 31 -6.19 4.89 8.18
N TYR B 32 -5.74 4.36 7.05
CA TYR B 32 -4.45 3.68 6.97
C TYR B 32 -3.40 4.59 6.34
N GLU B 33 -2.65 5.30 7.19
CA GLU B 33 -1.64 6.26 6.70
C GLU B 33 -0.23 5.64 6.78
N CYS B 34 0.60 5.94 5.77
CA CYS B 34 1.99 5.50 5.75
C CYS B 34 2.84 6.35 6.76
N PRO B 35 3.48 5.67 7.75
CA PRO B 35 4.19 6.35 8.84
C PRO B 35 5.69 6.60 8.53
N HIS B 36 6.13 6.30 7.31
CA HIS B 36 7.55 6.43 6.93
C HIS B 36 7.98 7.91 6.89
N GLU B 37 9.27 8.16 7.13
CA GLU B 37 9.80 9.53 7.13
C GLU B 37 9.76 10.14 5.71
N GLY B 38 9.23 11.37 5.61
CA GLY B 38 9.15 12.07 4.32
C GLY B 38 7.93 11.62 3.46
N CYS B 39 7.12 10.71 4.02
CA CYS B 39 5.93 10.20 3.33
C CYS B 39 4.64 10.63 4.08
N ASP B 40 3.54 10.79 3.33
CA ASP B 40 2.26 11.22 3.90
C ASP B 40 1.05 10.60 3.14
N LYS B 41 1.32 9.56 2.32
CA LYS B 41 0.27 8.83 1.60
C LYS B 41 -0.69 8.15 2.60
N ARG B 42 -1.98 8.07 2.23
CA ARG B 42 -2.99 7.34 3.03
C ARG B 42 -3.86 6.46 2.14
N PHE B 43 -4.38 5.39 2.71
CA PHE B 43 -5.04 4.34 1.95
C PHE B 43 -6.35 3.94 2.61
N SER B 44 -7.22 3.35 1.80
CA SER B 44 -8.56 2.99 2.25
C SER B 44 -8.57 1.67 3.00
N LEU B 45 -7.62 0.78 2.67
CA LEU B 45 -7.54 -0.56 3.30
C LEU B 45 -6.11 -0.84 3.83
N PRO B 46 -5.99 -1.74 4.83
CA PRO B 46 -4.69 -2.11 5.39
C PRO B 46 -3.82 -2.86 4.38
N SER B 47 -4.47 -3.67 3.53
CA SER B 47 -3.77 -4.40 2.44
C SER B 47 -3.12 -3.41 1.46
N ARG B 48 -3.79 -2.28 1.21
CA ARG B 48 -3.28 -1.25 0.28
C ARG B 48 -2.09 -0.48 0.89
N LEU B 49 -2.15 -0.24 2.20
CA LEU B 49 -1.01 0.34 2.94
C LEU B 49 0.17 -0.65 2.99
N LYS B 50 -0.13 -1.92 3.30
CA LYS B 50 0.91 -2.99 3.34
C LYS B 50 1.61 -3.11 1.98
N ARG B 51 0.84 -2.99 0.88
CA ARG B 51 1.40 -3.04 -0.49
C ARG B 51 2.22 -1.77 -0.78
N HIS B 52 1.74 -0.61 -0.33
CA HIS B 52 2.48 0.65 -0.43
C HIS B 52 3.84 0.56 0.30
N GLU B 53 3.88 -0.20 1.40
CA GLU B 53 5.10 -0.35 2.19
C GLU B 53 6.25 -0.93 1.34
N LYS B 54 5.91 -1.76 0.33
CA LYS B 54 6.90 -2.35 -0.58
C LYS B 54 7.70 -1.26 -1.33
N VAL B 55 7.09 -0.07 -1.50
CA VAL B 55 7.77 1.09 -2.12
C VAL B 55 8.99 1.50 -1.27
N HIS B 56 8.82 1.55 0.05
CA HIS B 56 9.91 1.92 0.97
C HIS B 56 10.90 0.76 1.15
N ALA B 57 10.41 -0.49 1.04
CA ALA B 57 11.27 -1.68 1.12
C ALA B 57 12.15 -1.80 -0.15
N GLY B 58 11.67 -1.24 -1.27
CA GLY B 58 12.42 -1.25 -2.53
C GLY B 58 12.24 -2.56 -3.30
N TYR B 59 12.79 -2.59 -4.51
CA TYR B 59 12.67 -3.74 -5.39
C TYR B 59 14.05 -4.24 -5.81
N PRO B 60 14.59 -5.24 -5.10
CA PRO B 60 15.94 -5.71 -5.31
C PRO B 60 16.03 -6.67 -6.50
N CYS B 61 17.13 -6.56 -7.25
CA CYS B 61 17.37 -7.41 -8.41
C CYS B 61 17.72 -8.84 -7.98
N LYS B 62 17.17 -9.82 -8.70
CA LYS B 62 17.49 -11.24 -8.50
C LYS B 62 17.62 -11.96 -9.85
N LYS B 63 17.66 -11.17 -10.95
CA LYS B 63 17.81 -11.73 -12.31
C LYS B 63 19.20 -12.35 -12.50
N ASP B 64 20.17 -11.93 -11.68
CA ASP B 64 21.54 -12.47 -11.74
C ASP B 64 22.20 -12.41 -10.33
N ASP B 65 23.00 -13.43 -10.01
CA ASP B 65 23.60 -13.55 -8.66
C ASP B 65 24.62 -12.42 -8.39
N SER B 66 25.18 -11.83 -9.47
CA SER B 66 26.19 -10.75 -9.34
C SER B 66 25.55 -9.37 -9.60
N CYS B 67 24.23 -9.28 -9.42
CA CYS B 67 23.51 -8.00 -9.51
C CYS B 67 22.88 -7.64 -8.14
N SER B 68 23.09 -6.38 -7.71
CA SER B 68 22.70 -5.95 -6.33
C SER B 68 21.91 -4.62 -6.37
N PHE B 69 21.41 -4.24 -7.55
CA PHE B 69 20.57 -3.04 -7.70
C PHE B 69 19.28 -3.17 -6.88
N VAL B 70 18.85 -2.05 -6.26
CA VAL B 70 17.53 -1.98 -5.61
C VAL B 70 16.77 -0.75 -6.10
N GLY B 71 15.58 -0.98 -6.67
CA GLY B 71 14.76 0.13 -7.18
C GLY B 71 13.91 0.76 -6.09
N LYS B 72 13.89 2.10 -6.03
CA LYS B 72 13.08 2.84 -5.04
C LYS B 72 11.56 2.68 -5.33
N THR B 73 11.24 2.19 -6.53
CA THR B 73 9.83 1.89 -6.90
C THR B 73 9.78 0.75 -7.91
N TRP B 74 8.60 0.14 -8.04
CA TRP B 74 8.44 -1.02 -8.92
C TRP B 74 8.83 -0.70 -10.38
N THR B 75 8.48 0.50 -10.85
CA THR B 75 8.85 0.94 -12.21
C THR B 75 10.36 0.92 -12.41
N LEU B 76 11.11 1.46 -11.44
CA LEU B 76 12.57 1.58 -11.57
C LEU B 76 13.24 0.19 -11.68
N TYR B 77 12.68 -0.79 -10.97
CA TYR B 77 13.18 -2.16 -11.07
C TYR B 77 12.84 -2.77 -12.44
N LEU B 78 11.60 -2.62 -12.87
CA LEU B 78 11.17 -3.13 -14.18
C LEU B 78 11.99 -2.48 -15.32
N LYS B 79 12.23 -1.17 -15.20
CA LYS B 79 13.05 -0.43 -16.18
C LYS B 79 14.50 -0.94 -16.18
N HIS B 80 15.05 -1.17 -14.99
CA HIS B 80 16.41 -1.73 -14.85
C HIS B 80 16.48 -3.15 -15.46
N VAL B 81 15.45 -3.96 -15.21
CA VAL B 81 15.39 -5.33 -15.74
C VAL B 81 15.36 -5.33 -17.26
N ALA B 82 14.53 -4.45 -17.83
CA ALA B 82 14.38 -4.39 -19.28
C ALA B 82 15.71 -3.99 -19.96
N GLU B 83 16.52 -3.16 -19.28
CA GLU B 83 17.76 -2.62 -19.84
C GLU B 83 18.98 -3.55 -19.56
N CYS B 84 18.93 -4.30 -18.44
CA CYS B 84 20.12 -5.04 -17.96
C CYS B 84 19.95 -6.59 -18.08
N HIS B 85 18.71 -7.08 -18.19
CA HIS B 85 18.45 -8.54 -18.20
C HIS B 85 17.44 -8.93 -19.31
N GLN B 86 17.20 -8.04 -20.28
CA GLN B 86 16.33 -8.35 -21.45
C GLN B 86 16.91 -7.73 -22.74
N ASP B 87 17.21 -6.43 -22.72
CA ASP B 87 17.78 -5.72 -23.88
C ASP B 87 18.65 -4.54 -23.43
#